data_2BMD
# 
_entry.id   2BMD 
# 
_audit_conform.dict_name       mmcif_pdbx.dic 
_audit_conform.dict_version    5.391 
_audit_conform.dict_location   http://mmcif.pdb.org/dictionaries/ascii/mmcif_pdbx.dic 
# 
loop_
_database_2.database_id 
_database_2.database_code 
_database_2.pdbx_database_accession 
_database_2.pdbx_DOI 
PDB   2BMD         pdb_00002bmd 10.2210/pdb2bmd/pdb 
PDBE  EBI-23276    ?            ?                   
WWPDB D_1290023276 ?            ?                   
# 
loop_
_pdbx_audit_revision_history.ordinal 
_pdbx_audit_revision_history.data_content_type 
_pdbx_audit_revision_history.major_revision 
_pdbx_audit_revision_history.minor_revision 
_pdbx_audit_revision_history.revision_date 
1 'Structure model' 1 0 2005-04-25 
2 'Structure model' 1 1 2011-05-08 
3 'Structure model' 1 2 2011-07-13 
4 'Structure model' 1 3 2019-05-08 
5 'Structure model' 1 4 2019-05-22 
6 'Structure model' 1 5 2024-05-08 
# 
_pdbx_audit_revision_details.ordinal             1 
_pdbx_audit_revision_details.revision_ordinal    1 
_pdbx_audit_revision_details.data_content_type   'Structure model' 
_pdbx_audit_revision_details.provider            repository 
_pdbx_audit_revision_details.type                'Initial release' 
_pdbx_audit_revision_details.description         ? 
_pdbx_audit_revision_details.details             ? 
# 
loop_
_pdbx_audit_revision_group.ordinal 
_pdbx_audit_revision_group.revision_ordinal 
_pdbx_audit_revision_group.data_content_type 
_pdbx_audit_revision_group.group 
1  2 'Structure model' 'Version format compliance' 
2  3 'Structure model' 'Version format compliance' 
3  4 'Structure model' 'Data collection'           
4  4 'Structure model' 'Experimental preparation'  
5  4 'Structure model' Other                       
6  5 'Structure model' 'Data collection'           
7  5 'Structure model' 'Experimental preparation'  
8  6 'Structure model' 'Data collection'           
9  6 'Structure model' 'Database references'       
10 6 'Structure model' Other                       
# 
loop_
_pdbx_audit_revision_category.ordinal 
_pdbx_audit_revision_category.revision_ordinal 
_pdbx_audit_revision_category.data_content_type 
_pdbx_audit_revision_category.category 
1  4 'Structure model' database_PDB_rev        
2  4 'Structure model' database_PDB_rev_record 
3  4 'Structure model' exptl_crystal_grow      
4  4 'Structure model' pdbx_database_proc      
5  4 'Structure model' pdbx_database_status    
6  5 'Structure model' exptl_crystal_grow      
7  6 'Structure model' chem_comp_atom          
8  6 'Structure model' chem_comp_bond          
9  6 'Structure model' database_2              
10 6 'Structure model' pdbx_database_status    
# 
loop_
_pdbx_audit_revision_item.ordinal 
_pdbx_audit_revision_item.revision_ordinal 
_pdbx_audit_revision_item.data_content_type 
_pdbx_audit_revision_item.item 
1 4 'Structure model' '_exptl_crystal_grow.method'                  
2 4 'Structure model' '_pdbx_database_status.recvd_author_approval' 
3 5 'Structure model' '_exptl_crystal_grow.temp'                    
4 6 'Structure model' '_database_2.pdbx_DOI'                        
5 6 'Structure model' '_database_2.pdbx_database_accession'         
6 6 'Structure model' '_pdbx_database_status.status_code_sf'        
# 
_pdbx_database_status.status_code                     REL 
_pdbx_database_status.entry_id                        2BMD 
_pdbx_database_status.deposit_site                    PDBE 
_pdbx_database_status.process_site                    PDBE 
_pdbx_database_status.SG_entry                        . 
_pdbx_database_status.recvd_initial_deposition_date   2005-03-13 
_pdbx_database_status.pdb_format_compatible           Y 
_pdbx_database_status.status_code_sf                  REL 
_pdbx_database_status.status_code_mr                  ? 
_pdbx_database_status.status_code_cs                  ? 
_pdbx_database_status.methods_development_category    ? 
_pdbx_database_status.status_code_nmr_data            ? 
# 
_pdbx_database_related.db_name        PDB 
_pdbx_database_related.db_id          2BME 
_pdbx_database_related.content_type   unspecified 
_pdbx_database_related.details        'HIGH RESOLUTION STRUCTURE OF GPPNHP-BOUND HUMAN RAB4A' 
# 
loop_
_audit_author.name 
_audit_author.pdbx_ordinal 
'Scheidig, A.J.' 1 
'Huber, S.K.'    2 
# 
_citation.id                        primary 
_citation.title                     'High Resolution Crystal Structures of Human Rab4A in its Active and Inactive Conformations.' 
_citation.journal_abbrev            'FEBS Lett.' 
_citation.journal_volume            579 
_citation.page_first                2821 
_citation.page_last                 ? 
_citation.year                      2005 
_citation.journal_id_ASTM           FEBLAL 
_citation.country                   NE 
_citation.journal_id_ISSN           0014-5793 
_citation.journal_id_CSD            0165 
_citation.book_publisher            ? 
_citation.pdbx_database_id_PubMed   15907487 
_citation.pdbx_database_id_DOI      10.1016/J.FEBSLET.2005.04.020 
# 
loop_
_citation_author.citation_id 
_citation_author.name 
_citation_author.ordinal 
_citation_author.identifier_ORCID 
primary 'Huber, S.K.'    1 ? 
primary 'Scheidig, A.J.' 2 ? 
# 
loop_
_entity.id 
_entity.type 
_entity.src_method 
_entity.pdbx_description 
_entity.formula_weight 
_entity.pdbx_number_of_molecules 
_entity.pdbx_ec 
_entity.pdbx_mutation 
_entity.pdbx_fragment 
_entity.details 
1 polymer     man 'RAS-RELATED PROTEIN RAB4A' 20990.775 1   3.6.5.2 ? 'NUCLEOTIDE-BINDING DOMAIN, RESIDUES 1-184' ? 
2 non-polymer syn "GUANOSINE-5'-DIPHOSPHATE"  443.201   1   ?       ? ?                                           ? 
3 non-polymer syn GLYCEROL                    92.094    2   ?       ? ?                                           ? 
4 water       nat water                       18.015    208 ?       ? ?                                           ? 
# 
_entity_name_com.entity_id   1 
_entity_name_com.name        RAB4A 
# 
_entity_poly.entity_id                      1 
_entity_poly.type                           'polypeptide(L)' 
_entity_poly.nstd_linkage                   no 
_entity_poly.nstd_monomer                   no 
_entity_poly.pdbx_seq_one_letter_code       
;GHMSETYDFLFKFLVIGNAGTGKSCLLHQFIEKKFKDDSNHTIGVEFGSKIINVGGKYVKLQIWDTAGQERFRSVTRSYY
RGAAGALLVYDITSRETYNALTNWLTDARMLASQNIVIILCGNKKDLDADREVTFLEASRFAQENELMFLETSALTGENV
EEAFVQCARKILNKIESGELDPERMG
;
_entity_poly.pdbx_seq_one_letter_code_can   
;GHMSETYDFLFKFLVIGNAGTGKSCLLHQFIEKKFKDDSNHTIGVEFGSKIINVGGKYVKLQIWDTAGQERFRSVTRSYY
RGAAGALLVYDITSRETYNALTNWLTDARMLASQNIVIILCGNKKDLDADREVTFLEASRFAQENELMFLETSALTGENV
EEAFVQCARKILNKIESGELDPERMG
;
_entity_poly.pdbx_strand_id                 A 
_entity_poly.pdbx_target_identifier         ? 
# 
loop_
_pdbx_entity_nonpoly.entity_id 
_pdbx_entity_nonpoly.name 
_pdbx_entity_nonpoly.comp_id 
2 "GUANOSINE-5'-DIPHOSPHATE" GDP 
3 GLYCEROL                   GOL 
4 water                      HOH 
# 
loop_
_entity_poly_seq.entity_id 
_entity_poly_seq.num 
_entity_poly_seq.mon_id 
_entity_poly_seq.hetero 
1 1   GLY n 
1 2   HIS n 
1 3   MET n 
1 4   SER n 
1 5   GLU n 
1 6   THR n 
1 7   TYR n 
1 8   ASP n 
1 9   PHE n 
1 10  LEU n 
1 11  PHE n 
1 12  LYS n 
1 13  PHE n 
1 14  LEU n 
1 15  VAL n 
1 16  ILE n 
1 17  GLY n 
1 18  ASN n 
1 19  ALA n 
1 20  GLY n 
1 21  THR n 
1 22  GLY n 
1 23  LYS n 
1 24  SER n 
1 25  CYS n 
1 26  LEU n 
1 27  LEU n 
1 28  HIS n 
1 29  GLN n 
1 30  PHE n 
1 31  ILE n 
1 32  GLU n 
1 33  LYS n 
1 34  LYS n 
1 35  PHE n 
1 36  LYS n 
1 37  ASP n 
1 38  ASP n 
1 39  SER n 
1 40  ASN n 
1 41  HIS n 
1 42  THR n 
1 43  ILE n 
1 44  GLY n 
1 45  VAL n 
1 46  GLU n 
1 47  PHE n 
1 48  GLY n 
1 49  SER n 
1 50  LYS n 
1 51  ILE n 
1 52  ILE n 
1 53  ASN n 
1 54  VAL n 
1 55  GLY n 
1 56  GLY n 
1 57  LYS n 
1 58  TYR n 
1 59  VAL n 
1 60  LYS n 
1 61  LEU n 
1 62  GLN n 
1 63  ILE n 
1 64  TRP n 
1 65  ASP n 
1 66  THR n 
1 67  ALA n 
1 68  GLY n 
1 69  GLN n 
1 70  GLU n 
1 71  ARG n 
1 72  PHE n 
1 73  ARG n 
1 74  SER n 
1 75  VAL n 
1 76  THR n 
1 77  ARG n 
1 78  SER n 
1 79  TYR n 
1 80  TYR n 
1 81  ARG n 
1 82  GLY n 
1 83  ALA n 
1 84  ALA n 
1 85  GLY n 
1 86  ALA n 
1 87  LEU n 
1 88  LEU n 
1 89  VAL n 
1 90  TYR n 
1 91  ASP n 
1 92  ILE n 
1 93  THR n 
1 94  SER n 
1 95  ARG n 
1 96  GLU n 
1 97  THR n 
1 98  TYR n 
1 99  ASN n 
1 100 ALA n 
1 101 LEU n 
1 102 THR n 
1 103 ASN n 
1 104 TRP n 
1 105 LEU n 
1 106 THR n 
1 107 ASP n 
1 108 ALA n 
1 109 ARG n 
1 110 MET n 
1 111 LEU n 
1 112 ALA n 
1 113 SER n 
1 114 GLN n 
1 115 ASN n 
1 116 ILE n 
1 117 VAL n 
1 118 ILE n 
1 119 ILE n 
1 120 LEU n 
1 121 CYS n 
1 122 GLY n 
1 123 ASN n 
1 124 LYS n 
1 125 LYS n 
1 126 ASP n 
1 127 LEU n 
1 128 ASP n 
1 129 ALA n 
1 130 ASP n 
1 131 ARG n 
1 132 GLU n 
1 133 VAL n 
1 134 THR n 
1 135 PHE n 
1 136 LEU n 
1 137 GLU n 
1 138 ALA n 
1 139 SER n 
1 140 ARG n 
1 141 PHE n 
1 142 ALA n 
1 143 GLN n 
1 144 GLU n 
1 145 ASN n 
1 146 GLU n 
1 147 LEU n 
1 148 MET n 
1 149 PHE n 
1 150 LEU n 
1 151 GLU n 
1 152 THR n 
1 153 SER n 
1 154 ALA n 
1 155 LEU n 
1 156 THR n 
1 157 GLY n 
1 158 GLU n 
1 159 ASN n 
1 160 VAL n 
1 161 GLU n 
1 162 GLU n 
1 163 ALA n 
1 164 PHE n 
1 165 VAL n 
1 166 GLN n 
1 167 CYS n 
1 168 ALA n 
1 169 ARG n 
1 170 LYS n 
1 171 ILE n 
1 172 LEU n 
1 173 ASN n 
1 174 LYS n 
1 175 ILE n 
1 176 GLU n 
1 177 SER n 
1 178 GLY n 
1 179 GLU n 
1 180 LEU n 
1 181 ASP n 
1 182 PRO n 
1 183 GLU n 
1 184 ARG n 
1 185 MET n 
1 186 GLY n 
# 
_entity_src_gen.entity_id                          1 
_entity_src_gen.pdbx_src_id                        1 
_entity_src_gen.pdbx_alt_source_flag               sample 
_entity_src_gen.pdbx_seq_type                      ? 
_entity_src_gen.pdbx_beg_seq_num                   ? 
_entity_src_gen.pdbx_end_seq_num                   ? 
_entity_src_gen.gene_src_common_name               HUMAN 
_entity_src_gen.gene_src_genus                     ? 
_entity_src_gen.pdbx_gene_src_gene                 ? 
_entity_src_gen.gene_src_species                   ? 
_entity_src_gen.gene_src_strain                    ? 
_entity_src_gen.gene_src_tissue                    ? 
_entity_src_gen.gene_src_tissue_fraction           ? 
_entity_src_gen.gene_src_details                   ? 
_entity_src_gen.pdbx_gene_src_fragment             ? 
_entity_src_gen.pdbx_gene_src_scientific_name      'HOMO SAPIENS' 
_entity_src_gen.pdbx_gene_src_ncbi_taxonomy_id     9606 
_entity_src_gen.pdbx_gene_src_variant              ? 
_entity_src_gen.pdbx_gene_src_cell_line            ? 
_entity_src_gen.pdbx_gene_src_atcc                 ? 
_entity_src_gen.pdbx_gene_src_organ                ? 
_entity_src_gen.pdbx_gene_src_organelle            ? 
_entity_src_gen.pdbx_gene_src_cell                 ? 
_entity_src_gen.pdbx_gene_src_cellular_location    ? 
_entity_src_gen.host_org_common_name               ? 
_entity_src_gen.pdbx_host_org_scientific_name      'ESCHERICHIA COLI' 
_entity_src_gen.pdbx_host_org_ncbi_taxonomy_id     469008 
_entity_src_gen.host_org_genus                     ? 
_entity_src_gen.pdbx_host_org_gene                 ? 
_entity_src_gen.pdbx_host_org_organ                ? 
_entity_src_gen.host_org_species                   ? 
_entity_src_gen.pdbx_host_org_tissue               ? 
_entity_src_gen.pdbx_host_org_tissue_fraction      ? 
_entity_src_gen.pdbx_host_org_strain               'BL21(DE3)' 
_entity_src_gen.pdbx_host_org_variant              ? 
_entity_src_gen.pdbx_host_org_cell_line            ? 
_entity_src_gen.pdbx_host_org_atcc                 ? 
_entity_src_gen.pdbx_host_org_culture_collection   ? 
_entity_src_gen.pdbx_host_org_cell                 ? 
_entity_src_gen.pdbx_host_org_organelle            ? 
_entity_src_gen.pdbx_host_org_cellular_location    ? 
_entity_src_gen.pdbx_host_org_vector_type          PLASMID 
_entity_src_gen.pdbx_host_org_vector               ? 
_entity_src_gen.host_org_details                   ? 
_entity_src_gen.expression_system_id               ? 
_entity_src_gen.plasmid_name                       PET19TEV 
_entity_src_gen.plasmid_details                    ? 
_entity_src_gen.pdbx_description                   ? 
# 
loop_
_chem_comp.id 
_chem_comp.type 
_chem_comp.mon_nstd_flag 
_chem_comp.name 
_chem_comp.pdbx_synonyms 
_chem_comp.formula 
_chem_comp.formula_weight 
ALA 'L-peptide linking' y ALANINE                    ?                               'C3 H7 N O2'        89.093  
ARG 'L-peptide linking' y ARGININE                   ?                               'C6 H15 N4 O2 1'    175.209 
ASN 'L-peptide linking' y ASPARAGINE                 ?                               'C4 H8 N2 O3'       132.118 
ASP 'L-peptide linking' y 'ASPARTIC ACID'            ?                               'C4 H7 N O4'        133.103 
CYS 'L-peptide linking' y CYSTEINE                   ?                               'C3 H7 N O2 S'      121.158 
GDP 'RNA linking'       n "GUANOSINE-5'-DIPHOSPHATE" ?                               'C10 H15 N5 O11 P2' 443.201 
GLN 'L-peptide linking' y GLUTAMINE                  ?                               'C5 H10 N2 O3'      146.144 
GLU 'L-peptide linking' y 'GLUTAMIC ACID'            ?                               'C5 H9 N O4'        147.129 
GLY 'peptide linking'   y GLYCINE                    ?                               'C2 H5 N O2'        75.067  
GOL non-polymer         . GLYCEROL                   'GLYCERIN; PROPANE-1,2,3-TRIOL' 'C3 H8 O3'          92.094  
HIS 'L-peptide linking' y HISTIDINE                  ?                               'C6 H10 N3 O2 1'    156.162 
HOH non-polymer         . WATER                      ?                               'H2 O'              18.015  
ILE 'L-peptide linking' y ISOLEUCINE                 ?                               'C6 H13 N O2'       131.173 
LEU 'L-peptide linking' y LEUCINE                    ?                               'C6 H13 N O2'       131.173 
LYS 'L-peptide linking' y LYSINE                     ?                               'C6 H15 N2 O2 1'    147.195 
MET 'L-peptide linking' y METHIONINE                 ?                               'C5 H11 N O2 S'     149.211 
PHE 'L-peptide linking' y PHENYLALANINE              ?                               'C9 H11 N O2'       165.189 
PRO 'L-peptide linking' y PROLINE                    ?                               'C5 H9 N O2'        115.130 
SER 'L-peptide linking' y SERINE                     ?                               'C3 H7 N O3'        105.093 
THR 'L-peptide linking' y THREONINE                  ?                               'C4 H9 N O3'        119.119 
TRP 'L-peptide linking' y TRYPTOPHAN                 ?                               'C11 H12 N2 O2'     204.225 
TYR 'L-peptide linking' y TYROSINE                   ?                               'C9 H11 N O3'       181.189 
VAL 'L-peptide linking' y VALINE                     ?                               'C5 H11 N O2'       117.146 
# 
loop_
_pdbx_poly_seq_scheme.asym_id 
_pdbx_poly_seq_scheme.entity_id 
_pdbx_poly_seq_scheme.seq_id 
_pdbx_poly_seq_scheme.mon_id 
_pdbx_poly_seq_scheme.ndb_seq_num 
_pdbx_poly_seq_scheme.pdb_seq_num 
_pdbx_poly_seq_scheme.auth_seq_num 
_pdbx_poly_seq_scheme.pdb_mon_id 
_pdbx_poly_seq_scheme.auth_mon_id 
_pdbx_poly_seq_scheme.pdb_strand_id 
_pdbx_poly_seq_scheme.pdb_ins_code 
_pdbx_poly_seq_scheme.hetero 
A 1 1   GLY 1   1   ?   ?   ?   A . n 
A 1 2   HIS 2   2   ?   ?   ?   A . n 
A 1 3   MET 3   3   ?   ?   ?   A . n 
A 1 4   SER 4   4   ?   ?   ?   A . n 
A 1 5   GLU 5   5   5   GLU GLU A . n 
A 1 6   THR 6   6   6   THR THR A . n 
A 1 7   TYR 7   7   7   TYR TYR A . n 
A 1 8   ASP 8   8   8   ASP ASP A . n 
A 1 9   PHE 9   9   9   PHE PHE A . n 
A 1 10  LEU 10  10  10  LEU LEU A . n 
A 1 11  PHE 11  11  11  PHE PHE A . n 
A 1 12  LYS 12  12  12  LYS LYS A . n 
A 1 13  PHE 13  13  13  PHE PHE A . n 
A 1 14  LEU 14  14  14  LEU LEU A . n 
A 1 15  VAL 15  15  15  VAL VAL A . n 
A 1 16  ILE 16  16  16  ILE ILE A . n 
A 1 17  GLY 17  17  17  GLY GLY A . n 
A 1 18  ASN 18  18  18  ASN ASN A . n 
A 1 19  ALA 19  19  19  ALA ALA A . n 
A 1 20  GLY 20  20  20  GLY GLY A . n 
A 1 21  THR 21  21  21  THR THR A . n 
A 1 22  GLY 22  22  22  GLY GLY A . n 
A 1 23  LYS 23  23  23  LYS LYS A . n 
A 1 24  SER 24  24  24  SER SER A . n 
A 1 25  CYS 25  25  25  CYS CYS A . n 
A 1 26  LEU 26  26  26  LEU LEU A . n 
A 1 27  LEU 27  27  27  LEU LEU A . n 
A 1 28  HIS 28  28  28  HIS HIS A . n 
A 1 29  GLN 29  29  29  GLN GLN A . n 
A 1 30  PHE 30  30  30  PHE PHE A . n 
A 1 31  ILE 31  31  31  ILE ILE A . n 
A 1 32  GLU 32  32  32  GLU GLU A . n 
A 1 33  LYS 33  33  33  LYS LYS A . n 
A 1 34  LYS 34  34  34  LYS LYS A . n 
A 1 35  PHE 35  35  35  PHE PHE A . n 
A 1 36  LYS 36  36  36  LYS LYS A . n 
A 1 37  ASP 37  37  ?   ?   ?   A . n 
A 1 38  ASP 38  38  ?   ?   ?   A . n 
A 1 39  SER 39  39  ?   ?   ?   A . n 
A 1 40  ASN 40  40  ?   ?   ?   A . n 
A 1 41  HIS 41  41  ?   ?   ?   A . n 
A 1 42  THR 42  42  ?   ?   ?   A . n 
A 1 43  ILE 43  43  ?   ?   ?   A . n 
A 1 44  GLY 44  44  ?   ?   ?   A . n 
A 1 45  VAL 45  45  ?   ?   ?   A . n 
A 1 46  GLU 46  46  46  GLU GLU A . n 
A 1 47  PHE 47  47  47  PHE PHE A . n 
A 1 48  GLY 48  48  48  GLY GLY A . n 
A 1 49  SER 49  49  49  SER SER A . n 
A 1 50  LYS 50  50  50  LYS LYS A . n 
A 1 51  ILE 51  51  51  ILE ILE A . n 
A 1 52  ILE 52  52  52  ILE ILE A . n 
A 1 53  ASN 53  53  53  ASN ASN A . n 
A 1 54  VAL 54  54  54  VAL VAL A . n 
A 1 55  GLY 55  55  55  GLY GLY A . n 
A 1 56  GLY 56  56  56  GLY GLY A . n 
A 1 57  LYS 57  57  57  LYS LYS A . n 
A 1 58  TYR 58  58  58  TYR TYR A . n 
A 1 59  VAL 59  59  59  VAL VAL A . n 
A 1 60  LYS 60  60  60  LYS LYS A . n 
A 1 61  LEU 61  61  61  LEU LEU A . n 
A 1 62  GLN 62  62  62  GLN GLN A . n 
A 1 63  ILE 63  63  63  ILE ILE A . n 
A 1 64  TRP 64  64  64  TRP TRP A . n 
A 1 65  ASP 65  65  65  ASP ASP A . n 
A 1 66  THR 66  66  66  THR THR A . n 
A 1 67  ALA 67  67  67  ALA ALA A . n 
A 1 68  GLY 68  68  68  GLY GLY A . n 
A 1 69  GLN 69  69  69  GLN GLN A . n 
A 1 70  GLU 70  70  70  GLU GLU A . n 
A 1 71  ARG 71  71  71  ARG ARG A . n 
A 1 72  PHE 72  72  72  PHE PHE A . n 
A 1 73  ARG 73  73  73  ARG ARG A . n 
A 1 74  SER 74  74  74  SER SER A . n 
A 1 75  VAL 75  75  75  VAL VAL A . n 
A 1 76  THR 76  76  76  THR THR A . n 
A 1 77  ARG 77  77  77  ARG ARG A . n 
A 1 78  SER 78  78  78  SER SER A . n 
A 1 79  TYR 79  79  79  TYR TYR A . n 
A 1 80  TYR 80  80  80  TYR TYR A . n 
A 1 81  ARG 81  81  81  ARG ARG A . n 
A 1 82  GLY 82  82  82  GLY GLY A . n 
A 1 83  ALA 83  83  83  ALA ALA A . n 
A 1 84  ALA 84  84  84  ALA ALA A . n 
A 1 85  GLY 85  85  85  GLY GLY A . n 
A 1 86  ALA 86  86  86  ALA ALA A . n 
A 1 87  LEU 87  87  87  LEU LEU A . n 
A 1 88  LEU 88  88  88  LEU LEU A . n 
A 1 89  VAL 89  89  89  VAL VAL A . n 
A 1 90  TYR 90  90  90  TYR TYR A . n 
A 1 91  ASP 91  91  91  ASP ASP A . n 
A 1 92  ILE 92  92  92  ILE ILE A . n 
A 1 93  THR 93  93  93  THR THR A . n 
A 1 94  SER 94  94  94  SER SER A . n 
A 1 95  ARG 95  95  95  ARG ARG A . n 
A 1 96  GLU 96  96  96  GLU GLU A . n 
A 1 97  THR 97  97  97  THR THR A . n 
A 1 98  TYR 98  98  98  TYR TYR A . n 
A 1 99  ASN 99  99  99  ASN ASN A . n 
A 1 100 ALA 100 100 100 ALA ALA A . n 
A 1 101 LEU 101 101 101 LEU LEU A . n 
A 1 102 THR 102 102 102 THR THR A . n 
A 1 103 ASN 103 103 103 ASN ASN A . n 
A 1 104 TRP 104 104 104 TRP TRP A . n 
A 1 105 LEU 105 105 105 LEU LEU A . n 
A 1 106 THR 106 106 106 THR THR A . n 
A 1 107 ASP 107 107 107 ASP ASP A . n 
A 1 108 ALA 108 108 108 ALA ALA A . n 
A 1 109 ARG 109 109 109 ARG ARG A . n 
A 1 110 MET 110 110 110 MET MET A . n 
A 1 111 LEU 111 111 111 LEU LEU A . n 
A 1 112 ALA 112 112 112 ALA ALA A . n 
A 1 113 SER 113 113 113 SER SER A . n 
A 1 114 GLN 114 114 114 GLN GLN A . n 
A 1 115 ASN 115 115 115 ASN ASN A . n 
A 1 116 ILE 116 116 116 ILE ILE A . n 
A 1 117 VAL 117 117 117 VAL VAL A . n 
A 1 118 ILE 118 118 118 ILE ILE A . n 
A 1 119 ILE 119 119 119 ILE ILE A . n 
A 1 120 LEU 120 120 120 LEU LEU A . n 
A 1 121 CYS 121 121 121 CYS CYS A . n 
A 1 122 GLY 122 122 122 GLY GLY A . n 
A 1 123 ASN 123 123 123 ASN ASN A . n 
A 1 124 LYS 124 124 124 LYS LYS A . n 
A 1 125 LYS 125 125 125 LYS LYS A . n 
A 1 126 ASP 126 126 126 ASP ASP A . n 
A 1 127 LEU 127 127 127 LEU LEU A . n 
A 1 128 ASP 128 128 128 ASP ASP A . n 
A 1 129 ALA 129 129 129 ALA ALA A . n 
A 1 130 ASP 130 130 130 ASP ASP A . n 
A 1 131 ARG 131 131 131 ARG ARG A . n 
A 1 132 GLU 132 132 132 GLU GLU A . n 
A 1 133 VAL 133 133 133 VAL VAL A . n 
A 1 134 THR 134 134 134 THR THR A . n 
A 1 135 PHE 135 135 135 PHE PHE A . n 
A 1 136 LEU 136 136 136 LEU LEU A . n 
A 1 137 GLU 137 137 137 GLU GLU A . n 
A 1 138 ALA 138 138 138 ALA ALA A . n 
A 1 139 SER 139 139 139 SER SER A . n 
A 1 140 ARG 140 140 140 ARG ARG A . n 
A 1 141 PHE 141 141 141 PHE PHE A . n 
A 1 142 ALA 142 142 142 ALA ALA A . n 
A 1 143 GLN 143 143 143 GLN GLN A . n 
A 1 144 GLU 144 144 144 GLU GLU A . n 
A 1 145 ASN 145 145 145 ASN ASN A . n 
A 1 146 GLU 146 146 146 GLU GLU A . n 
A 1 147 LEU 147 147 147 LEU LEU A . n 
A 1 148 MET 148 148 148 MET MET A . n 
A 1 149 PHE 149 149 149 PHE PHE A . n 
A 1 150 LEU 150 150 150 LEU LEU A . n 
A 1 151 GLU 151 151 151 GLU GLU A . n 
A 1 152 THR 152 152 152 THR THR A . n 
A 1 153 SER 153 153 153 SER SER A . n 
A 1 154 ALA 154 154 154 ALA ALA A . n 
A 1 155 LEU 155 155 155 LEU LEU A . n 
A 1 156 THR 156 156 156 THR THR A . n 
A 1 157 GLY 157 157 157 GLY GLY A . n 
A 1 158 GLU 158 158 158 GLU GLU A . n 
A 1 159 ASN 159 159 159 ASN ASN A . n 
A 1 160 VAL 160 160 160 VAL VAL A . n 
A 1 161 GLU 161 161 161 GLU GLU A . n 
A 1 162 GLU 162 162 162 GLU GLU A . n 
A 1 163 ALA 163 163 163 ALA ALA A . n 
A 1 164 PHE 164 164 164 PHE PHE A . n 
A 1 165 VAL 165 165 165 VAL VAL A . n 
A 1 166 GLN 166 166 166 GLN GLN A . n 
A 1 167 CYS 167 167 167 CYS CYS A . n 
A 1 168 ALA 168 168 168 ALA ALA A . n 
A 1 169 ARG 169 169 169 ARG ARG A . n 
A 1 170 LYS 170 170 170 LYS LYS A . n 
A 1 171 ILE 171 171 171 ILE ILE A . n 
A 1 172 LEU 172 172 172 LEU LEU A . n 
A 1 173 ASN 173 173 173 ASN ASN A . n 
A 1 174 LYS 174 174 174 LYS LYS A . n 
A 1 175 ILE 175 175 175 ILE ILE A . n 
A 1 176 GLU 176 176 176 GLU GLU A . n 
A 1 177 SER 177 177 177 SER SER A . n 
A 1 178 GLY 178 178 178 GLY GLY A . n 
A 1 179 GLU 179 179 179 GLU GLU A . n 
A 1 180 LEU 180 180 180 LEU LEU A . n 
A 1 181 ASP 181 181 181 ASP ASP A . n 
A 1 182 PRO 182 182 182 PRO PRO A . n 
A 1 183 GLU 183 183 183 GLU GLU A . n 
A 1 184 ARG 184 184 184 ARG ARG A . n 
A 1 185 MET 185 185 185 MET MET A . n 
A 1 186 GLY 186 186 186 GLY GLY A . n 
# 
loop_
_pdbx_nonpoly_scheme.asym_id 
_pdbx_nonpoly_scheme.entity_id 
_pdbx_nonpoly_scheme.mon_id 
_pdbx_nonpoly_scheme.ndb_seq_num 
_pdbx_nonpoly_scheme.pdb_seq_num 
_pdbx_nonpoly_scheme.auth_seq_num 
_pdbx_nonpoly_scheme.pdb_mon_id 
_pdbx_nonpoly_scheme.auth_mon_id 
_pdbx_nonpoly_scheme.pdb_strand_id 
_pdbx_nonpoly_scheme.pdb_ins_code 
B 2 GDP 1   1187 1187 GDP GDP A . 
C 3 GOL 1   1188 1188 GOL GOL A . 
D 3 GOL 1   1189 1189 GOL GOL A . 
E 4 HOH 1   2001 2001 HOH HOH A . 
E 4 HOH 2   2002 2002 HOH HOH A . 
E 4 HOH 3   2003 2003 HOH HOH A . 
E 4 HOH 4   2004 2004 HOH HOH A . 
E 4 HOH 5   2005 2005 HOH HOH A . 
E 4 HOH 6   2006 2006 HOH HOH A . 
E 4 HOH 7   2007 2007 HOH HOH A . 
E 4 HOH 8   2008 2008 HOH HOH A . 
E 4 HOH 9   2009 2009 HOH HOH A . 
E 4 HOH 10  2010 2010 HOH HOH A . 
E 4 HOH 11  2011 2011 HOH HOH A . 
E 4 HOH 12  2012 2012 HOH HOH A . 
E 4 HOH 13  2013 2013 HOH HOH A . 
E 4 HOH 14  2014 2014 HOH HOH A . 
E 4 HOH 15  2015 2015 HOH HOH A . 
E 4 HOH 16  2016 2016 HOH HOH A . 
E 4 HOH 17  2017 2017 HOH HOH A . 
E 4 HOH 18  2018 2018 HOH HOH A . 
E 4 HOH 19  2019 2019 HOH HOH A . 
E 4 HOH 20  2020 2020 HOH HOH A . 
E 4 HOH 21  2021 2021 HOH HOH A . 
E 4 HOH 22  2022 2022 HOH HOH A . 
E 4 HOH 23  2023 2023 HOH HOH A . 
E 4 HOH 24  2024 2024 HOH HOH A . 
E 4 HOH 25  2025 2025 HOH HOH A . 
E 4 HOH 26  2026 2026 HOH HOH A . 
E 4 HOH 27  2027 2027 HOH HOH A . 
E 4 HOH 28  2028 2028 HOH HOH A . 
E 4 HOH 29  2029 2029 HOH HOH A . 
E 4 HOH 30  2030 2030 HOH HOH A . 
E 4 HOH 31  2031 2031 HOH HOH A . 
E 4 HOH 32  2032 2032 HOH HOH A . 
E 4 HOH 33  2033 2033 HOH HOH A . 
E 4 HOH 34  2034 2034 HOH HOH A . 
E 4 HOH 35  2035 2035 HOH HOH A . 
E 4 HOH 36  2036 2036 HOH HOH A . 
E 4 HOH 37  2037 2037 HOH HOH A . 
E 4 HOH 38  2038 2038 HOH HOH A . 
E 4 HOH 39  2039 2039 HOH HOH A . 
E 4 HOH 40  2040 2040 HOH HOH A . 
E 4 HOH 41  2041 2041 HOH HOH A . 
E 4 HOH 42  2042 2042 HOH HOH A . 
E 4 HOH 43  2043 2043 HOH HOH A . 
E 4 HOH 44  2044 2044 HOH HOH A . 
E 4 HOH 45  2045 2045 HOH HOH A . 
E 4 HOH 46  2046 2046 HOH HOH A . 
E 4 HOH 47  2047 2047 HOH HOH A . 
E 4 HOH 48  2048 2048 HOH HOH A . 
E 4 HOH 49  2049 2049 HOH HOH A . 
E 4 HOH 50  2050 2050 HOH HOH A . 
E 4 HOH 51  2051 2051 HOH HOH A . 
E 4 HOH 52  2052 2052 HOH HOH A . 
E 4 HOH 53  2053 2053 HOH HOH A . 
E 4 HOH 54  2054 2054 HOH HOH A . 
E 4 HOH 55  2055 2055 HOH HOH A . 
E 4 HOH 56  2056 2056 HOH HOH A . 
E 4 HOH 57  2057 2057 HOH HOH A . 
E 4 HOH 58  2058 2058 HOH HOH A . 
E 4 HOH 59  2059 2059 HOH HOH A . 
E 4 HOH 60  2060 2060 HOH HOH A . 
E 4 HOH 61  2061 2061 HOH HOH A . 
E 4 HOH 62  2062 2062 HOH HOH A . 
E 4 HOH 63  2063 2063 HOH HOH A . 
E 4 HOH 64  2064 2064 HOH HOH A . 
E 4 HOH 65  2065 2065 HOH HOH A . 
E 4 HOH 66  2066 2066 HOH HOH A . 
E 4 HOH 67  2067 2067 HOH HOH A . 
E 4 HOH 68  2068 2068 HOH HOH A . 
E 4 HOH 69  2069 2069 HOH HOH A . 
E 4 HOH 70  2070 2070 HOH HOH A . 
E 4 HOH 71  2071 2071 HOH HOH A . 
E 4 HOH 72  2072 2072 HOH HOH A . 
E 4 HOH 73  2073 2073 HOH HOH A . 
E 4 HOH 74  2074 2074 HOH HOH A . 
E 4 HOH 75  2075 2075 HOH HOH A . 
E 4 HOH 76  2076 2076 HOH HOH A . 
E 4 HOH 77  2077 2077 HOH HOH A . 
E 4 HOH 78  2078 2078 HOH HOH A . 
E 4 HOH 79  2079 2079 HOH HOH A . 
E 4 HOH 80  2080 2080 HOH HOH A . 
E 4 HOH 81  2081 2081 HOH HOH A . 
E 4 HOH 82  2082 2082 HOH HOH A . 
E 4 HOH 83  2083 2083 HOH HOH A . 
E 4 HOH 84  2084 2084 HOH HOH A . 
E 4 HOH 85  2085 2085 HOH HOH A . 
E 4 HOH 86  2086 2086 HOH HOH A . 
E 4 HOH 87  2087 2087 HOH HOH A . 
E 4 HOH 88  2088 2088 HOH HOH A . 
E 4 HOH 89  2089 2089 HOH HOH A . 
E 4 HOH 90  2090 2090 HOH HOH A . 
E 4 HOH 91  2091 2091 HOH HOH A . 
E 4 HOH 92  2092 2092 HOH HOH A . 
E 4 HOH 93  2093 2093 HOH HOH A . 
E 4 HOH 94  2094 2094 HOH HOH A . 
E 4 HOH 95  2095 2095 HOH HOH A . 
E 4 HOH 96  2096 2096 HOH HOH A . 
E 4 HOH 97  2097 2097 HOH HOH A . 
E 4 HOH 98  2098 2098 HOH HOH A . 
E 4 HOH 99  2099 2099 HOH HOH A . 
E 4 HOH 100 2100 2100 HOH HOH A . 
E 4 HOH 101 2101 2101 HOH HOH A . 
E 4 HOH 102 2102 2102 HOH HOH A . 
E 4 HOH 103 2103 2103 HOH HOH A . 
E 4 HOH 104 2104 2104 HOH HOH A . 
E 4 HOH 105 2105 2105 HOH HOH A . 
E 4 HOH 106 2106 2106 HOH HOH A . 
E 4 HOH 107 2107 2107 HOH HOH A . 
E 4 HOH 108 2108 2108 HOH HOH A . 
E 4 HOH 109 2109 2109 HOH HOH A . 
E 4 HOH 110 2110 2110 HOH HOH A . 
E 4 HOH 111 2111 2111 HOH HOH A . 
E 4 HOH 112 2112 2112 HOH HOH A . 
E 4 HOH 113 2113 2113 HOH HOH A . 
E 4 HOH 114 2114 2114 HOH HOH A . 
E 4 HOH 115 2115 2115 HOH HOH A . 
E 4 HOH 116 2116 2116 HOH HOH A . 
E 4 HOH 117 2117 2117 HOH HOH A . 
E 4 HOH 118 2118 2118 HOH HOH A . 
E 4 HOH 119 2119 2119 HOH HOH A . 
E 4 HOH 120 2120 2120 HOH HOH A . 
E 4 HOH 121 2121 2121 HOH HOH A . 
E 4 HOH 122 2122 2122 HOH HOH A . 
E 4 HOH 123 2123 2123 HOH HOH A . 
E 4 HOH 124 2124 2124 HOH HOH A . 
E 4 HOH 125 2125 2125 HOH HOH A . 
E 4 HOH 126 2126 2126 HOH HOH A . 
E 4 HOH 127 2127 2127 HOH HOH A . 
E 4 HOH 128 2128 2128 HOH HOH A . 
E 4 HOH 129 2129 2129 HOH HOH A . 
E 4 HOH 130 2130 2130 HOH HOH A . 
E 4 HOH 131 2131 2131 HOH HOH A . 
E 4 HOH 132 2132 2132 HOH HOH A . 
E 4 HOH 133 2133 2133 HOH HOH A . 
E 4 HOH 134 2134 2134 HOH HOH A . 
E 4 HOH 135 2135 2135 HOH HOH A . 
E 4 HOH 136 2136 2136 HOH HOH A . 
E 4 HOH 137 2137 2137 HOH HOH A . 
E 4 HOH 138 2138 2138 HOH HOH A . 
E 4 HOH 139 2139 2139 HOH HOH A . 
E 4 HOH 140 2140 2140 HOH HOH A . 
E 4 HOH 141 2141 2141 HOH HOH A . 
E 4 HOH 142 2142 2142 HOH HOH A . 
E 4 HOH 143 2143 2143 HOH HOH A . 
E 4 HOH 144 2144 2144 HOH HOH A . 
E 4 HOH 145 2145 2145 HOH HOH A . 
E 4 HOH 146 2146 2146 HOH HOH A . 
E 4 HOH 147 2147 2147 HOH HOH A . 
E 4 HOH 148 2148 2148 HOH HOH A . 
E 4 HOH 149 2149 2149 HOH HOH A . 
E 4 HOH 150 2150 2150 HOH HOH A . 
E 4 HOH 151 2151 2151 HOH HOH A . 
E 4 HOH 152 2152 2152 HOH HOH A . 
E 4 HOH 153 2153 2153 HOH HOH A . 
E 4 HOH 154 2154 2154 HOH HOH A . 
E 4 HOH 155 2155 2155 HOH HOH A . 
E 4 HOH 156 2156 2156 HOH HOH A . 
E 4 HOH 157 2157 2157 HOH HOH A . 
E 4 HOH 158 2158 2158 HOH HOH A . 
E 4 HOH 159 2159 2159 HOH HOH A . 
E 4 HOH 160 2160 2160 HOH HOH A . 
E 4 HOH 161 2161 2161 HOH HOH A . 
E 4 HOH 162 2162 2162 HOH HOH A . 
E 4 HOH 163 2163 2163 HOH HOH A . 
E 4 HOH 164 2164 2164 HOH HOH A . 
E 4 HOH 165 2165 2165 HOH HOH A . 
E 4 HOH 166 2166 2166 HOH HOH A . 
E 4 HOH 167 2167 2167 HOH HOH A . 
E 4 HOH 168 2168 2168 HOH HOH A . 
E 4 HOH 169 2169 2169 HOH HOH A . 
E 4 HOH 170 2170 2170 HOH HOH A . 
E 4 HOH 171 2171 2171 HOH HOH A . 
E 4 HOH 172 2172 2172 HOH HOH A . 
E 4 HOH 173 2173 2173 HOH HOH A . 
E 4 HOH 174 2174 2174 HOH HOH A . 
E 4 HOH 175 2175 2175 HOH HOH A . 
E 4 HOH 176 2176 2176 HOH HOH A . 
E 4 HOH 177 2177 2177 HOH HOH A . 
E 4 HOH 178 2178 2178 HOH HOH A . 
E 4 HOH 179 2179 2179 HOH HOH A . 
E 4 HOH 180 2180 2180 HOH HOH A . 
E 4 HOH 181 2181 2181 HOH HOH A . 
E 4 HOH 182 2182 2182 HOH HOH A . 
E 4 HOH 183 2183 2183 HOH HOH A . 
E 4 HOH 184 2184 2184 HOH HOH A . 
E 4 HOH 185 2185 2185 HOH HOH A . 
E 4 HOH 186 2186 2186 HOH HOH A . 
E 4 HOH 187 2187 2187 HOH HOH A . 
E 4 HOH 188 2188 2188 HOH HOH A . 
E 4 HOH 189 2189 2189 HOH HOH A . 
E 4 HOH 190 2190 2190 HOH HOH A . 
E 4 HOH 191 2191 2191 HOH HOH A . 
E 4 HOH 192 2192 2192 HOH HOH A . 
E 4 HOH 193 2193 2193 HOH HOH A . 
E 4 HOH 194 2194 2194 HOH HOH A . 
E 4 HOH 195 2195 2195 HOH HOH A . 
E 4 HOH 196 2196 2196 HOH HOH A . 
E 4 HOH 197 2197 2197 HOH HOH A . 
E 4 HOH 198 2198 2198 HOH HOH A . 
E 4 HOH 199 2199 2199 HOH HOH A . 
E 4 HOH 200 2200 2200 HOH HOH A . 
E 4 HOH 201 2201 2201 HOH HOH A . 
E 4 HOH 202 2202 2202 HOH HOH A . 
E 4 HOH 203 2203 2203 HOH HOH A . 
E 4 HOH 204 2204 2204 HOH HOH A . 
E 4 HOH 205 2205 2205 HOH HOH A . 
E 4 HOH 206 2206 2206 HOH HOH A . 
E 4 HOH 207 2207 2207 HOH HOH A . 
E 4 HOH 208 2208 2208 HOH HOH A . 
# 
loop_
_pdbx_unobs_or_zero_occ_atoms.id 
_pdbx_unobs_or_zero_occ_atoms.PDB_model_num 
_pdbx_unobs_or_zero_occ_atoms.polymer_flag 
_pdbx_unobs_or_zero_occ_atoms.occupancy_flag 
_pdbx_unobs_or_zero_occ_atoms.auth_asym_id 
_pdbx_unobs_or_zero_occ_atoms.auth_comp_id 
_pdbx_unobs_or_zero_occ_atoms.auth_seq_id 
_pdbx_unobs_or_zero_occ_atoms.PDB_ins_code 
_pdbx_unobs_or_zero_occ_atoms.auth_atom_id 
_pdbx_unobs_or_zero_occ_atoms.label_alt_id 
_pdbx_unobs_or_zero_occ_atoms.label_asym_id 
_pdbx_unobs_or_zero_occ_atoms.label_comp_id 
_pdbx_unobs_or_zero_occ_atoms.label_seq_id 
_pdbx_unobs_or_zero_occ_atoms.label_atom_id 
1  1 Y 1 A GLU 5  ? CG  ? A GLU 5  CG  
2  1 Y 1 A GLU 5  ? CD  ? A GLU 5  CD  
3  1 Y 1 A GLU 5  ? OE1 ? A GLU 5  OE1 
4  1 Y 1 A GLU 5  ? OE2 ? A GLU 5  OE2 
5  1 Y 1 A LYS 36 ? O   ? A LYS 36 O   
6  1 Y 1 A LYS 36 ? CB  ? A LYS 36 CB  
7  1 Y 1 A LYS 36 ? CG  ? A LYS 36 CG  
8  1 Y 1 A LYS 36 ? CD  ? A LYS 36 CD  
9  1 Y 1 A LYS 36 ? CE  ? A LYS 36 CE  
10 1 Y 1 A LYS 36 ? NZ  ? A LYS 36 NZ  
11 1 Y 1 A GLU 46 ? CD  ? A GLU 46 CD  
12 1 Y 1 A GLU 46 ? OE1 ? A GLU 46 OE1 
13 1 Y 1 A GLU 46 ? OE2 ? A GLU 46 OE2 
# 
loop_
_software.name 
_software.classification 
_software.version 
_software.citation_id 
_software.pdbx_ordinal 
REFMAC refinement       5.1.19 ? 1 
XDS    'data reduction' .      ? 2 
XSCALE 'data scaling'   .      ? 3 
MOLREP phasing          .      ? 4 
# 
_cell.entry_id           2BMD 
_cell.length_a           71.140 
_cell.length_b           63.750 
_cell.length_c           38.280 
_cell.angle_alpha        90.00 
_cell.angle_beta         100.03 
_cell.angle_gamma        90.00 
_cell.Z_PDB              4 
_cell.pdbx_unique_axis   ? 
# 
_symmetry.entry_id                         2BMD 
_symmetry.space_group_name_H-M             'C 1 2 1' 
_symmetry.pdbx_full_space_group_name_H-M   ? 
_symmetry.cell_setting                     ? 
_symmetry.Int_Tables_number                5 
# 
_exptl.entry_id          2BMD 
_exptl.method            'X-RAY DIFFRACTION' 
_exptl.crystals_number   1 
# 
_exptl_crystal.id                    1 
_exptl_crystal.density_meas          ? 
_exptl_crystal.density_Matthews      1.79 
_exptl_crystal.density_percent_sol   30.68 
_exptl_crystal.description           
'PARTIALLY REFINED GPPNHP-BOUND RAB4A STRUCTURE WAS USED FOR MOLECULAR REPLACEMENT, SOLVED BY SAME AUTHORS' 
# 
_exptl_crystal_grow.crystal_id      1 
_exptl_crystal_grow.method          'VAPOR DIFFUSION, HANGING DROP' 
_exptl_crystal_grow.temp            293 
_exptl_crystal_grow.temp_details    ? 
_exptl_crystal_grow.pH              ? 
_exptl_crystal_grow.pdbx_pH_range   ? 
_exptl_crystal_grow.pdbx_details    
'30% (W/V) PEG 8000, 200MM AMMONIUM SULPHATE, 100MM SODIUM CACODYLATE PH6.5 HANGING DROP 20 DEGREE CELSIUS' 
# 
_diffrn.id                     1 
_diffrn.ambient_temp           100.0 
_diffrn.ambient_temp_details   ? 
_diffrn.crystal_id             1 
# 
_diffrn_detector.diffrn_id              1 
_diffrn_detector.detector               CCD 
_diffrn_detector.type                   MARRESEARCH 
_diffrn_detector.pdbx_collection_date   2003-06-03 
_diffrn_detector.details                MIRROR 
# 
_diffrn_radiation.diffrn_id                        1 
_diffrn_radiation.wavelength_id                    1 
_diffrn_radiation.pdbx_monochromatic_or_laue_m_l   M 
_diffrn_radiation.monochromator                    MIRROR 
_diffrn_radiation.pdbx_diffrn_protocol             'SINGLE WAVELENGTH' 
_diffrn_radiation.pdbx_scattering_type             x-ray 
# 
_diffrn_radiation_wavelength.id           1 
_diffrn_radiation_wavelength.wavelength   1.0721 
_diffrn_radiation_wavelength.wt           1.0 
# 
_diffrn_source.diffrn_id                   1 
_diffrn_source.source                      SYNCHROTRON 
_diffrn_source.type                        'BESSY BEAMLINE 14.1' 
_diffrn_source.pdbx_synchrotron_site       BESSY 
_diffrn_source.pdbx_synchrotron_beamline   14.1 
_diffrn_source.pdbx_wavelength             1.0721 
_diffrn_source.pdbx_wavelength_list        ? 
# 
_reflns.pdbx_diffrn_id               1 
_reflns.pdbx_ordinal                 1 
_reflns.entry_id                     2BMD 
_reflns.observed_criterion_sigma_I   ? 
_reflns.observed_criterion_sigma_F   ? 
_reflns.d_resolution_low             20.000 
_reflns.d_resolution_high            1.800 
_reflns.number_obs                   15669 
_reflns.number_all                   ? 
_reflns.percent_possible_obs         99.8 
_reflns.pdbx_Rmerge_I_obs            0.07000 
_reflns.pdbx_Rsym_value              ? 
_reflns.pdbx_netI_over_sigmaI        14.4400 
_reflns.B_iso_Wilson_estimate        ? 
_reflns.pdbx_redundancy              4.300 
# 
_reflns_shell.pdbx_diffrn_id         1 
_reflns_shell.pdbx_ordinal           1 
_reflns_shell.d_res_high             1.80 
_reflns_shell.d_res_low              1.86 
_reflns_shell.percent_possible_all   100.0 
_reflns_shell.Rmerge_I_obs           0.20000 
_reflns_shell.pdbx_Rsym_value        ? 
_reflns_shell.meanI_over_sigI_obs    7.500 
_reflns_shell.pdbx_redundancy        ? 
# 
_refine.pdbx_refine_id                           'X-RAY DIFFRACTION' 
_refine.entry_id                                 2BMD 
_refine.pdbx_diffrn_id                           1 
_refine.pdbx_TLS_residual_ADP_flag               ? 
_refine.ls_number_reflns_obs                     14883 
_refine.ls_number_reflns_all                     ? 
_refine.pdbx_ls_sigma_I                          ? 
_refine.pdbx_ls_sigma_F                          ? 
_refine.pdbx_data_cutoff_high_absF               ? 
_refine.pdbx_data_cutoff_low_absF                ? 
_refine.pdbx_data_cutoff_high_rms_absF           ? 
_refine.ls_d_res_low                             18.29 
_refine.ls_d_res_high                            1.80 
_refine.ls_percent_reflns_obs                    99.9 
_refine.ls_R_factor_obs                          0.162 
_refine.ls_R_factor_all                          ? 
_refine.ls_R_factor_R_work                       0.160 
_refine.ls_R_factor_R_free                       0.205 
_refine.ls_R_factor_R_free_error                 ? 
_refine.ls_R_factor_R_free_error_details         ? 
_refine.ls_percent_reflns_R_free                 5.000 
_refine.ls_number_reflns_R_free                  783 
_refine.ls_number_parameters                     ? 
_refine.ls_number_restraints                     ? 
_refine.occupancy_min                            ? 
_refine.occupancy_max                            ? 
_refine.correlation_coeff_Fo_to_Fc               0.958 
_refine.correlation_coeff_Fo_to_Fc_free          0.933 
_refine.B_iso_mean                               10.48 
_refine.aniso_B[1][1]                            1.09000 
_refine.aniso_B[2][2]                            -0.56000 
_refine.aniso_B[3][3]                            -0.29000 
_refine.aniso_B[1][2]                            0.00000 
_refine.aniso_B[1][3]                            0.72000 
_refine.aniso_B[2][3]                            0.00000 
_refine.solvent_model_details                    'BABINET MODEL WITH MASK' 
_refine.solvent_model_param_ksol                 ? 
_refine.solvent_model_param_bsol                 ? 
_refine.pdbx_solvent_vdw_probe_radii             1.40 
_refine.pdbx_solvent_ion_probe_radii             0.80 
_refine.pdbx_solvent_shrinkage_radii             0.80 
_refine.pdbx_ls_cross_valid_method               THROUGHOUT 
_refine.details                                  
'HYDROGENS HAVE BEEN ADDED IN THE RIDING POSITIONS. DISORDERED REGIONS WERE MODELED STEREOCHEMICALLY' 
_refine.pdbx_starting_model                      ? 
_refine.pdbx_method_to_determine_struct          'MOLECULAR REPLACEMENT' 
_refine.pdbx_isotropic_thermal_model             ? 
_refine.pdbx_stereochemistry_target_values       'MAXIMUM LIKELIHOOD' 
_refine.pdbx_stereochem_target_val_spec_case     ? 
_refine.pdbx_R_Free_selection_details            RANDOM 
_refine.pdbx_overall_ESU_R                       0.130 
_refine.pdbx_overall_ESU_R_Free                  0.124 
_refine.overall_SU_ML                            0.076 
_refine.pdbx_overall_phase_error                 ? 
_refine.overall_SU_B                             2.388 
_refine.overall_SU_R_Cruickshank_DPI             ? 
_refine.pdbx_overall_SU_R_free_Cruickshank_DPI   ? 
_refine.pdbx_overall_SU_R_Blow_DPI               ? 
_refine.pdbx_overall_SU_R_free_Blow_DPI          ? 
# 
_refine_hist.pdbx_refine_id                   'X-RAY DIFFRACTION' 
_refine_hist.cycle_id                         LAST 
_refine_hist.pdbx_number_atoms_protein        1367 
_refine_hist.pdbx_number_atoms_nucleic_acid   0 
_refine_hist.pdbx_number_atoms_ligand         40 
_refine_hist.number_atoms_solvent             208 
_refine_hist.number_atoms_total               1615 
_refine_hist.d_res_high                       1.80 
_refine_hist.d_res_low                        18.29 
# 
loop_
_refine_ls_restr.type 
_refine_ls_restr.dev_ideal 
_refine_ls_restr.dev_ideal_target 
_refine_ls_restr.weight 
_refine_ls_restr.number 
_refine_ls_restr.pdbx_refine_id 
_refine_ls_restr.pdbx_restraint_function 
r_bond_refined_d             0.013 0.021 ? 1446 'X-RAY DIFFRACTION' ? 
r_bond_other_d               ?     ?     ? ?    'X-RAY DIFFRACTION' ? 
r_angle_refined_deg          1.485 1.978 ? 1947 'X-RAY DIFFRACTION' ? 
r_angle_other_deg            ?     ?     ? ?    'X-RAY DIFFRACTION' ? 
r_dihedral_angle_1_deg       7.402 5.000 ? 171  'X-RAY DIFFRACTION' ? 
r_dihedral_angle_2_deg       ?     ?     ? ?    'X-RAY DIFFRACTION' ? 
r_dihedral_angle_3_deg       ?     ?     ? ?    'X-RAY DIFFRACTION' ? 
r_dihedral_angle_4_deg       ?     ?     ? ?    'X-RAY DIFFRACTION' ? 
r_chiral_restr               0.106 0.200 ? 214  'X-RAY DIFFRACTION' ? 
r_gen_planes_refined         0.006 0.020 ? 1065 'X-RAY DIFFRACTION' ? 
r_gen_planes_other           ?     ?     ? ?    'X-RAY DIFFRACTION' ? 
r_nbd_refined                0.221 0.200 ? 751  'X-RAY DIFFRACTION' ? 
r_nbd_other                  ?     ?     ? ?    'X-RAY DIFFRACTION' ? 
r_nbtor_refined              ?     ?     ? ?    'X-RAY DIFFRACTION' ? 
r_nbtor_other                ?     ?     ? ?    'X-RAY DIFFRACTION' ? 
r_xyhbond_nbd_refined        0.170 0.200 ? 179  'X-RAY DIFFRACTION' ? 
r_xyhbond_nbd_other          ?     ?     ? ?    'X-RAY DIFFRACTION' ? 
r_metal_ion_refined          ?     ?     ? ?    'X-RAY DIFFRACTION' ? 
r_metal_ion_other            ?     ?     ? ?    'X-RAY DIFFRACTION' ? 
r_symmetry_vdw_refined       0.235 0.200 ? 61   'X-RAY DIFFRACTION' ? 
r_symmetry_vdw_other         ?     ?     ? ?    'X-RAY DIFFRACTION' ? 
r_symmetry_hbond_refined     0.195 0.200 ? 18   'X-RAY DIFFRACTION' ? 
r_symmetry_hbond_other       ?     ?     ? ?    'X-RAY DIFFRACTION' ? 
r_symmetry_metal_ion_refined ?     ?     ? ?    'X-RAY DIFFRACTION' ? 
r_symmetry_metal_ion_other   ?     ?     ? ?    'X-RAY DIFFRACTION' ? 
r_mcbond_it                  0.717 1.500 ? 851  'X-RAY DIFFRACTION' ? 
r_mcbond_other               ?     ?     ? ?    'X-RAY DIFFRACTION' ? 
r_mcangle_it                 1.368 2.000 ? 1363 'X-RAY DIFFRACTION' ? 
r_mcangle_other              ?     ?     ? ?    'X-RAY DIFFRACTION' ? 
r_scbond_it                  2.204 3.000 ? 595  'X-RAY DIFFRACTION' ? 
r_scbond_other               ?     ?     ? ?    'X-RAY DIFFRACTION' ? 
r_scangle_it                 3.637 4.500 ? 584  'X-RAY DIFFRACTION' ? 
r_scangle_other              ?     ?     ? ?    'X-RAY DIFFRACTION' ? 
r_long_range_B_refined       ?     ?     ? ?    'X-RAY DIFFRACTION' ? 
r_long_range_B_other         ?     ?     ? ?    'X-RAY DIFFRACTION' ? 
r_rigid_bond_restr           ?     ?     ? ?    'X-RAY DIFFRACTION' ? 
r_sphericity_free            ?     ?     ? ?    'X-RAY DIFFRACTION' ? 
r_sphericity_bonded          ?     ?     ? ?    'X-RAY DIFFRACTION' ? 
# 
_refine_ls_shell.pdbx_refine_id                   'X-RAY DIFFRACTION' 
_refine_ls_shell.pdbx_total_number_of_bins_used   20 
_refine_ls_shell.d_res_high                       1.80 
_refine_ls_shell.d_res_low                        1.85 
_refine_ls_shell.number_reflns_R_work             1104 
_refine_ls_shell.R_factor_R_work                  0.1860 
_refine_ls_shell.percent_reflns_obs               ? 
_refine_ls_shell.R_factor_R_free                  0.2660 
_refine_ls_shell.R_factor_R_free_error            ? 
_refine_ls_shell.percent_reflns_R_free            ? 
_refine_ls_shell.number_reflns_R_free             58 
_refine_ls_shell.number_reflns_all                ? 
_refine_ls_shell.R_factor_all                     ? 
# 
_struct.entry_id                  2BMD 
_struct.title                     'high resolution structure of GDP-bound human Rab4a' 
_struct.pdbx_model_details        ? 
_struct.pdbx_CASP_flag            ? 
_struct.pdbx_model_type_details   ? 
# 
_struct_keywords.entry_id        2BMD 
_struct_keywords.pdbx_keywords   'PROTEIN TRANSPORT' 
_struct_keywords.text            'GTP-BINDING PROTEIN, VESICULAR TRANSPORT, ENDOCYTOSIS, PRENYLATION, PROTEIN TRANSPORT, TRANSPORT' 
# 
loop_
_struct_asym.id 
_struct_asym.pdbx_blank_PDB_chainid_flag 
_struct_asym.pdbx_modified 
_struct_asym.entity_id 
_struct_asym.details 
A N N 1 ? 
B N N 2 ? 
C N N 3 ? 
D N N 3 ? 
E N N 4 ? 
# 
loop_
_struct_ref.id 
_struct_ref.db_name 
_struct_ref.db_code 
_struct_ref.entity_id 
_struct_ref.pdbx_seq_one_letter_code 
_struct_ref.pdbx_align_begin 
_struct_ref.pdbx_db_accession 
_struct_ref.pdbx_db_isoform 
1 PDB 2BMD        1 ? ? 2BMD   ? 
2 UNP RAB4A_HUMAN 1 ? ? P20338 ? 
# 
loop_
_struct_ref_seq.align_id 
_struct_ref_seq.ref_id 
_struct_ref_seq.pdbx_PDB_id_code 
_struct_ref_seq.pdbx_strand_id 
_struct_ref_seq.seq_align_beg 
_struct_ref_seq.pdbx_seq_align_beg_ins_code 
_struct_ref_seq.seq_align_end 
_struct_ref_seq.pdbx_seq_align_end_ins_code 
_struct_ref_seq.pdbx_db_accession 
_struct_ref_seq.db_align_beg 
_struct_ref_seq.pdbx_db_align_beg_ins_code 
_struct_ref_seq.db_align_end 
_struct_ref_seq.pdbx_db_align_end_ins_code 
_struct_ref_seq.pdbx_auth_seq_align_beg 
_struct_ref_seq.pdbx_auth_seq_align_end 
1 1 2BMD A 1 ? 2   ? 2BMD   1 ? 2   ? 1 2   
2 2 2BMD A 3 ? 186 ? P20338 1 ? 184 ? 3 186 
# 
_pdbx_struct_assembly.id                   1 
_pdbx_struct_assembly.details              author_and_software_defined_assembly 
_pdbx_struct_assembly.method_details       PQS 
_pdbx_struct_assembly.oligomeric_details   monomeric 
_pdbx_struct_assembly.oligomeric_count     1 
# 
_pdbx_struct_assembly_gen.assembly_id       1 
_pdbx_struct_assembly_gen.oper_expression   1 
_pdbx_struct_assembly_gen.asym_id_list      A,B,C,D,E 
# 
_pdbx_struct_oper_list.id                   1 
_pdbx_struct_oper_list.type                 'identity operation' 
_pdbx_struct_oper_list.name                 1_555 
_pdbx_struct_oper_list.symmetry_operation   x,y,z 
_pdbx_struct_oper_list.matrix[1][1]         1.0000000000 
_pdbx_struct_oper_list.matrix[1][2]         0.0000000000 
_pdbx_struct_oper_list.matrix[1][3]         0.0000000000 
_pdbx_struct_oper_list.vector[1]            0.0000000000 
_pdbx_struct_oper_list.matrix[2][1]         0.0000000000 
_pdbx_struct_oper_list.matrix[2][2]         1.0000000000 
_pdbx_struct_oper_list.matrix[2][3]         0.0000000000 
_pdbx_struct_oper_list.vector[2]            0.0000000000 
_pdbx_struct_oper_list.matrix[3][1]         0.0000000000 
_pdbx_struct_oper_list.matrix[3][2]         0.0000000000 
_pdbx_struct_oper_list.matrix[3][3]         1.0000000000 
_pdbx_struct_oper_list.vector[3]            0.0000000000 
# 
_struct_biol.id   1 
# 
loop_
_struct_conf.conf_type_id 
_struct_conf.id 
_struct_conf.pdbx_PDB_helix_id 
_struct_conf.beg_label_comp_id 
_struct_conf.beg_label_asym_id 
_struct_conf.beg_label_seq_id 
_struct_conf.pdbx_beg_PDB_ins_code 
_struct_conf.end_label_comp_id 
_struct_conf.end_label_asym_id 
_struct_conf.end_label_seq_id 
_struct_conf.pdbx_end_PDB_ins_code 
_struct_conf.beg_auth_comp_id 
_struct_conf.beg_auth_asym_id 
_struct_conf.beg_auth_seq_id 
_struct_conf.end_auth_comp_id 
_struct_conf.end_auth_asym_id 
_struct_conf.end_auth_seq_id 
_struct_conf.pdbx_PDB_helix_class 
_struct_conf.details 
_struct_conf.pdbx_PDB_helix_length 
HELX_P HELX_P1 1 GLY A 22  ? LYS A 33  ? GLY A 22  LYS A 33  1 ? 12 
HELX_P HELX_P2 2 THR A 76  ? ARG A 81  ? THR A 76  ARG A 81  1 ? 6  
HELX_P HELX_P3 3 SER A 94  ? ALA A 100 ? SER A 94  ALA A 100 1 ? 7  
HELX_P HELX_P4 4 ALA A 100 ? ALA A 112 ? ALA A 100 ALA A 112 1 ? 13 
HELX_P HELX_P5 5 LEU A 127 ? ARG A 131 ? LEU A 127 ARG A 131 5 ? 5  
HELX_P HELX_P6 6 THR A 134 ? ASN A 145 ? THR A 134 ASN A 145 1 ? 12 
HELX_P HELX_P7 7 ASN A 159 ? SER A 177 ? ASN A 159 SER A 177 1 ? 19 
# 
_struct_conf_type.id          HELX_P 
_struct_conf_type.criteria    ? 
_struct_conf_type.reference   ? 
# 
_struct_sheet.id               AA 
_struct_sheet.type             ? 
_struct_sheet.number_strands   6 
_struct_sheet.details          ? 
# 
loop_
_struct_sheet_order.sheet_id 
_struct_sheet_order.range_id_1 
_struct_sheet_order.range_id_2 
_struct_sheet_order.offset 
_struct_sheet_order.sense 
AA 1 2 ? anti-parallel 
AA 2 3 ? parallel      
AA 3 4 ? parallel      
AA 4 5 ? parallel      
AA 5 6 ? parallel      
# 
loop_
_struct_sheet_range.sheet_id 
_struct_sheet_range.id 
_struct_sheet_range.beg_label_comp_id 
_struct_sheet_range.beg_label_asym_id 
_struct_sheet_range.beg_label_seq_id 
_struct_sheet_range.pdbx_beg_PDB_ins_code 
_struct_sheet_range.end_label_comp_id 
_struct_sheet_range.end_label_asym_id 
_struct_sheet_range.end_label_seq_id 
_struct_sheet_range.pdbx_end_PDB_ins_code 
_struct_sheet_range.beg_auth_comp_id 
_struct_sheet_range.beg_auth_asym_id 
_struct_sheet_range.beg_auth_seq_id 
_struct_sheet_range.end_auth_comp_id 
_struct_sheet_range.end_auth_asym_id 
_struct_sheet_range.end_auth_seq_id 
AA 1 GLU A 46  ? VAL A 54  ? GLU A 46  VAL A 54  
AA 2 LYS A 57  ? ASP A 65  ? LYS A 57  ASP A 65  
AA 3 PHE A 9   ? GLY A 17  ? PHE A 9   GLY A 17  
AA 4 GLY A 85  ? ASP A 91  ? GLY A 85  ASP A 91  
AA 5 VAL A 117 ? ASN A 123 ? VAL A 117 ASN A 123 
AA 6 MET A 148 ? GLU A 151 ? MET A 148 GLU A 151 
# 
loop_
_pdbx_struct_sheet_hbond.sheet_id 
_pdbx_struct_sheet_hbond.range_id_1 
_pdbx_struct_sheet_hbond.range_id_2 
_pdbx_struct_sheet_hbond.range_1_label_atom_id 
_pdbx_struct_sheet_hbond.range_1_label_comp_id 
_pdbx_struct_sheet_hbond.range_1_label_asym_id 
_pdbx_struct_sheet_hbond.range_1_label_seq_id 
_pdbx_struct_sheet_hbond.range_1_PDB_ins_code 
_pdbx_struct_sheet_hbond.range_1_auth_atom_id 
_pdbx_struct_sheet_hbond.range_1_auth_comp_id 
_pdbx_struct_sheet_hbond.range_1_auth_asym_id 
_pdbx_struct_sheet_hbond.range_1_auth_seq_id 
_pdbx_struct_sheet_hbond.range_2_label_atom_id 
_pdbx_struct_sheet_hbond.range_2_label_comp_id 
_pdbx_struct_sheet_hbond.range_2_label_asym_id 
_pdbx_struct_sheet_hbond.range_2_label_seq_id 
_pdbx_struct_sheet_hbond.range_2_PDB_ins_code 
_pdbx_struct_sheet_hbond.range_2_auth_atom_id 
_pdbx_struct_sheet_hbond.range_2_auth_comp_id 
_pdbx_struct_sheet_hbond.range_2_auth_asym_id 
_pdbx_struct_sheet_hbond.range_2_auth_seq_id 
AA 1 2 N VAL A 54  ? N VAL A 54  O LYS A 57  ? O LYS A 57  
AA 2 3 N LYS A 60  ? N LYS A 60  O PHE A 9   ? O PHE A 9   
AA 3 4 N LEU A 14  ? N LEU A 14  O GLY A 85  ? O GLY A 85  
AA 4 5 N ALA A 86  ? N ALA A 86  O VAL A 117 ? O VAL A 117 
AA 5 6 N LEU A 120 ? N LEU A 120 O MET A 148 ? O MET A 148 
# 
loop_
_struct_site.id 
_struct_site.pdbx_evidence_code 
_struct_site.pdbx_auth_asym_id 
_struct_site.pdbx_auth_comp_id 
_struct_site.pdbx_auth_seq_id 
_struct_site.pdbx_auth_ins_code 
_struct_site.pdbx_num_residues 
_struct_site.details 
AC1 Software ? ? ? ? 25 'BINDING SITE FOR RESIDUE GDP A1187' 
AC2 Software ? ? ? ? 8  'BINDING SITE FOR RESIDUE GOL A1188' 
AC3 Software ? ? ? ? 7  'BINDING SITE FOR RESIDUE GOL A1189' 
# 
loop_
_struct_site_gen.id 
_struct_site_gen.site_id 
_struct_site_gen.pdbx_num_res 
_struct_site_gen.label_comp_id 
_struct_site_gen.label_asym_id 
_struct_site_gen.label_seq_id 
_struct_site_gen.pdbx_auth_ins_code 
_struct_site_gen.auth_comp_id 
_struct_site_gen.auth_asym_id 
_struct_site_gen.auth_seq_id 
_struct_site_gen.label_atom_id 
_struct_site_gen.label_alt_id 
_struct_site_gen.symmetry 
_struct_site_gen.details 
1  AC1 25 GLY A 20  ? GLY A 20   . ? 1_555 ? 
2  AC1 25 THR A 21  ? THR A 21   . ? 1_555 ? 
3  AC1 25 GLY A 22  ? GLY A 22   . ? 1_555 ? 
4  AC1 25 LYS A 23  ? LYS A 23   . ? 1_555 ? 
5  AC1 25 SER A 24  ? SER A 24   . ? 1_555 ? 
6  AC1 25 CYS A 25  ? CYS A 25   . ? 1_555 ? 
7  AC1 25 PHE A 35  ? PHE A 35   . ? 1_555 ? 
8  AC1 25 GLY A 55  ? GLY A 55   . ? 1_555 ? 
9  AC1 25 LYS A 57  ? LYS A 57   . ? 1_555 ? 
10 AC1 25 ALA A 67  ? ALA A 67   . ? 1_555 ? 
11 AC1 25 MET A 110 ? MET A 110  . ? 1_555 ? 
12 AC1 25 ASN A 123 ? ASN A 123  . ? 1_555 ? 
13 AC1 25 LYS A 124 ? LYS A 124  . ? 1_555 ? 
14 AC1 25 ASP A 126 ? ASP A 126  . ? 1_555 ? 
15 AC1 25 LEU A 127 ? LEU A 127  . ? 1_555 ? 
16 AC1 25 SER A 153 ? SER A 153  . ? 1_555 ? 
17 AC1 25 ALA A 154 ? ALA A 154  . ? 1_555 ? 
18 AC1 25 LEU A 155 ? LEU A 155  . ? 1_555 ? 
19 AC1 25 HOH E .   ? HOH A 2049 . ? 1_555 ? 
20 AC1 25 HOH E .   ? HOH A 2050 . ? 1_555 ? 
21 AC1 25 HOH E .   ? HOH A 2201 . ? 1_555 ? 
22 AC1 25 HOH E .   ? HOH A 2202 . ? 1_555 ? 
23 AC1 25 HOH E .   ? HOH A 2203 . ? 1_555 ? 
24 AC1 25 HOH E .   ? HOH A 2204 . ? 1_555 ? 
25 AC1 25 HOH E .   ? HOH A 2205 . ? 1_555 ? 
26 AC2 8  GLU A 70  ? GLU A 70   . ? 1_555 ? 
27 AC2 8  ARG A 71  ? ARG A 71   . ? 1_555 ? 
28 AC2 8  PHE A 72  ? PHE A 72   . ? 1_555 ? 
29 AC2 8  TRP A 104 ? TRP A 104  . ? 1_555 ? 
30 AC2 8  ASP A 107 ? ASP A 107  . ? 1_555 ? 
31 AC2 8  THR A 156 ? THR A 156  . ? 1_555 ? 
32 AC2 8  HOH E .   ? HOH A 2206 . ? 1_555 ? 
33 AC2 8  HOH E .   ? HOH A 2207 . ? 1_555 ? 
34 AC3 7  TYR A 98  ? TYR A 98   . ? 1_555 ? 
35 AC3 7  ASN A 99  ? ASN A 99   . ? 1_555 ? 
36 AC3 7  LEU A 101 ? LEU A 101  . ? 1_555 ? 
37 AC3 7  THR A 102 ? THR A 102  . ? 1_555 ? 
38 AC3 7  PHE A 141 ? PHE A 141  . ? 1_555 ? 
39 AC3 7  HOH E .   ? HOH A 2146 . ? 1_555 ? 
40 AC3 7  HOH E .   ? HOH A 2208 . ? 1_555 ? 
# 
loop_
_pdbx_validate_close_contact.id 
_pdbx_validate_close_contact.PDB_model_num 
_pdbx_validate_close_contact.auth_atom_id_1 
_pdbx_validate_close_contact.auth_asym_id_1 
_pdbx_validate_close_contact.auth_comp_id_1 
_pdbx_validate_close_contact.auth_seq_id_1 
_pdbx_validate_close_contact.PDB_ins_code_1 
_pdbx_validate_close_contact.label_alt_id_1 
_pdbx_validate_close_contact.auth_atom_id_2 
_pdbx_validate_close_contact.auth_asym_id_2 
_pdbx_validate_close_contact.auth_comp_id_2 
_pdbx_validate_close_contact.auth_seq_id_2 
_pdbx_validate_close_contact.PDB_ins_code_2 
_pdbx_validate_close_contact.label_alt_id_2 
_pdbx_validate_close_contact.dist 
1 1 O   A HOH 2089 ? ? O A HOH 2195 ? ? 2.11 
2 1 OG1 A THR 102  ? A O A HOH 2105 ? ? 2.14 
# 
loop_
_pdbx_validate_torsion.id 
_pdbx_validate_torsion.PDB_model_num 
_pdbx_validate_torsion.auth_comp_id 
_pdbx_validate_torsion.auth_asym_id 
_pdbx_validate_torsion.auth_seq_id 
_pdbx_validate_torsion.PDB_ins_code 
_pdbx_validate_torsion.label_alt_id 
_pdbx_validate_torsion.phi 
_pdbx_validate_torsion.psi 
1 1 THR A 6   ? ? -72.39  38.00  
2 1 ARG A 71  ? ? -105.74 50.70  
3 1 PHE A 72  ? ? 128.97  -26.09 
4 1 ALA A 112 ? ? -96.48  -83.63 
5 1 LYS A 124 ? ? 71.63   35.74  
# 
_pdbx_validate_peptide_omega.id               1 
_pdbx_validate_peptide_omega.PDB_model_num    1 
_pdbx_validate_peptide_omega.auth_comp_id_1   ARG 
_pdbx_validate_peptide_omega.auth_asym_id_1   A 
_pdbx_validate_peptide_omega.auth_seq_id_1    71 
_pdbx_validate_peptide_omega.PDB_ins_code_1   ? 
_pdbx_validate_peptide_omega.label_alt_id_1   ? 
_pdbx_validate_peptide_omega.auth_comp_id_2   PHE 
_pdbx_validate_peptide_omega.auth_asym_id_2   A 
_pdbx_validate_peptide_omega.auth_seq_id_2    72 
_pdbx_validate_peptide_omega.PDB_ins_code_2   ? 
_pdbx_validate_peptide_omega.label_alt_id_2   ? 
_pdbx_validate_peptide_omega.omega            131.77 
# 
_pdbx_refine_tls.pdbx_refine_id   'X-RAY DIFFRACTION' 
_pdbx_refine_tls.id               1 
_pdbx_refine_tls.details          ? 
_pdbx_refine_tls.method           refined 
_pdbx_refine_tls.origin_x         -0.1588 
_pdbx_refine_tls.origin_y         -0.1310 
_pdbx_refine_tls.origin_z         -0.0154 
_pdbx_refine_tls.T[1][1]          0.0057 
_pdbx_refine_tls.T[2][2]          0.0121 
_pdbx_refine_tls.T[3][3]          0.0008 
_pdbx_refine_tls.T[1][2]          -0.0067 
_pdbx_refine_tls.T[1][3]          -0.0018 
_pdbx_refine_tls.T[2][3]          0.0010 
_pdbx_refine_tls.L[1][1]          1.4056 
_pdbx_refine_tls.L[2][2]          2.2915 
_pdbx_refine_tls.L[3][3]          1.6227 
_pdbx_refine_tls.L[1][2]          -0.6547 
_pdbx_refine_tls.L[1][3]          -0.1238 
_pdbx_refine_tls.L[2][3]          -0.2867 
_pdbx_refine_tls.S[1][1]          0.0720 
_pdbx_refine_tls.S[1][2]          0.1106 
_pdbx_refine_tls.S[1][3]          0.1184 
_pdbx_refine_tls.S[2][1]          -0.1399 
_pdbx_refine_tls.S[2][2]          -0.0337 
_pdbx_refine_tls.S[2][3]          0.0482 
_pdbx_refine_tls.S[3][1]          -0.1554 
_pdbx_refine_tls.S[3][2]          -0.0730 
_pdbx_refine_tls.S[3][3]          -0.0382 
# 
_pdbx_refine_tls_group.pdbx_refine_id      'X-RAY DIFFRACTION' 
_pdbx_refine_tls_group.id                  1 
_pdbx_refine_tls_group.refine_tls_id       1 
_pdbx_refine_tls_group.beg_auth_asym_id    A 
_pdbx_refine_tls_group.beg_auth_seq_id     5 
_pdbx_refine_tls_group.beg_label_asym_id   ? 
_pdbx_refine_tls_group.beg_label_seq_id    ? 
_pdbx_refine_tls_group.end_auth_asym_id    A 
_pdbx_refine_tls_group.end_auth_seq_id     186 
_pdbx_refine_tls_group.end_label_asym_id   ? 
_pdbx_refine_tls_group.end_label_seq_id    ? 
_pdbx_refine_tls_group.selection           ? 
_pdbx_refine_tls_group.selection_details   ? 
# 
loop_
_pdbx_distant_solvent_atoms.id 
_pdbx_distant_solvent_atoms.PDB_model_num 
_pdbx_distant_solvent_atoms.auth_atom_id 
_pdbx_distant_solvent_atoms.label_alt_id 
_pdbx_distant_solvent_atoms.auth_asym_id 
_pdbx_distant_solvent_atoms.auth_comp_id 
_pdbx_distant_solvent_atoms.auth_seq_id 
_pdbx_distant_solvent_atoms.PDB_ins_code 
_pdbx_distant_solvent_atoms.neighbor_macromolecule_distance 
_pdbx_distant_solvent_atoms.neighbor_ligand_distance 
1 1 O ? A HOH 2011 ? 6.93 . 
2 1 O ? A HOH 2023 ? 6.83 . 
# 
loop_
_pdbx_unobs_or_zero_occ_residues.id 
_pdbx_unobs_or_zero_occ_residues.PDB_model_num 
_pdbx_unobs_or_zero_occ_residues.polymer_flag 
_pdbx_unobs_or_zero_occ_residues.occupancy_flag 
_pdbx_unobs_or_zero_occ_residues.auth_asym_id 
_pdbx_unobs_or_zero_occ_residues.auth_comp_id 
_pdbx_unobs_or_zero_occ_residues.auth_seq_id 
_pdbx_unobs_or_zero_occ_residues.PDB_ins_code 
_pdbx_unobs_or_zero_occ_residues.label_asym_id 
_pdbx_unobs_or_zero_occ_residues.label_comp_id 
_pdbx_unobs_or_zero_occ_residues.label_seq_id 
1  1 Y 1 A GLY 1  ? A GLY 1  
2  1 Y 1 A HIS 2  ? A HIS 2  
3  1 Y 1 A MET 3  ? A MET 3  
4  1 Y 1 A SER 4  ? A SER 4  
5  1 Y 1 A ASP 37 ? A ASP 37 
6  1 Y 1 A ASP 38 ? A ASP 38 
7  1 Y 1 A SER 39 ? A SER 39 
8  1 Y 1 A ASN 40 ? A ASN 40 
9  1 Y 1 A HIS 41 ? A HIS 41 
10 1 Y 1 A THR 42 ? A THR 42 
11 1 Y 1 A ILE 43 ? A ILE 43 
12 1 Y 1 A GLY 44 ? A GLY 44 
13 1 Y 1 A VAL 45 ? A VAL 45 
# 
loop_
_chem_comp_atom.comp_id 
_chem_comp_atom.atom_id 
_chem_comp_atom.type_symbol 
_chem_comp_atom.pdbx_aromatic_flag 
_chem_comp_atom.pdbx_stereo_config 
_chem_comp_atom.pdbx_ordinal 
ALA N      N N N 1   
ALA CA     C N S 2   
ALA C      C N N 3   
ALA O      O N N 4   
ALA CB     C N N 5   
ALA OXT    O N N 6   
ALA H      H N N 7   
ALA H2     H N N 8   
ALA HA     H N N 9   
ALA HB1    H N N 10  
ALA HB2    H N N 11  
ALA HB3    H N N 12  
ALA HXT    H N N 13  
ARG N      N N N 14  
ARG CA     C N S 15  
ARG C      C N N 16  
ARG O      O N N 17  
ARG CB     C N N 18  
ARG CG     C N N 19  
ARG CD     C N N 20  
ARG NE     N N N 21  
ARG CZ     C N N 22  
ARG NH1    N N N 23  
ARG NH2    N N N 24  
ARG OXT    O N N 25  
ARG H      H N N 26  
ARG H2     H N N 27  
ARG HA     H N N 28  
ARG HB2    H N N 29  
ARG HB3    H N N 30  
ARG HG2    H N N 31  
ARG HG3    H N N 32  
ARG HD2    H N N 33  
ARG HD3    H N N 34  
ARG HE     H N N 35  
ARG HH11   H N N 36  
ARG HH12   H N N 37  
ARG HH21   H N N 38  
ARG HH22   H N N 39  
ARG HXT    H N N 40  
ASN N      N N N 41  
ASN CA     C N S 42  
ASN C      C N N 43  
ASN O      O N N 44  
ASN CB     C N N 45  
ASN CG     C N N 46  
ASN OD1    O N N 47  
ASN ND2    N N N 48  
ASN OXT    O N N 49  
ASN H      H N N 50  
ASN H2     H N N 51  
ASN HA     H N N 52  
ASN HB2    H N N 53  
ASN HB3    H N N 54  
ASN HD21   H N N 55  
ASN HD22   H N N 56  
ASN HXT    H N N 57  
ASP N      N N N 58  
ASP CA     C N S 59  
ASP C      C N N 60  
ASP O      O N N 61  
ASP CB     C N N 62  
ASP CG     C N N 63  
ASP OD1    O N N 64  
ASP OD2    O N N 65  
ASP OXT    O N N 66  
ASP H      H N N 67  
ASP H2     H N N 68  
ASP HA     H N N 69  
ASP HB2    H N N 70  
ASP HB3    H N N 71  
ASP HD2    H N N 72  
ASP HXT    H N N 73  
CYS N      N N N 74  
CYS CA     C N R 75  
CYS C      C N N 76  
CYS O      O N N 77  
CYS CB     C N N 78  
CYS SG     S N N 79  
CYS OXT    O N N 80  
CYS H      H N N 81  
CYS H2     H N N 82  
CYS HA     H N N 83  
CYS HB2    H N N 84  
CYS HB3    H N N 85  
CYS HG     H N N 86  
CYS HXT    H N N 87  
GDP PB     P N N 88  
GDP O1B    O N N 89  
GDP O2B    O N N 90  
GDP O3B    O N N 91  
GDP O3A    O N N 92  
GDP PA     P N N 93  
GDP O1A    O N N 94  
GDP O2A    O N N 95  
GDP "O5'"  O N N 96  
GDP "C5'"  C N N 97  
GDP "C4'"  C N R 98  
GDP "O4'"  O N N 99  
GDP "C3'"  C N S 100 
GDP "O3'"  O N N 101 
GDP "C2'"  C N R 102 
GDP "O2'"  O N N 103 
GDP "C1'"  C N R 104 
GDP N9     N Y N 105 
GDP C8     C Y N 106 
GDP N7     N Y N 107 
GDP C5     C Y N 108 
GDP C6     C N N 109 
GDP O6     O N N 110 
GDP N1     N N N 111 
GDP C2     C N N 112 
GDP N2     N N N 113 
GDP N3     N N N 114 
GDP C4     C Y N 115 
GDP HOB2   H N N 116 
GDP HOB3   H N N 117 
GDP HOA2   H N N 118 
GDP "H5'"  H N N 119 
GDP "H5''" H N N 120 
GDP "H4'"  H N N 121 
GDP "H3'"  H N N 122 
GDP "HO3'" H N N 123 
GDP "H2'"  H N N 124 
GDP "HO2'" H N N 125 
GDP "H1'"  H N N 126 
GDP H8     H N N 127 
GDP HN1    H N N 128 
GDP HN21   H N N 129 
GDP HN22   H N N 130 
GLN N      N N N 131 
GLN CA     C N S 132 
GLN C      C N N 133 
GLN O      O N N 134 
GLN CB     C N N 135 
GLN CG     C N N 136 
GLN CD     C N N 137 
GLN OE1    O N N 138 
GLN NE2    N N N 139 
GLN OXT    O N N 140 
GLN H      H N N 141 
GLN H2     H N N 142 
GLN HA     H N N 143 
GLN HB2    H N N 144 
GLN HB3    H N N 145 
GLN HG2    H N N 146 
GLN HG3    H N N 147 
GLN HE21   H N N 148 
GLN HE22   H N N 149 
GLN HXT    H N N 150 
GLU N      N N N 151 
GLU CA     C N S 152 
GLU C      C N N 153 
GLU O      O N N 154 
GLU CB     C N N 155 
GLU CG     C N N 156 
GLU CD     C N N 157 
GLU OE1    O N N 158 
GLU OE2    O N N 159 
GLU OXT    O N N 160 
GLU H      H N N 161 
GLU H2     H N N 162 
GLU HA     H N N 163 
GLU HB2    H N N 164 
GLU HB3    H N N 165 
GLU HG2    H N N 166 
GLU HG3    H N N 167 
GLU HE2    H N N 168 
GLU HXT    H N N 169 
GLY N      N N N 170 
GLY CA     C N N 171 
GLY C      C N N 172 
GLY O      O N N 173 
GLY OXT    O N N 174 
GLY H      H N N 175 
GLY H2     H N N 176 
GLY HA2    H N N 177 
GLY HA3    H N N 178 
GLY HXT    H N N 179 
GOL C1     C N N 180 
GOL O1     O N N 181 
GOL C2     C N N 182 
GOL O2     O N N 183 
GOL C3     C N N 184 
GOL O3     O N N 185 
GOL H11    H N N 186 
GOL H12    H N N 187 
GOL HO1    H N N 188 
GOL H2     H N N 189 
GOL HO2    H N N 190 
GOL H31    H N N 191 
GOL H32    H N N 192 
GOL HO3    H N N 193 
HIS N      N N N 194 
HIS CA     C N S 195 
HIS C      C N N 196 
HIS O      O N N 197 
HIS CB     C N N 198 
HIS CG     C Y N 199 
HIS ND1    N Y N 200 
HIS CD2    C Y N 201 
HIS CE1    C Y N 202 
HIS NE2    N Y N 203 
HIS OXT    O N N 204 
HIS H      H N N 205 
HIS H2     H N N 206 
HIS HA     H N N 207 
HIS HB2    H N N 208 
HIS HB3    H N N 209 
HIS HD1    H N N 210 
HIS HD2    H N N 211 
HIS HE1    H N N 212 
HIS HE2    H N N 213 
HIS HXT    H N N 214 
HOH O      O N N 215 
HOH H1     H N N 216 
HOH H2     H N N 217 
ILE N      N N N 218 
ILE CA     C N S 219 
ILE C      C N N 220 
ILE O      O N N 221 
ILE CB     C N S 222 
ILE CG1    C N N 223 
ILE CG2    C N N 224 
ILE CD1    C N N 225 
ILE OXT    O N N 226 
ILE H      H N N 227 
ILE H2     H N N 228 
ILE HA     H N N 229 
ILE HB     H N N 230 
ILE HG12   H N N 231 
ILE HG13   H N N 232 
ILE HG21   H N N 233 
ILE HG22   H N N 234 
ILE HG23   H N N 235 
ILE HD11   H N N 236 
ILE HD12   H N N 237 
ILE HD13   H N N 238 
ILE HXT    H N N 239 
LEU N      N N N 240 
LEU CA     C N S 241 
LEU C      C N N 242 
LEU O      O N N 243 
LEU CB     C N N 244 
LEU CG     C N N 245 
LEU CD1    C N N 246 
LEU CD2    C N N 247 
LEU OXT    O N N 248 
LEU H      H N N 249 
LEU H2     H N N 250 
LEU HA     H N N 251 
LEU HB2    H N N 252 
LEU HB3    H N N 253 
LEU HG     H N N 254 
LEU HD11   H N N 255 
LEU HD12   H N N 256 
LEU HD13   H N N 257 
LEU HD21   H N N 258 
LEU HD22   H N N 259 
LEU HD23   H N N 260 
LEU HXT    H N N 261 
LYS N      N N N 262 
LYS CA     C N S 263 
LYS C      C N N 264 
LYS O      O N N 265 
LYS CB     C N N 266 
LYS CG     C N N 267 
LYS CD     C N N 268 
LYS CE     C N N 269 
LYS NZ     N N N 270 
LYS OXT    O N N 271 
LYS H      H N N 272 
LYS H2     H N N 273 
LYS HA     H N N 274 
LYS HB2    H N N 275 
LYS HB3    H N N 276 
LYS HG2    H N N 277 
LYS HG3    H N N 278 
LYS HD2    H N N 279 
LYS HD3    H N N 280 
LYS HE2    H N N 281 
LYS HE3    H N N 282 
LYS HZ1    H N N 283 
LYS HZ2    H N N 284 
LYS HZ3    H N N 285 
LYS HXT    H N N 286 
MET N      N N N 287 
MET CA     C N S 288 
MET C      C N N 289 
MET O      O N N 290 
MET CB     C N N 291 
MET CG     C N N 292 
MET SD     S N N 293 
MET CE     C N N 294 
MET OXT    O N N 295 
MET H      H N N 296 
MET H2     H N N 297 
MET HA     H N N 298 
MET HB2    H N N 299 
MET HB3    H N N 300 
MET HG2    H N N 301 
MET HG3    H N N 302 
MET HE1    H N N 303 
MET HE2    H N N 304 
MET HE3    H N N 305 
MET HXT    H N N 306 
PHE N      N N N 307 
PHE CA     C N S 308 
PHE C      C N N 309 
PHE O      O N N 310 
PHE CB     C N N 311 
PHE CG     C Y N 312 
PHE CD1    C Y N 313 
PHE CD2    C Y N 314 
PHE CE1    C Y N 315 
PHE CE2    C Y N 316 
PHE CZ     C Y N 317 
PHE OXT    O N N 318 
PHE H      H N N 319 
PHE H2     H N N 320 
PHE HA     H N N 321 
PHE HB2    H N N 322 
PHE HB3    H N N 323 
PHE HD1    H N N 324 
PHE HD2    H N N 325 
PHE HE1    H N N 326 
PHE HE2    H N N 327 
PHE HZ     H N N 328 
PHE HXT    H N N 329 
PRO N      N N N 330 
PRO CA     C N S 331 
PRO C      C N N 332 
PRO O      O N N 333 
PRO CB     C N N 334 
PRO CG     C N N 335 
PRO CD     C N N 336 
PRO OXT    O N N 337 
PRO H      H N N 338 
PRO HA     H N N 339 
PRO HB2    H N N 340 
PRO HB3    H N N 341 
PRO HG2    H N N 342 
PRO HG3    H N N 343 
PRO HD2    H N N 344 
PRO HD3    H N N 345 
PRO HXT    H N N 346 
SER N      N N N 347 
SER CA     C N S 348 
SER C      C N N 349 
SER O      O N N 350 
SER CB     C N N 351 
SER OG     O N N 352 
SER OXT    O N N 353 
SER H      H N N 354 
SER H2     H N N 355 
SER HA     H N N 356 
SER HB2    H N N 357 
SER HB3    H N N 358 
SER HG     H N N 359 
SER HXT    H N N 360 
THR N      N N N 361 
THR CA     C N S 362 
THR C      C N N 363 
THR O      O N N 364 
THR CB     C N R 365 
THR OG1    O N N 366 
THR CG2    C N N 367 
THR OXT    O N N 368 
THR H      H N N 369 
THR H2     H N N 370 
THR HA     H N N 371 
THR HB     H N N 372 
THR HG1    H N N 373 
THR HG21   H N N 374 
THR HG22   H N N 375 
THR HG23   H N N 376 
THR HXT    H N N 377 
TRP N      N N N 378 
TRP CA     C N S 379 
TRP C      C N N 380 
TRP O      O N N 381 
TRP CB     C N N 382 
TRP CG     C Y N 383 
TRP CD1    C Y N 384 
TRP CD2    C Y N 385 
TRP NE1    N Y N 386 
TRP CE2    C Y N 387 
TRP CE3    C Y N 388 
TRP CZ2    C Y N 389 
TRP CZ3    C Y N 390 
TRP CH2    C Y N 391 
TRP OXT    O N N 392 
TRP H      H N N 393 
TRP H2     H N N 394 
TRP HA     H N N 395 
TRP HB2    H N N 396 
TRP HB3    H N N 397 
TRP HD1    H N N 398 
TRP HE1    H N N 399 
TRP HE3    H N N 400 
TRP HZ2    H N N 401 
TRP HZ3    H N N 402 
TRP HH2    H N N 403 
TRP HXT    H N N 404 
TYR N      N N N 405 
TYR CA     C N S 406 
TYR C      C N N 407 
TYR O      O N N 408 
TYR CB     C N N 409 
TYR CG     C Y N 410 
TYR CD1    C Y N 411 
TYR CD2    C Y N 412 
TYR CE1    C Y N 413 
TYR CE2    C Y N 414 
TYR CZ     C Y N 415 
TYR OH     O N N 416 
TYR OXT    O N N 417 
TYR H      H N N 418 
TYR H2     H N N 419 
TYR HA     H N N 420 
TYR HB2    H N N 421 
TYR HB3    H N N 422 
TYR HD1    H N N 423 
TYR HD2    H N N 424 
TYR HE1    H N N 425 
TYR HE2    H N N 426 
TYR HH     H N N 427 
TYR HXT    H N N 428 
VAL N      N N N 429 
VAL CA     C N S 430 
VAL C      C N N 431 
VAL O      O N N 432 
VAL CB     C N N 433 
VAL CG1    C N N 434 
VAL CG2    C N N 435 
VAL OXT    O N N 436 
VAL H      H N N 437 
VAL H2     H N N 438 
VAL HA     H N N 439 
VAL HB     H N N 440 
VAL HG11   H N N 441 
VAL HG12   H N N 442 
VAL HG13   H N N 443 
VAL HG21   H N N 444 
VAL HG22   H N N 445 
VAL HG23   H N N 446 
VAL HXT    H N N 447 
# 
loop_
_chem_comp_bond.comp_id 
_chem_comp_bond.atom_id_1 
_chem_comp_bond.atom_id_2 
_chem_comp_bond.value_order 
_chem_comp_bond.pdbx_aromatic_flag 
_chem_comp_bond.pdbx_stereo_config 
_chem_comp_bond.pdbx_ordinal 
ALA N     CA     sing N N 1   
ALA N     H      sing N N 2   
ALA N     H2     sing N N 3   
ALA CA    C      sing N N 4   
ALA CA    CB     sing N N 5   
ALA CA    HA     sing N N 6   
ALA C     O      doub N N 7   
ALA C     OXT    sing N N 8   
ALA CB    HB1    sing N N 9   
ALA CB    HB2    sing N N 10  
ALA CB    HB3    sing N N 11  
ALA OXT   HXT    sing N N 12  
ARG N     CA     sing N N 13  
ARG N     H      sing N N 14  
ARG N     H2     sing N N 15  
ARG CA    C      sing N N 16  
ARG CA    CB     sing N N 17  
ARG CA    HA     sing N N 18  
ARG C     O      doub N N 19  
ARG C     OXT    sing N N 20  
ARG CB    CG     sing N N 21  
ARG CB    HB2    sing N N 22  
ARG CB    HB3    sing N N 23  
ARG CG    CD     sing N N 24  
ARG CG    HG2    sing N N 25  
ARG CG    HG3    sing N N 26  
ARG CD    NE     sing N N 27  
ARG CD    HD2    sing N N 28  
ARG CD    HD3    sing N N 29  
ARG NE    CZ     sing N N 30  
ARG NE    HE     sing N N 31  
ARG CZ    NH1    sing N N 32  
ARG CZ    NH2    doub N N 33  
ARG NH1   HH11   sing N N 34  
ARG NH1   HH12   sing N N 35  
ARG NH2   HH21   sing N N 36  
ARG NH2   HH22   sing N N 37  
ARG OXT   HXT    sing N N 38  
ASN N     CA     sing N N 39  
ASN N     H      sing N N 40  
ASN N     H2     sing N N 41  
ASN CA    C      sing N N 42  
ASN CA    CB     sing N N 43  
ASN CA    HA     sing N N 44  
ASN C     O      doub N N 45  
ASN C     OXT    sing N N 46  
ASN CB    CG     sing N N 47  
ASN CB    HB2    sing N N 48  
ASN CB    HB3    sing N N 49  
ASN CG    OD1    doub N N 50  
ASN CG    ND2    sing N N 51  
ASN ND2   HD21   sing N N 52  
ASN ND2   HD22   sing N N 53  
ASN OXT   HXT    sing N N 54  
ASP N     CA     sing N N 55  
ASP N     H      sing N N 56  
ASP N     H2     sing N N 57  
ASP CA    C      sing N N 58  
ASP CA    CB     sing N N 59  
ASP CA    HA     sing N N 60  
ASP C     O      doub N N 61  
ASP C     OXT    sing N N 62  
ASP CB    CG     sing N N 63  
ASP CB    HB2    sing N N 64  
ASP CB    HB3    sing N N 65  
ASP CG    OD1    doub N N 66  
ASP CG    OD2    sing N N 67  
ASP OD2   HD2    sing N N 68  
ASP OXT   HXT    sing N N 69  
CYS N     CA     sing N N 70  
CYS N     H      sing N N 71  
CYS N     H2     sing N N 72  
CYS CA    C      sing N N 73  
CYS CA    CB     sing N N 74  
CYS CA    HA     sing N N 75  
CYS C     O      doub N N 76  
CYS C     OXT    sing N N 77  
CYS CB    SG     sing N N 78  
CYS CB    HB2    sing N N 79  
CYS CB    HB3    sing N N 80  
CYS SG    HG     sing N N 81  
CYS OXT   HXT    sing N N 82  
GDP PB    O1B    doub N N 83  
GDP PB    O2B    sing N N 84  
GDP PB    O3B    sing N N 85  
GDP PB    O3A    sing N N 86  
GDP O2B   HOB2   sing N N 87  
GDP O3B   HOB3   sing N N 88  
GDP O3A   PA     sing N N 89  
GDP PA    O1A    doub N N 90  
GDP PA    O2A    sing N N 91  
GDP PA    "O5'"  sing N N 92  
GDP O2A   HOA2   sing N N 93  
GDP "O5'" "C5'"  sing N N 94  
GDP "C5'" "C4'"  sing N N 95  
GDP "C5'" "H5'"  sing N N 96  
GDP "C5'" "H5''" sing N N 97  
GDP "C4'" "O4'"  sing N N 98  
GDP "C4'" "C3'"  sing N N 99  
GDP "C4'" "H4'"  sing N N 100 
GDP "O4'" "C1'"  sing N N 101 
GDP "C3'" "O3'"  sing N N 102 
GDP "C3'" "C2'"  sing N N 103 
GDP "C3'" "H3'"  sing N N 104 
GDP "O3'" "HO3'" sing N N 105 
GDP "C2'" "O2'"  sing N N 106 
GDP "C2'" "C1'"  sing N N 107 
GDP "C2'" "H2'"  sing N N 108 
GDP "O2'" "HO2'" sing N N 109 
GDP "C1'" N9     sing N N 110 
GDP "C1'" "H1'"  sing N N 111 
GDP N9    C8     sing Y N 112 
GDP N9    C4     sing Y N 113 
GDP C8    N7     doub Y N 114 
GDP C8    H8     sing N N 115 
GDP N7    C5     sing Y N 116 
GDP C5    C6     sing N N 117 
GDP C5    C4     doub Y N 118 
GDP C6    O6     doub N N 119 
GDP C6    N1     sing N N 120 
GDP N1    C2     sing N N 121 
GDP N1    HN1    sing N N 122 
GDP C2    N2     sing N N 123 
GDP C2    N3     doub N N 124 
GDP N2    HN21   sing N N 125 
GDP N2    HN22   sing N N 126 
GDP N3    C4     sing N N 127 
GLN N     CA     sing N N 128 
GLN N     H      sing N N 129 
GLN N     H2     sing N N 130 
GLN CA    C      sing N N 131 
GLN CA    CB     sing N N 132 
GLN CA    HA     sing N N 133 
GLN C     O      doub N N 134 
GLN C     OXT    sing N N 135 
GLN CB    CG     sing N N 136 
GLN CB    HB2    sing N N 137 
GLN CB    HB3    sing N N 138 
GLN CG    CD     sing N N 139 
GLN CG    HG2    sing N N 140 
GLN CG    HG3    sing N N 141 
GLN CD    OE1    doub N N 142 
GLN CD    NE2    sing N N 143 
GLN NE2   HE21   sing N N 144 
GLN NE2   HE22   sing N N 145 
GLN OXT   HXT    sing N N 146 
GLU N     CA     sing N N 147 
GLU N     H      sing N N 148 
GLU N     H2     sing N N 149 
GLU CA    C      sing N N 150 
GLU CA    CB     sing N N 151 
GLU CA    HA     sing N N 152 
GLU C     O      doub N N 153 
GLU C     OXT    sing N N 154 
GLU CB    CG     sing N N 155 
GLU CB    HB2    sing N N 156 
GLU CB    HB3    sing N N 157 
GLU CG    CD     sing N N 158 
GLU CG    HG2    sing N N 159 
GLU CG    HG3    sing N N 160 
GLU CD    OE1    doub N N 161 
GLU CD    OE2    sing N N 162 
GLU OE2   HE2    sing N N 163 
GLU OXT   HXT    sing N N 164 
GLY N     CA     sing N N 165 
GLY N     H      sing N N 166 
GLY N     H2     sing N N 167 
GLY CA    C      sing N N 168 
GLY CA    HA2    sing N N 169 
GLY CA    HA3    sing N N 170 
GLY C     O      doub N N 171 
GLY C     OXT    sing N N 172 
GLY OXT   HXT    sing N N 173 
GOL C1    O1     sing N N 174 
GOL C1    C2     sing N N 175 
GOL C1    H11    sing N N 176 
GOL C1    H12    sing N N 177 
GOL O1    HO1    sing N N 178 
GOL C2    O2     sing N N 179 
GOL C2    C3     sing N N 180 
GOL C2    H2     sing N N 181 
GOL O2    HO2    sing N N 182 
GOL C3    O3     sing N N 183 
GOL C3    H31    sing N N 184 
GOL C3    H32    sing N N 185 
GOL O3    HO3    sing N N 186 
HIS N     CA     sing N N 187 
HIS N     H      sing N N 188 
HIS N     H2     sing N N 189 
HIS CA    C      sing N N 190 
HIS CA    CB     sing N N 191 
HIS CA    HA     sing N N 192 
HIS C     O      doub N N 193 
HIS C     OXT    sing N N 194 
HIS CB    CG     sing N N 195 
HIS CB    HB2    sing N N 196 
HIS CB    HB3    sing N N 197 
HIS CG    ND1    sing Y N 198 
HIS CG    CD2    doub Y N 199 
HIS ND1   CE1    doub Y N 200 
HIS ND1   HD1    sing N N 201 
HIS CD2   NE2    sing Y N 202 
HIS CD2   HD2    sing N N 203 
HIS CE1   NE2    sing Y N 204 
HIS CE1   HE1    sing N N 205 
HIS NE2   HE2    sing N N 206 
HIS OXT   HXT    sing N N 207 
HOH O     H1     sing N N 208 
HOH O     H2     sing N N 209 
ILE N     CA     sing N N 210 
ILE N     H      sing N N 211 
ILE N     H2     sing N N 212 
ILE CA    C      sing N N 213 
ILE CA    CB     sing N N 214 
ILE CA    HA     sing N N 215 
ILE C     O      doub N N 216 
ILE C     OXT    sing N N 217 
ILE CB    CG1    sing N N 218 
ILE CB    CG2    sing N N 219 
ILE CB    HB     sing N N 220 
ILE CG1   CD1    sing N N 221 
ILE CG1   HG12   sing N N 222 
ILE CG1   HG13   sing N N 223 
ILE CG2   HG21   sing N N 224 
ILE CG2   HG22   sing N N 225 
ILE CG2   HG23   sing N N 226 
ILE CD1   HD11   sing N N 227 
ILE CD1   HD12   sing N N 228 
ILE CD1   HD13   sing N N 229 
ILE OXT   HXT    sing N N 230 
LEU N     CA     sing N N 231 
LEU N     H      sing N N 232 
LEU N     H2     sing N N 233 
LEU CA    C      sing N N 234 
LEU CA    CB     sing N N 235 
LEU CA    HA     sing N N 236 
LEU C     O      doub N N 237 
LEU C     OXT    sing N N 238 
LEU CB    CG     sing N N 239 
LEU CB    HB2    sing N N 240 
LEU CB    HB3    sing N N 241 
LEU CG    CD1    sing N N 242 
LEU CG    CD2    sing N N 243 
LEU CG    HG     sing N N 244 
LEU CD1   HD11   sing N N 245 
LEU CD1   HD12   sing N N 246 
LEU CD1   HD13   sing N N 247 
LEU CD2   HD21   sing N N 248 
LEU CD2   HD22   sing N N 249 
LEU CD2   HD23   sing N N 250 
LEU OXT   HXT    sing N N 251 
LYS N     CA     sing N N 252 
LYS N     H      sing N N 253 
LYS N     H2     sing N N 254 
LYS CA    C      sing N N 255 
LYS CA    CB     sing N N 256 
LYS CA    HA     sing N N 257 
LYS C     O      doub N N 258 
LYS C     OXT    sing N N 259 
LYS CB    CG     sing N N 260 
LYS CB    HB2    sing N N 261 
LYS CB    HB3    sing N N 262 
LYS CG    CD     sing N N 263 
LYS CG    HG2    sing N N 264 
LYS CG    HG3    sing N N 265 
LYS CD    CE     sing N N 266 
LYS CD    HD2    sing N N 267 
LYS CD    HD3    sing N N 268 
LYS CE    NZ     sing N N 269 
LYS CE    HE2    sing N N 270 
LYS CE    HE3    sing N N 271 
LYS NZ    HZ1    sing N N 272 
LYS NZ    HZ2    sing N N 273 
LYS NZ    HZ3    sing N N 274 
LYS OXT   HXT    sing N N 275 
MET N     CA     sing N N 276 
MET N     H      sing N N 277 
MET N     H2     sing N N 278 
MET CA    C      sing N N 279 
MET CA    CB     sing N N 280 
MET CA    HA     sing N N 281 
MET C     O      doub N N 282 
MET C     OXT    sing N N 283 
MET CB    CG     sing N N 284 
MET CB    HB2    sing N N 285 
MET CB    HB3    sing N N 286 
MET CG    SD     sing N N 287 
MET CG    HG2    sing N N 288 
MET CG    HG3    sing N N 289 
MET SD    CE     sing N N 290 
MET CE    HE1    sing N N 291 
MET CE    HE2    sing N N 292 
MET CE    HE3    sing N N 293 
MET OXT   HXT    sing N N 294 
PHE N     CA     sing N N 295 
PHE N     H      sing N N 296 
PHE N     H2     sing N N 297 
PHE CA    C      sing N N 298 
PHE CA    CB     sing N N 299 
PHE CA    HA     sing N N 300 
PHE C     O      doub N N 301 
PHE C     OXT    sing N N 302 
PHE CB    CG     sing N N 303 
PHE CB    HB2    sing N N 304 
PHE CB    HB3    sing N N 305 
PHE CG    CD1    doub Y N 306 
PHE CG    CD2    sing Y N 307 
PHE CD1   CE1    sing Y N 308 
PHE CD1   HD1    sing N N 309 
PHE CD2   CE2    doub Y N 310 
PHE CD2   HD2    sing N N 311 
PHE CE1   CZ     doub Y N 312 
PHE CE1   HE1    sing N N 313 
PHE CE2   CZ     sing Y N 314 
PHE CE2   HE2    sing N N 315 
PHE CZ    HZ     sing N N 316 
PHE OXT   HXT    sing N N 317 
PRO N     CA     sing N N 318 
PRO N     CD     sing N N 319 
PRO N     H      sing N N 320 
PRO CA    C      sing N N 321 
PRO CA    CB     sing N N 322 
PRO CA    HA     sing N N 323 
PRO C     O      doub N N 324 
PRO C     OXT    sing N N 325 
PRO CB    CG     sing N N 326 
PRO CB    HB2    sing N N 327 
PRO CB    HB3    sing N N 328 
PRO CG    CD     sing N N 329 
PRO CG    HG2    sing N N 330 
PRO CG    HG3    sing N N 331 
PRO CD    HD2    sing N N 332 
PRO CD    HD3    sing N N 333 
PRO OXT   HXT    sing N N 334 
SER N     CA     sing N N 335 
SER N     H      sing N N 336 
SER N     H2     sing N N 337 
SER CA    C      sing N N 338 
SER CA    CB     sing N N 339 
SER CA    HA     sing N N 340 
SER C     O      doub N N 341 
SER C     OXT    sing N N 342 
SER CB    OG     sing N N 343 
SER CB    HB2    sing N N 344 
SER CB    HB3    sing N N 345 
SER OG    HG     sing N N 346 
SER OXT   HXT    sing N N 347 
THR N     CA     sing N N 348 
THR N     H      sing N N 349 
THR N     H2     sing N N 350 
THR CA    C      sing N N 351 
THR CA    CB     sing N N 352 
THR CA    HA     sing N N 353 
THR C     O      doub N N 354 
THR C     OXT    sing N N 355 
THR CB    OG1    sing N N 356 
THR CB    CG2    sing N N 357 
THR CB    HB     sing N N 358 
THR OG1   HG1    sing N N 359 
THR CG2   HG21   sing N N 360 
THR CG2   HG22   sing N N 361 
THR CG2   HG23   sing N N 362 
THR OXT   HXT    sing N N 363 
TRP N     CA     sing N N 364 
TRP N     H      sing N N 365 
TRP N     H2     sing N N 366 
TRP CA    C      sing N N 367 
TRP CA    CB     sing N N 368 
TRP CA    HA     sing N N 369 
TRP C     O      doub N N 370 
TRP C     OXT    sing N N 371 
TRP CB    CG     sing N N 372 
TRP CB    HB2    sing N N 373 
TRP CB    HB3    sing N N 374 
TRP CG    CD1    doub Y N 375 
TRP CG    CD2    sing Y N 376 
TRP CD1   NE1    sing Y N 377 
TRP CD1   HD1    sing N N 378 
TRP CD2   CE2    doub Y N 379 
TRP CD2   CE3    sing Y N 380 
TRP NE1   CE2    sing Y N 381 
TRP NE1   HE1    sing N N 382 
TRP CE2   CZ2    sing Y N 383 
TRP CE3   CZ3    doub Y N 384 
TRP CE3   HE3    sing N N 385 
TRP CZ2   CH2    doub Y N 386 
TRP CZ2   HZ2    sing N N 387 
TRP CZ3   CH2    sing Y N 388 
TRP CZ3   HZ3    sing N N 389 
TRP CH2   HH2    sing N N 390 
TRP OXT   HXT    sing N N 391 
TYR N     CA     sing N N 392 
TYR N     H      sing N N 393 
TYR N     H2     sing N N 394 
TYR CA    C      sing N N 395 
TYR CA    CB     sing N N 396 
TYR CA    HA     sing N N 397 
TYR C     O      doub N N 398 
TYR C     OXT    sing N N 399 
TYR CB    CG     sing N N 400 
TYR CB    HB2    sing N N 401 
TYR CB    HB3    sing N N 402 
TYR CG    CD1    doub Y N 403 
TYR CG    CD2    sing Y N 404 
TYR CD1   CE1    sing Y N 405 
TYR CD1   HD1    sing N N 406 
TYR CD2   CE2    doub Y N 407 
TYR CD2   HD2    sing N N 408 
TYR CE1   CZ     doub Y N 409 
TYR CE1   HE1    sing N N 410 
TYR CE2   CZ     sing Y N 411 
TYR CE2   HE2    sing N N 412 
TYR CZ    OH     sing N N 413 
TYR OH    HH     sing N N 414 
TYR OXT   HXT    sing N N 415 
VAL N     CA     sing N N 416 
VAL N     H      sing N N 417 
VAL N     H2     sing N N 418 
VAL CA    C      sing N N 419 
VAL CA    CB     sing N N 420 
VAL CA    HA     sing N N 421 
VAL C     O      doub N N 422 
VAL C     OXT    sing N N 423 
VAL CB    CG1    sing N N 424 
VAL CB    CG2    sing N N 425 
VAL CB    HB     sing N N 426 
VAL CG1   HG11   sing N N 427 
VAL CG1   HG12   sing N N 428 
VAL CG1   HG13   sing N N 429 
VAL CG2   HG21   sing N N 430 
VAL CG2   HG22   sing N N 431 
VAL CG2   HG23   sing N N 432 
VAL OXT   HXT    sing N N 433 
# 
_atom_sites.entry_id                    2BMD 
_atom_sites.fract_transf_matrix[1][1]   0.00231643 
_atom_sites.fract_transf_matrix[1][2]   0.01328587 
_atom_sites.fract_transf_matrix[1][3]   0.00467914 
_atom_sites.fract_transf_matrix[2][1]   -0.01501115 
_atom_sites.fract_transf_matrix[2][2]   0.00105818 
_atom_sites.fract_transf_matrix[2][3]   0.00442676 
_atom_sites.fract_transf_matrix[3][1]   0.00703337 
_atom_sites.fract_transf_matrix[3][2]   -0.00509282 
_atom_sites.fract_transf_matrix[3][3]   0.02506756 
_atom_sites.fract_transf_vector[1]      0.254128 
_atom_sites.fract_transf_vector[2]      0.011356 
_atom_sites.fract_transf_vector[3]      0.276745 
# 
loop_
_atom_type.symbol 
C 
N 
O 
P 
S 
# 
loop_
_atom_site.group_PDB 
_atom_site.id 
_atom_site.type_symbol 
_atom_site.label_atom_id 
_atom_site.label_alt_id 
_atom_site.label_comp_id 
_atom_site.label_asym_id 
_atom_site.label_entity_id 
_atom_site.label_seq_id 
_atom_site.pdbx_PDB_ins_code 
_atom_site.Cartn_x 
_atom_site.Cartn_y 
_atom_site.Cartn_z 
_atom_site.occupancy 
_atom_site.B_iso_or_equiv 
_atom_site.pdbx_formal_charge 
_atom_site.auth_seq_id 
_atom_site.auth_comp_id 
_atom_site.auth_asym_id 
_atom_site.auth_atom_id 
_atom_site.pdbx_PDB_model_num 
ATOM   1    N N     . GLU A 1 5   ? 8.734   18.906  -10.628 1.00 47.13 ? 5    GLU A N     1 
ATOM   2    C CA    . GLU A 1 5   ? 8.139   20.248  -10.901 1.00 48.34 ? 5    GLU A CA    1 
ATOM   3    C C     . GLU A 1 5   ? 6.848   20.140  -11.707 1.00 47.96 ? 5    GLU A C     1 
ATOM   4    O O     . GLU A 1 5   ? 5.752   20.492  -11.237 1.00 47.56 ? 5    GLU A O     1 
ATOM   5    C CB    . GLU A 1 5   ? 9.153   21.141  -11.619 1.00 50.84 ? 5    GLU A CB    1 
ATOM   6    N N     . THR A 1 6   ? 6.999   19.643  -12.928 1.00 47.66 ? 6    THR A N     1 
ATOM   7    C CA    . THR A 1 6   ? 5.882   19.432  -13.824 1.00 46.58 ? 6    THR A CA    1 
ATOM   8    C C     . THR A 1 6   ? 4.996   18.223  -13.382 1.00 42.93 ? 6    THR A C     1 
ATOM   9    O O     . THR A 1 6   ? 4.496   17.481  -14.243 1.00 43.24 ? 6    THR A O     1 
ATOM   10   C CB    . THR A 1 6   ? 6.446   19.337  -15.297 1.00 48.72 ? 6    THR A CB    1 
ATOM   11   O OG1   . THR A 1 6   ? 5.448   19.711  -16.259 1.00 50.78 ? 6    THR A OG1   1 
ATOM   12   C CG2   . THR A 1 6   ? 6.859   17.910  -15.688 1.00 47.92 ? 6    THR A CG2   1 
ATOM   13   N N     . TYR A 1 7   ? 4.787   18.032  -12.062 1.00 39.27 ? 7    TYR A N     1 
ATOM   14   C CA    . TYR A 1 7   ? 3.889   16.950  -11.578 1.00 34.55 ? 7    TYR A CA    1 
ATOM   15   C C     . TYR A 1 7   ? 2.418   17.157  -11.961 1.00 33.39 ? 7    TYR A C     1 
ATOM   16   O O     . TYR A 1 7   ? 1.848   18.243  -11.804 1.00 33.42 ? 7    TYR A O     1 
ATOM   17   C CB    . TYR A 1 7   ? 4.090   16.538  -10.092 1.00 33.01 ? 7    TYR A CB    1 
ATOM   18   C CG    . TYR A 1 7   ? 3.323   17.319  -9.042  1.00 31.97 ? 7    TYR A CG    1 
ATOM   19   C CD1   . TYR A 1 7   ? 3.982   18.228  -8.218  1.00 32.01 ? 7    TYR A CD1   1 
ATOM   20   C CD2   . TYR A 1 7   ? 1.952   17.134  -8.852  1.00 30.92 ? 7    TYR A CD2   1 
ATOM   21   C CE1   . TYR A 1 7   ? 3.296   18.950  -7.246  1.00 32.17 ? 7    TYR A CE1   1 
ATOM   22   C CE2   . TYR A 1 7   ? 1.254   17.859  -7.889  1.00 30.59 ? 7    TYR A CE2   1 
ATOM   23   C CZ    . TYR A 1 7   ? 1.936   18.768  -7.094  1.00 31.83 ? 7    TYR A CZ    1 
ATOM   24   O OH    . TYR A 1 7   ? 1.268   19.494  -6.132  1.00 34.60 ? 7    TYR A OH    1 
ATOM   25   N N     . ASP A 1 8   ? 1.829   16.086  -12.478 1.00 30.67 ? 8    ASP A N     1 
ATOM   26   C CA    . ASP A 1 8   ? 0.573   16.147  -13.212 1.00 29.82 ? 8    ASP A CA    1 
ATOM   27   C C     . ASP A 1 8   ? -0.602  15.576  -12.435 1.00 26.75 ? 8    ASP A C     1 
ATOM   28   O O     . ASP A 1 8   ? -1.749  15.880  -12.730 1.00 26.39 ? 8    ASP A O     1 
ATOM   29   C CB    . ASP A 1 8   ? 0.737   15.403  -14.542 1.00 31.33 ? 8    ASP A CB    1 
ATOM   30   C CG    . ASP A 1 8   ? 1.937   15.899  -15.340 1.00 34.33 ? 8    ASP A CG    1 
ATOM   31   O OD1   . ASP A 1 8   ? 2.970   15.179  -15.400 1.00 35.98 ? 8    ASP A OD1   1 
ATOM   32   O OD2   . ASP A 1 8   ? 1.935   16.998  -15.923 1.00 36.34 ? 8    ASP A OD2   1 
ATOM   33   N N     . PHE A 1 9   ? -0.308  14.754  -11.435 1.00 23.07 ? 9    PHE A N     1 
ATOM   34   C CA    . PHE A 1 9   ? -1.338  14.140  -10.614 1.00 20.69 ? 9    PHE A CA    1 
ATOM   35   C C     . PHE A 1 9   ? -0.856  14.169  -9.191  1.00 18.26 ? 9    PHE A C     1 
ATOM   36   O O     . PHE A 1 9   ? 0.341   14.049  -8.947  1.00 17.43 ? 9    PHE A O     1 
ATOM   37   C CB    . PHE A 1 9   ? -1.530  12.666  -10.998 1.00 19.87 ? 9    PHE A CB    1 
ATOM   38   C CG    . PHE A 1 9   ? -1.967  12.473  -12.403 1.00 22.53 ? 9    PHE A CG    1 
ATOM   39   C CD1   . PHE A 1 9   ? -3.321  12.437  -12.714 1.00 23.51 ? 9    PHE A CD1   1 
ATOM   40   C CD2   . PHE A 1 9   ? -1.025  12.368  -13.435 1.00 24.95 ? 9    PHE A CD2   1 
ATOM   41   C CE1   . PHE A 1 9   ? -3.732  12.280  -14.036 1.00 25.42 ? 9    PHE A CE1   1 
ATOM   42   C CE2   . PHE A 1 9   ? -1.434  12.223  -14.755 1.00 26.13 ? 9    PHE A CE2   1 
ATOM   43   C CZ    . PHE A 1 9   ? -2.794  12.171  -15.051 1.00 26.33 ? 9    PHE A CZ    1 
ATOM   44   N N     . LEU A 1 10  ? -1.801  14.272  -8.269  1.00 16.62 ? 10   LEU A N     1 
ATOM   45   C CA    . LEU A 1 10  ? -1.519  14.124  -6.844  1.00 15.23 ? 10   LEU A CA    1 
ATOM   46   C C     . LEU A 1 10  ? -2.411  13.036  -6.286  1.00 13.19 ? 10   LEU A C     1 
ATOM   47   O O     . LEU A 1 10  ? -3.632  13.183  -6.345  1.00 14.20 ? 10   LEU A O     1 
ATOM   48   C CB    . LEU A 1 10  ? -1.837  15.429  -6.123  1.00 16.75 ? 10   LEU A CB    1 
ATOM   49   C CG    . LEU A 1 10  ? -1.693  15.418  -4.606  1.00 18.04 ? 10   LEU A CG    1 
ATOM   50   C CD1   . LEU A 1 10  ? -0.273  15.772  -4.253  1.00 22.54 ? 10   LEU A CD1   1 
ATOM   51   C CD2   . LEU A 1 10  ? -2.657  16.415  -3.965  1.00 24.60 ? 10   LEU A CD2   1 
ATOM   52   N N     . PHE A 1 11  ? -1.830  11.962  -5.760  1.00 11.14 ? 11   PHE A N     1 
ATOM   53   C CA    . PHE A 1 11  ? -2.643  10.872  -5.218  1.00 10.14 ? 11   PHE A CA    1 
ATOM   54   C C     . PHE A 1 11  ? -2.380  10.762  -3.729  1.00 9.37  ? 11   PHE A C     1 
ATOM   55   O O     . PHE A 1 11  ? -1.229  10.768  -3.317  1.00 9.83  ? 11   PHE A O     1 
ATOM   56   C CB    . PHE A 1 11  ? -2.297  9.513   -5.852  1.00 9.46  ? 11   PHE A CB    1 
ATOM   57   C CG    . PHE A 1 11  ? -2.494  9.445   -7.347  1.00 10.52 ? 11   PHE A CG    1 
ATOM   58   C CD1   . PHE A 1 11  ? -3.501  10.169  -7.985  1.00 12.89 ? 11   PHE A CD1   1 
ATOM   59   C CD2   . PHE A 1 11  ? -1.704  8.572   -8.104  1.00 10.17 ? 11   PHE A CD2   1 
ATOM   60   C CE1   . PHE A 1 11  ? -3.665  10.088  -9.374  1.00 15.07 ? 11   PHE A CE1   1 
ATOM   61   C CE2   . PHE A 1 11  ? -1.867  8.480   -9.484  1.00 14.10 ? 11   PHE A CE2   1 
ATOM   62   C CZ    . PHE A 1 11  ? -2.852  9.233   -10.113 1.00 14.24 ? 11   PHE A CZ    1 
ATOM   63   N N     . LYS A 1 12  ? -3.446  10.665  -2.946  1.00 9.17  ? 12   LYS A N     1 
ATOM   64   C CA    . LYS A 1 12  ? -3.346  10.271  -1.543  1.00 8.42  ? 12   LYS A CA    1 
ATOM   65   C C     . LYS A 1 12  ? -3.279  8.748   -1.432  1.00 7.34  ? 12   LYS A C     1 
ATOM   66   O O     . LYS A 1 12  ? -4.147  8.052   -1.971  1.00 7.42  ? 12   LYS A O     1 
ATOM   67   C CB    . LYS A 1 12  ? -4.589  10.786  -0.800  1.00 8.90  ? 12   LYS A CB    1 
ATOM   68   C CG    . LYS A 1 12  ? -4.680  10.326  0.666   1.00 8.31  ? 12   LYS A CG    1 
ATOM   69   C CD    . LYS A 1 12  ? -5.802  11.070  1.418   1.00 9.11  ? 12   LYS A CD    1 
ATOM   70   C CE    . LYS A 1 12  ? -6.054  10.370  2.795   1.00 8.90  ? 12   LYS A CE    1 
ATOM   71   N NZ    . LYS A 1 12  ? -7.080  11.143  3.613   1.00 9.89  ? 12   LYS A NZ    1 
ATOM   72   N N     . PHE A 1 13  ? -2.253  8.243   -0.752  1.00 6.65  ? 13   PHE A N     1 
ATOM   73   C CA    . PHE A 1 13  ? -2.070  6.817   -0.486  1.00 5.70  ? 13   PHE A CA    1 
ATOM   74   C C     . PHE A 1 13  ? -2.177  6.569   1.009   1.00 5.31  ? 13   PHE A C     1 
ATOM   75   O O     . PHE A 1 13  ? -1.755  7.414   1.823   1.00 5.69  ? 13   PHE A O     1 
ATOM   76   C CB    . PHE A 1 13  ? -0.654  6.361   -0.883  1.00 5.69  ? 13   PHE A CB    1 
ATOM   77   C CG    . PHE A 1 13  ? -0.495  5.979   -2.335  1.00 7.04  ? 13   PHE A CG    1 
ATOM   78   C CD1   . PHE A 1 13  ? -1.317  6.505   -3.311  1.00 8.67  ? 13   PHE A CD1   1 
ATOM   79   C CD2   . PHE A 1 13  ? 0.521   5.090   -2.708  1.00 7.87  ? 13   PHE A CD2   1 
ATOM   80   C CE1   . PHE A 1 13  ? -1.127  6.184   -4.668  1.00 7.60  ? 13   PHE A CE1   1 
ATOM   81   C CE2   . PHE A 1 13  ? 0.701   4.735   -4.059  1.00 9.03  ? 13   PHE A CE2   1 
ATOM   82   C CZ    . PHE A 1 13  ? -0.138  5.276   -5.028  1.00 6.33  ? 13   PHE A CZ    1 
ATOM   83   N N     . LEU A 1 14  ? -2.691  5.391   1.356   1.00 5.11  ? 14   LEU A N     1 
ATOM   84   C CA    . LEU A 1 14  ? -2.626  4.887   2.736   1.00 5.62  ? 14   LEU A CA    1 
ATOM   85   C C     . LEU A 1 14  ? -1.643  3.743   2.793   1.00 5.84  ? 14   LEU A C     1 
ATOM   86   O O     . LEU A 1 14  ? -1.469  3.019   1.809   1.00 6.07  ? 14   LEU A O     1 
ATOM   87   C CB    . LEU A 1 14  ? -3.984  4.364   3.191   1.00 5.97  ? 14   LEU A CB    1 
ATOM   88   C CG    . LEU A 1 14  ? -5.170  5.319   2.974   1.00 8.34  ? 14   LEU A CG    1 
ATOM   89   C CD1   . LEU A 1 14  ? -6.471  4.621   3.250   1.00 8.07  ? 14   LEU A CD1   1 
ATOM   90   C CD2   . LEU A 1 14  ? -5.040  6.575   3.829   1.00 9.94  ? 14   LEU A CD2   1 
ATOM   91   N N     . VAL A 1 15  ? -0.989  3.593   3.941   1.00 6.60  ? 15   VAL A N     1 
ATOM   92   C CA    . VAL A 1 15  ? -0.238  2.359   4.232   1.00 5.24  ? 15   VAL A CA    1 
ATOM   93   C C     . VAL A 1 15  ? -0.931  1.780   5.463   1.00 5.08  ? 15   VAL A C     1 
ATOM   94   O O     . VAL A 1 15  ? -0.911  2.380   6.540   1.00 5.33  ? 15   VAL A O     1 
ATOM   95   C CB    . VAL A 1 15  ? 1.268   2.629   4.447   1.00 6.28  ? 15   VAL A CB    1 
ATOM   96   C CG1   . VAL A 1 15  ? 2.022   1.325   4.783   1.00 5.75  ? 15   VAL A CG1   1 
ATOM   97   C CG2   . VAL A 1 15  ? 1.887   3.301   3.229   1.00 6.52  ? 15   VAL A CG2   1 
ATOM   98   N N     . ILE A 1 16  ? -1.586  0.626   5.294   1.00 4.53  ? 16   ILE A N     1 
ATOM   99   C CA    . ILE A 1 16  ? -2.409  0.067   6.357   1.00 5.02  ? 16   ILE A CA    1 
ATOM   100  C C     . ILE A 1 16  ? -2.040  -1.387  6.607   1.00 5.01  ? 16   ILE A C     1 
ATOM   101  O O     . ILE A 1 16  ? -1.327  -1.983  5.825   1.00 5.73  ? 16   ILE A O     1 
ATOM   102  C CB    . ILE A 1 16  ? -3.939  0.190   6.012   1.00 5.02  ? 16   ILE A CB    1 
ATOM   103  C CG1   . ILE A 1 16  ? -4.274  -0.636  4.769   1.00 6.83  ? 16   ILE A CG1   1 
ATOM   104  C CG2   . ILE A 1 16  ? -4.319  1.651   5.826   1.00 4.86  ? 16   ILE A CG2   1 
ATOM   105  C CD1   . ILE A 1 16  ? -5.785  -0.696  4.444   1.00 8.99  ? 16   ILE A CD1   1 
ATOM   106  N N     . GLY A 1 17  ? -2.525  -1.918  7.718   1.00 6.37  ? 17   GLY A N     1 
ATOM   107  C CA    . GLY A 1 17  ? -2.157  -3.249  8.157   1.00 5.46  ? 17   GLY A CA    1 
ATOM   108  C C     . GLY A 1 17  ? -1.881  -3.301  9.638   1.00 4.77  ? 17   GLY A C     1 
ATOM   109  O O     . GLY A 1 17  ? -1.801  -2.267  10.312  1.00 5.46  ? 17   GLY A O     1 
ATOM   110  N N     . ASN A 1 18  ? -1.733  -4.516  10.151  1.00 4.70  ? 18   ASN A N     1 
ATOM   111  C CA    . ASN A 1 18  ? -1.453  -4.712  11.579  1.00 4.91  ? 18   ASN A CA    1 
ATOM   112  C C     . ASN A 1 18  ? -0.225  -3.953  12.056  1.00 5.43  ? 18   ASN A C     1 
ATOM   113  O O     . ASN A 1 18  ? 0.708   -3.734  11.304  1.00 4.85  ? 18   ASN A O     1 
ATOM   114  C CB    . ASN A 1 18  ? -1.232  -6.195  11.876  1.00 4.43  ? 18   ASN A CB    1 
ATOM   115  C CG    . ASN A 1 18  ? -2.520  -6.948  12.177  1.00 6.13  ? 18   ASN A CG    1 
ATOM   116  O OD1   . ASN A 1 18  ? -2.520  -7.938  12.947  1.00 9.38  ? 18   ASN A OD1   1 
ATOM   117  N ND2   . ASN A 1 18  ? -3.616  -6.519  11.579  1.00 3.76  ? 18   ASN A ND2   1 
ATOM   118  N N     . ALA A 1 19  ? -0.250  -3.579  13.338  1.00 5.97  ? 19   ALA A N     1 
ATOM   119  C CA    . ALA A 1 19  ? 0.944   -3.141  14.056  1.00 6.66  ? 19   ALA A CA    1 
ATOM   120  C C     . ALA A 1 19  ? 2.069   -4.173  13.863  1.00 6.23  ? 19   ALA A C     1 
ATOM   121  O O     . ALA A 1 19  ? 1.795   -5.381  13.752  1.00 5.89  ? 19   ALA A O     1 
ATOM   122  C CB    . ALA A 1 19  ? 0.612   -2.994  15.551  1.00 7.37  ? 19   ALA A CB    1 
ATOM   123  N N     . GLY A 1 20  ? 3.311   -3.709  13.784  1.00 5.87  ? 20   GLY A N     1 
ATOM   124  C CA    . GLY A 1 20  ? 4.474   -4.599  13.767  1.00 6.62  ? 20   GLY A CA    1 
ATOM   125  C C     . GLY A 1 20  ? 4.861   -5.214  12.436  1.00 6.68  ? 20   GLY A C     1 
ATOM   126  O O     . GLY A 1 20  ? 5.780   -6.037  12.379  1.00 7.85  ? 20   GLY A O     1 
ATOM   127  N N     . THR A 1 21  ? 4.166   -4.840  11.361  1.00 6.28  ? 21   THR A N     1 
ATOM   128  C CA    . THR A 1 21  ? 4.389   -5.496  10.065  1.00 6.34  ? 21   THR A CA    1 
ATOM   129  C C     . THR A 1 21  ? 5.460   -4.768  9.233   1.00 6.10  ? 21   THR A C     1 
ATOM   130  O O     . THR A 1 21  ? 5.904   -5.293  8.225   1.00 6.94  ? 21   THR A O     1 
ATOM   131  C CB    . THR A 1 21  ? 3.107   -5.567  9.229   1.00 5.77  ? 21   THR A CB    1 
ATOM   132  O OG1   . THR A 1 21  ? 2.524   -4.254  9.177   1.00 5.27  ? 21   THR A OG1   1 
ATOM   133  C CG2   . THR A 1 21  ? 2.034   -6.445  9.888   1.00 5.99  ? 21   THR A CG2   1 
ATOM   134  N N     . GLY A 1 22  ? 5.840   -3.569  9.640   1.00 7.45  ? 22   GLY A N     1 
ATOM   135  C CA    . GLY A 1 22  ? 6.878   -2.807  8.952   1.00 7.26  ? 22   GLY A CA    1 
ATOM   136  C C     . GLY A 1 22  ? 6.373   -1.596  8.174   1.00 7.32  ? 22   GLY A C     1 
ATOM   137  O O     . GLY A 1 22  ? 7.053   -1.153  7.249   1.00 6.90  ? 22   GLY A O     1 
ATOM   138  N N     . LYS A 1 23  ? 5.203   -1.063  8.536   1.00 7.05  ? 23   LYS A N     1 
ATOM   139  C CA    . LYS A 1 23  ? 4.629   0.049   7.776   1.00 6.59  ? 23   LYS A CA    1 
ATOM   140  C C     . LYS A 1 23  ? 5.482   1.308   7.844   1.00 7.27  ? 23   LYS A C     1 
ATOM   141  O O     . LYS A 1 23  ? 5.646   2.010   6.816   1.00 7.38  ? 23   LYS A O     1 
ATOM   142  C CB    . LYS A 1 23  ? 3.204   0.354   8.232   1.00 6.01  ? 23   LYS A CB    1 
ATOM   143  C CG    . LYS A 1 23  ? 2.246   -0.834  7.990   1.00 5.69  ? 23   LYS A CG    1 
ATOM   144  C CD    . LYS A 1 23  ? 0.788   -0.570  8.440   1.00 3.86  ? 23   LYS A CD    1 
ATOM   145  C CE    . LYS A 1 23  ? 0.696   -0.025  9.879   1.00 5.61  ? 23   LYS A CE    1 
ATOM   146  N NZ    . LYS A 1 23  ? 1.205   -1.003  10.911  1.00 6.68  ? 23   LYS A NZ    1 
ATOM   147  N N     . SER A 1 24  ? 6.005   1.608   9.041   1.00 6.59  ? 24   SER A N     1 
ATOM   148  C CA    . SER A 1 24  ? 6.889   2.769   9.208   1.00 8.36  ? 24   SER A CA    1 
ATOM   149  C C     . SER A 1 24  ? 8.185   2.564   8.419   1.00 7.99  ? 24   SER A C     1 
ATOM   150  O O     . SER A 1 24  ? 8.624   3.471   7.695   1.00 7.55  ? 24   SER A O     1 
ATOM   151  C CB    . SER A 1 24  ? 7.170   3.029   10.698  1.00 8.41  ? 24   SER A CB    1 
ATOM   152  O OG    . SER A 1 24  ? 8.174   4.007   10.878  1.00 14.86 ? 24   SER A OG    1 
ATOM   153  N N     . CYS A 1 25  ? 8.788   1.383   8.542   1.00 7.16  ? 25   CYS A N     1 
ATOM   154  C CA    . CYS A 1 25  ? 10.054  1.103   7.877   1.00 8.85  ? 25   CYS A CA    1 
ATOM   155  C C     . CYS A 1 25  ? 9.886   1.095   6.336   1.00 7.74  ? 25   CYS A C     1 
ATOM   156  O O     . CYS A 1 25  ? 10.785  1.513   5.620   1.00 8.89  ? 25   CYS A O     1 
ATOM   157  C CB    . CYS A 1 25  ? 10.648  -0.231  8.338   1.00 8.77  ? 25   CYS A CB    1 
ATOM   158  S SG    . CYS A 1 25  ? 11.089  -0.336  10.114  1.00 15.91 ? 25   CYS A SG    1 
ATOM   159  N N     . LEU A 1 26  ? 8.735   0.664   5.834   1.00 6.56  ? 26   LEU A N     1 
ATOM   160  C CA    . LEU A 1 26  ? 8.487   0.713   4.390   1.00 6.82  ? 26   LEU A CA    1 
ATOM   161  C C     . LEU A 1 26  ? 8.526   2.147   3.856   1.00 7.62  ? 26   LEU A C     1 
ATOM   162  O O     . LEU A 1 26  ? 9.114   2.420   2.802   1.00 7.77  ? 26   LEU A O     1 
ATOM   163  C CB    . LEU A 1 26  ? 7.145   0.054   4.037   1.00 6.09  ? 26   LEU A CB    1 
ATOM   164  C CG    . LEU A 1 26  ? 7.239   -1.481  3.956   1.00 6.53  ? 26   LEU A CG    1 
ATOM   165  C CD1   . LEU A 1 26  ? 5.816   -2.129  4.047   1.00 5.88  ? 26   LEU A CD1   1 
ATOM   166  C CD2   . LEU A 1 26  ? 7.994   -1.901  2.641   1.00 6.58  ? 26   LEU A CD2   1 
ATOM   167  N N     . LEU A 1 27  ? 7.905   3.057   4.590   1.00 8.43  ? 27   LEU A N     1 
ATOM   168  C CA    . LEU A 1 27  ? 7.893   4.462   4.171   1.00 9.95  ? 27   LEU A CA    1 
ATOM   169  C C     . LEU A 1 27  ? 9.282   5.083   4.243   1.00 11.04 ? 27   LEU A C     1 
ATOM   170  O O     . LEU A 1 27  ? 9.688   5.780   3.317   1.00 12.06 ? 27   LEU A O     1 
ATOM   171  C CB    . LEU A 1 27  ? 6.872   5.281   4.962   1.00 10.23 ? 27   LEU A CB    1 
ATOM   172  C CG    . LEU A 1 27  ? 6.655   6.727   4.486   1.00 14.16 ? 27   LEU A CG    1 
ATOM   173  C CD1   . LEU A 1 27  ? 6.248   6.805   3.014   1.00 14.82 ? 27   LEU A CD1   1 
ATOM   174  C CD2   . LEU A 1 27  ? 5.652   7.451   5.376   1.00 17.09 ? 27   LEU A CD2   1 
ATOM   175  N N     . HIS A 1 28  ? 10.016  4.821   5.323   1.00 10.29 ? 28   HIS A N     1 
ATOM   176  C CA    . HIS A 1 28  ? 11.387  5.323   5.455   1.00 12.46 ? 28   HIS A CA    1 
ATOM   177  C C     . HIS A 1 28  ? 12.276  4.788   4.308   1.00 12.18 ? 28   HIS A C     1 
ATOM   178  O O     . HIS A 1 28  ? 13.081  5.520   3.723   1.00 13.56 ? 28   HIS A O     1 
ATOM   179  C CB    . HIS A 1 28  ? 11.935  4.921   6.827   1.00 12.59 ? 28   HIS A CB    1 
ATOM   180  C CG    A HIS A 1 28  ? 12.982  5.829   7.377   0.50 14.03 ? 28   HIS A CG    1 
ATOM   181  C CG    B HIS A 1 28  ? 11.406  5.761   7.946   0.50 14.01 ? 28   HIS A CG    1 
ATOM   182  N ND1   A HIS A 1 28  ? 14.324  5.653   7.117   0.50 16.75 ? 28   HIS A ND1   1 
ATOM   183  N ND1   B HIS A 1 28  ? 11.769  7.078   8.127   0.50 18.26 ? 28   HIS A ND1   1 
ATOM   184  C CD2   A HIS A 1 28  ? 12.897  6.889   8.215   0.50 15.49 ? 28   HIS A CD2   1 
ATOM   185  C CD2   B HIS A 1 28  ? 10.524  5.476   8.931   0.50 14.84 ? 28   HIS A CD2   1 
ATOM   186  C CE1   A HIS A 1 28  ? 15.018  6.583   7.749   0.50 16.52 ? 28   HIS A CE1   1 
ATOM   187  C CE1   B HIS A 1 28  ? 11.140  7.566   9.183   0.50 17.96 ? 28   HIS A CE1   1 
ATOM   188  N NE2   A HIS A 1 28  ? 14.175  7.344   8.422   0.50 18.14 ? 28   HIS A NE2   1 
ATOM   189  N NE2   B HIS A 1 28  ? 10.375  6.613   9.688   0.50 16.73 ? 28   HIS A NE2   1 
ATOM   190  N N     . GLN A 1 29  ? 12.126  3.506   4.000   1.00 11.38 ? 29   GLN A N     1 
ATOM   191  C CA    . GLN A 1 29  ? 12.859  2.914   2.889   1.00 11.78 ? 29   GLN A CA    1 
ATOM   192  C C     . GLN A 1 29  ? 12.465  3.562   1.549   1.00 11.94 ? 29   GLN A C     1 
ATOM   193  O O     . GLN A 1 29  ? 13.313  3.874   0.722   1.00 13.23 ? 29   GLN A O     1 
ATOM   194  C CB    . GLN A 1 29  ? 12.629  1.403   2.880   1.00 11.33 ? 29   GLN A CB    1 
ATOM   195  C CG    . GLN A 1 29  ? 13.340  0.615   1.756   1.00 12.91 ? 29   GLN A CG    1 
ATOM   196  C CD    . GLN A 1 29  ? 14.854  0.768   1.775   1.00 16.27 ? 29   GLN A CD    1 
ATOM   197  O OE1   . GLN A 1 29  ? 15.539  0.299   2.700   1.00 18.28 ? 29   GLN A OE1   1 
ATOM   198  N NE2   . GLN A 1 29  ? 15.385  1.388   0.739   1.00 16.19 ? 29   GLN A NE2   1 
ATOM   199  N N     . PHE A 1 30  ? 11.180  3.796   1.332   1.00 10.22 ? 30   PHE A N     1 
ATOM   200  C CA    . PHE A 1 30  ? 10.765  4.425   0.085   1.00 10.79 ? 30   PHE A CA    1 
ATOM   201  C C     . PHE A 1 30  ? 11.306  5.864   -0.074  1.00 12.18 ? 30   PHE A C     1 
ATOM   202  O O     . PHE A 1 30  ? 11.860  6.232   -1.124  1.00 13.75 ? 30   PHE A O     1 
ATOM   203  C CB    . PHE A 1 30  ? 9.239   4.364   -0.009  1.00 9.37  ? 30   PHE A CB    1 
ATOM   204  C CG    . PHE A 1 30  ? 8.667   5.011   -1.247  1.00 10.66 ? 30   PHE A CG    1 
ATOM   205  C CD1   . PHE A 1 30  ? 9.119   4.657   -2.524  1.00 11.39 ? 30   PHE A CD1   1 
ATOM   206  C CD2   . PHE A 1 30  ? 7.627   5.931   -1.128  1.00 10.10 ? 30   PHE A CD2   1 
ATOM   207  C CE1   . PHE A 1 30  ? 8.570   5.234   -3.673  1.00 11.45 ? 30   PHE A CE1   1 
ATOM   208  C CE2   . PHE A 1 30  ? 7.070   6.510   -2.263  1.00 12.60 ? 30   PHE A CE2   1 
ATOM   209  C CZ    . PHE A 1 30  ? 7.526   6.166   -3.536  1.00 13.26 ? 30   PHE A CZ    1 
ATOM   210  N N     . ILE A 1 31  ? 11.190  6.670   0.975   1.00 12.35 ? 31   ILE A N     1 
ATOM   211  C CA    . ILE A 1 31  ? 11.528  8.090   0.874   1.00 14.45 ? 31   ILE A CA    1 
ATOM   212  C C     . ILE A 1 31  ? 13.038  8.280   1.001   1.00 15.86 ? 31   ILE A C     1 
ATOM   213  O O     . ILE A 1 31  ? 13.653  9.057   0.262   1.00 17.12 ? 31   ILE A O     1 
ATOM   214  C CB    . ILE A 1 31  ? 10.746  8.947   1.928   1.00 14.48 ? 31   ILE A CB    1 
ATOM   215  C CG1   . ILE A 1 31  ? 9.212   8.700   1.856   1.00 16.57 ? 31   ILE A CG1   1 
ATOM   216  C CG2   . ILE A 1 31  ? 11.097  10.451  1.799   1.00 16.32 ? 31   ILE A CG2   1 
ATOM   217  C CD1   . ILE A 1 31  ? 8.504   9.324   0.632   1.00 19.08 ? 31   ILE A CD1   1 
ATOM   218  N N     . GLU A 1 32  ? 13.646  7.560   1.929   1.00 15.88 ? 32   GLU A N     1 
ATOM   219  C CA    . GLU A 1 32  ? 15.029  7.859   2.303   1.00 18.78 ? 32   GLU A CA    1 
ATOM   220  C C     . GLU A 1 32  ? 16.046  6.812   1.887   1.00 19.18 ? 32   GLU A C     1 
ATOM   221  O O     . GLU A 1 32  ? 17.271  7.006   2.051   1.00 19.91 ? 32   GLU A O     1 
ATOM   222  C CB    . GLU A 1 32  ? 15.108  8.159   3.806   1.00 20.31 ? 32   GLU A CB    1 
ATOM   223  C CG    . GLU A 1 32  ? 14.356  9.427   4.183   1.00 24.88 ? 32   GLU A CG    1 
ATOM   224  C CD    . GLU A 1 32  ? 14.087  9.541   5.670   1.00 30.61 ? 32   GLU A CD    1 
ATOM   225  O OE1   . GLU A 1 32  ? 14.181  10.662  6.219   1.00 36.77 ? 32   GLU A OE1   1 
ATOM   226  O OE2   . GLU A 1 32  ? 13.771  8.512   6.293   1.00 32.29 ? 32   GLU A OE2   1 
ATOM   227  N N     . LYS A 1 33  ? 15.545  5.719   1.326   1.00 18.03 ? 33   LYS A N     1 
ATOM   228  C CA    . LYS A 1 33  ? 16.367  4.581   0.910   1.00 19.66 ? 33   LYS A CA    1 
ATOM   229  C C     . LYS A 1 33  ? 17.228  4.063   2.055   1.00 20.09 ? 33   LYS A C     1 
ATOM   230  O O     . LYS A 1 33  ? 18.347  3.598   1.847   1.00 21.26 ? 33   LYS A O     1 
ATOM   231  C CB    . LYS A 1 33  ? 17.195  4.916   -0.336  1.00 21.13 ? 33   LYS A CB    1 
ATOM   232  C CG    . LYS A 1 33  ? 16.313  5.176   -1.551  1.00 22.71 ? 33   LYS A CG    1 
ATOM   233  C CD    . LYS A 1 33  ? 17.149  5.675   -2.717  1.00 27.91 ? 33   LYS A CD    1 
ATOM   234  C CE    . LYS A 1 33  ? 16.691  5.044   -4.026  1.00 29.92 ? 33   LYS A CE    1 
ATOM   235  N NZ    . LYS A 1 33  ? 15.297  5.423   -4.381  1.00 30.48 ? 33   LYS A NZ    1 
ATOM   236  N N     . LYS A 1 34  ? 16.688  4.162   3.267   1.00 20.24 ? 34   LYS A N     1 
ATOM   237  C CA    . LYS A 1 34  ? 17.271  3.491   4.415   1.00 21.18 ? 34   LYS A CA    1 
ATOM   238  C C     . LYS A 1 34  ? 16.200  2.932   5.337   1.00 20.08 ? 34   LYS A C     1 
ATOM   239  O O     . LYS A 1 34  ? 15.037  3.370   5.312   1.00 18.51 ? 34   LYS A O     1 
ATOM   240  C CB    . LYS A 1 34  ? 18.260  4.389   5.157   1.00 23.48 ? 34   LYS A CB    1 
ATOM   241  C CG    . LYS A 1 34  ? 17.679  5.621   5.801   1.00 27.06 ? 34   LYS A CG    1 
ATOM   242  C CD    . LYS A 1 34  ? 18.795  6.422   6.511   1.00 32.89 ? 34   LYS A CD    1 
ATOM   243  C CE    . LYS A 1 34  ? 19.165  5.844   7.904   1.00 35.95 ? 34   LYS A CE    1 
ATOM   244  N NZ    . LYS A 1 34  ? 17.970  5.278   8.670   1.00 35.61 ? 34   LYS A NZ    1 
ATOM   245  N N     . PHE A 1 35  ? 16.606  1.961   6.146   1.00 20.19 ? 35   PHE A N     1 
ATOM   246  C CA    . PHE A 1 35  ? 15.682  1.174   6.950   1.00 20.13 ? 35   PHE A CA    1 
ATOM   247  C C     . PHE A 1 35  ? 15.044  1.953   8.117   1.00 21.82 ? 35   PHE A C     1 
ATOM   248  O O     . PHE A 1 35  ? 13.807  2.038   8.198   1.00 22.86 ? 35   PHE A O     1 
ATOM   249  C CB    . PHE A 1 35  ? 16.390  -0.092  7.428   1.00 19.76 ? 35   PHE A CB    1 
ATOM   250  C CG    . PHE A 1 35  ? 15.530  -1.019  8.254   1.00 16.01 ? 35   PHE A CG    1 
ATOM   251  C CD1   . PHE A 1 35  ? 14.339  -1.531  7.760   1.00 14.36 ? 35   PHE A CD1   1 
ATOM   252  C CD2   . PHE A 1 35  ? 15.960  -1.412  9.520   1.00 15.86 ? 35   PHE A CD2   1 
ATOM   253  C CE1   . PHE A 1 35  ? 13.584  -2.421  8.510   1.00 11.70 ? 35   PHE A CE1   1 
ATOM   254  C CE2   . PHE A 1 35  ? 15.214  -2.283  10.280  1.00 13.68 ? 35   PHE A CE2   1 
ATOM   255  C CZ    . PHE A 1 35  ? 14.030  -2.794  9.784   1.00 10.41 ? 35   PHE A CZ    1 
ATOM   256  N N     . LYS A 1 36  ? 15.867  2.500   9.002   1.00 25.05 ? 36   LYS A N     1 
ATOM   257  C CA    . LYS A 1 36  ? 15.372  3.221   10.179  1.00 25.95 ? 36   LYS A CA    1 
ATOM   258  C C     . LYS A 1 36  ? 15.849  2.536   11.459  1.00 27.18 ? 36   LYS A C     1 
ATOM   259  N N     . GLU A 1 46  ? 2.740   9.917   11.004  1.00 27.21 ? 46   GLU A N     1 
ATOM   260  C CA    . GLU A 1 46  ? 3.707   9.442   10.013  1.00 25.96 ? 46   GLU A CA    1 
ATOM   261  C C     . GLU A 1 46  ? 3.262   9.707   8.568   1.00 24.78 ? 46   GLU A C     1 
ATOM   262  O O     . GLU A 1 46  ? 2.300   9.118   8.036   1.00 24.04 ? 46   GLU A O     1 
ATOM   263  C CB    . GLU A 1 46  ? 4.059   7.974   10.229  1.00 25.13 ? 46   GLU A CB    1 
ATOM   264  C CG    . GLU A 1 46  ? 5.456   7.623   9.740   1.00 26.84 ? 46   GLU A CG    1 
ATOM   265  N N     . PHE A 1 47  ? 3.966   10.634  7.949   1.00 23.97 ? 47   PHE A N     1 
ATOM   266  C CA    . PHE A 1 47  ? 3.561   11.145  6.657   1.00 22.56 ? 47   PHE A CA    1 
ATOM   267  C C     . PHE A 1 47  ? 4.793   11.221  5.760   1.00 21.58 ? 47   PHE A C     1 
ATOM   268  O O     . PHE A 1 47  ? 5.922   11.411  6.236   1.00 22.12 ? 47   PHE A O     1 
ATOM   269  C CB    . PHE A 1 47  ? 2.906   12.527  6.818   1.00 24.09 ? 47   PHE A CB    1 
ATOM   270  C CG    . PHE A 1 47  ? 2.541   13.170  5.521   1.00 25.99 ? 47   PHE A CG    1 
ATOM   271  C CD1   . PHE A 1 47  ? 1.333   12.863  4.895   1.00 26.36 ? 47   PHE A CD1   1 
ATOM   272  C CD2   . PHE A 1 47  ? 3.413   14.060  4.903   1.00 27.84 ? 47   PHE A CD2   1 
ATOM   273  C CE1   . PHE A 1 47  ? 0.986   13.464  3.688   1.00 26.78 ? 47   PHE A CE1   1 
ATOM   274  C CE2   . PHE A 1 47  ? 3.078   14.658  3.682   1.00 30.02 ? 47   PHE A CE2   1 
ATOM   275  C CZ    . PHE A 1 47  ? 1.860   14.353  3.077   1.00 28.58 ? 47   PHE A CZ    1 
ATOM   276  N N     . GLY A 1 48  ? 4.575   11.043  4.463   1.00 18.98 ? 48   GLY A N     1 
ATOM   277  C CA    . GLY A 1 48  ? 5.649   11.198  3.507   1.00 17.90 ? 48   GLY A CA    1 
ATOM   278  C C     . GLY A 1 48  ? 5.096   11.653  2.173   1.00 17.58 ? 48   GLY A C     1 
ATOM   279  O O     . GLY A 1 48  ? 3.922   11.423  1.865   1.00 16.83 ? 48   GLY A O     1 
ATOM   280  N N     . SER A 1 49  ? 5.934   12.308  1.381   1.00 16.91 ? 49   SER A N     1 
ATOM   281  C CA    . SER A 1 49  ? 5.563   12.601  0.014   1.00 17.16 ? 49   SER A CA    1 
ATOM   282  C C     . SER A 1 49  ? 6.763   12.393  -0.887  1.00 16.57 ? 49   SER A C     1 
ATOM   283  O O     . SER A 1 49  ? 7.892   12.641  -0.498  1.00 16.48 ? 49   SER A O     1 
ATOM   284  C CB    . SER A 1 49  ? 4.983   14.011  -0.105  1.00 18.51 ? 49   SER A CB    1 
ATOM   285  O OG    . SER A 1 49  ? 5.958   14.927  -0.511  1.00 23.77 ? 49   SER A OG    1 
ATOM   286  N N     . LYS A 1 50  ? 6.503   11.917  -2.096  1.00 15.84 ? 50   LYS A N     1 
ATOM   287  C CA    . LYS A 1 50  ? 7.541   11.705  -3.093  1.00 16.13 ? 50   LYS A CA    1 
ATOM   288  C C     . LYS A 1 50  ? 6.907   11.877  -4.469  1.00 16.37 ? 50   LYS A C     1 
ATOM   289  O O     . LYS A 1 50  ? 5.754   11.486  -4.662  1.00 15.08 ? 50   LYS A O     1 
ATOM   290  C CB    . LYS A 1 50  ? 8.076   10.280  -2.966  1.00 15.55 ? 50   LYS A CB    1 
ATOM   291  C CG    . LYS A 1 50  ? 9.277   9.960   -3.839  1.00 17.15 ? 50   LYS A CG    1 
ATOM   292  C CD    . LYS A 1 50  ? 9.991   8.694   -3.350  1.00 17.08 ? 50   LYS A CD    1 
ATOM   293  C CE    . LYS A 1 50  ? 11.208  8.412   -4.224  1.00 21.96 ? 50   LYS A CE    1 
ATOM   294  N NZ    . LYS A 1 50  ? 11.637  6.996   -4.078  1.00 23.31 ? 50   LYS A NZ    1 
ATOM   295  N N     . ILE A 1 51  ? 7.651   12.442  -5.416  1.00 17.53 ? 51   ILE A N     1 
ATOM   296  C CA    . ILE A 1 51  ? 7.220   12.460  -6.812  1.00 18.51 ? 51   ILE A CA    1 
ATOM   297  C C     . ILE A 1 51  ? 7.942   11.361  -7.610  1.00 18.82 ? 51   ILE A C     1 
ATOM   298  O O     . ILE A 1 51  ? 9.166   11.272  -7.584  1.00 19.58 ? 51   ILE A O     1 
ATOM   299  C CB    . ILE A 1 51  ? 7.445   13.832  -7.449  1.00 20.87 ? 51   ILE A CB    1 
ATOM   300  C CG1   . ILE A 1 51  ? 6.639   14.902  -6.707  1.00 21.31 ? 51   ILE A CG1   1 
ATOM   301  C CG2   . ILE A 1 51  ? 7.110   13.820  -8.976  1.00 20.64 ? 51   ILE A CG2   1 
ATOM   302  C CD1   . ILE A 1 51  ? 7.233   16.268  -6.813  1.00 23.64 ? 51   ILE A CD1   1 
ATOM   303  N N     . ILE A 1 52  ? 7.171   10.514  -8.281  1.00 17.82 ? 52   ILE A N     1 
ATOM   304  C CA    . ILE A 1 52  ? 7.720   9.479   -9.154  1.00 17.92 ? 52   ILE A CA    1 
ATOM   305  C C     . ILE A 1 52  ? 7.300   9.733   -10.597 1.00 19.11 ? 52   ILE A C     1 
ATOM   306  O O     . ILE A 1 52  ? 6.294   10.401  -10.849 1.00 19.08 ? 52   ILE A O     1 
ATOM   307  C CB    . ILE A 1 52  ? 7.234   8.091   -8.713  1.00 16.50 ? 52   ILE A CB    1 
ATOM   308  C CG1   . ILE A 1 52  ? 5.692   8.048   -8.607  1.00 15.22 ? 52   ILE A CG1   1 
ATOM   309  C CG2   . ILE A 1 52  ? 7.926   7.650   -7.385  1.00 16.81 ? 52   ILE A CG2   1 
ATOM   310  C CD1   . ILE A 1 52  ? 5.144   6.660   -8.371  1.00 14.75 ? 52   ILE A CD1   1 
ATOM   311  N N     . ASN A 1 53  ? 8.075   9.202   -11.532 1.00 20.18 ? 53   ASN A N     1 
ATOM   312  C CA    . ASN A 1 53  ? 7.740   9.257   -12.949 1.00 22.43 ? 53   ASN A CA    1 
ATOM   313  C C     . ASN A 1 53  ? 7.106   7.918   -13.346 1.00 21.88 ? 53   ASN A C     1 
ATOM   314  O O     . ASN A 1 53  ? 7.703   6.871   -13.147 1.00 20.91 ? 53   ASN A O     1 
ATOM   315  C CB    . ASN A 1 53  ? 9.008   9.547   -13.762 1.00 24.57 ? 53   ASN A CB    1 
ATOM   316  C CG    . ASN A 1 53  ? 8.742   9.689   -15.255 1.00 27.16 ? 53   ASN A CG    1 
ATOM   317  O OD1   . ASN A 1 53  ? 7.715   9.243   -15.771 1.00 28.03 ? 53   ASN A OD1   1 
ATOM   318  N ND2   . ASN A 1 53  ? 9.682   10.312  -15.960 1.00 31.80 ? 53   ASN A ND2   1 
ATOM   319  N N     . VAL A 1 54  ? 5.879   7.959   -13.862 1.00 22.72 ? 54   VAL A N     1 
ATOM   320  C CA    . VAL A 1 54  ? 5.148   6.747   -14.268 1.00 23.23 ? 54   VAL A CA    1 
ATOM   321  C C     . VAL A 1 54  ? 4.766   6.912   -15.743 1.00 25.31 ? 54   VAL A C     1 
ATOM   322  O O     . VAL A 1 54  ? 3.860   7.689   -16.084 1.00 26.80 ? 54   VAL A O     1 
ATOM   323  C CB    . VAL A 1 54  ? 3.872   6.501   -13.388 1.00 22.39 ? 54   VAL A CB    1 
ATOM   324  C CG1   . VAL A 1 54  ? 3.161   5.214   -13.778 1.00 22.64 ? 54   VAL A CG1   1 
ATOM   325  C CG2   . VAL A 1 54  ? 4.199   6.472   -11.879 1.00 20.97 ? 54   VAL A CG2   1 
ATOM   326  N N     . GLY A 1 55  ? 5.496   6.229   -16.627 1.00 26.20 ? 55   GLY A N     1 
ATOM   327  C CA    . GLY A 1 55  ? 5.226   6.291   -18.052 1.00 27.65 ? 55   GLY A CA    1 
ATOM   328  C C     . GLY A 1 55  ? 5.266   7.680   -18.667 1.00 29.55 ? 55   GLY A C     1 
ATOM   329  O O     . GLY A 1 55  ? 4.633   7.934   -19.703 1.00 30.88 ? 55   GLY A O     1 
ATOM   330  N N     . GLY A 1 56  ? 6.015   8.587   -18.043 1.00 29.98 ? 56   GLY A N     1 
ATOM   331  C CA    . GLY A 1 56  ? 6.169   9.940   -18.563 1.00 31.62 ? 56   GLY A CA    1 
ATOM   332  C C     . GLY A 1 56  ? 5.274   10.968  -17.885 1.00 31.23 ? 56   GLY A C     1 
ATOM   333  O O     . GLY A 1 56  ? 5.281   12.141  -18.258 1.00 33.37 ? 56   GLY A O     1 
ATOM   334  N N     . LYS A 1 57  ? 4.489   10.524  -16.909 1.00 29.89 ? 57   LYS A N     1 
ATOM   335  C CA    . LYS A 1 57  ? 3.702   11.422  -16.068 1.00 29.35 ? 57   LYS A CA    1 
ATOM   336  C C     . LYS A 1 57  ? 4.375   11.493  -14.710 1.00 27.11 ? 57   LYS A C     1 
ATOM   337  O O     . LYS A 1 57  ? 4.754   10.469  -14.160 1.00 26.15 ? 57   LYS A O     1 
ATOM   338  C CB    . LYS A 1 57  ? 2.303   10.855  -15.850 1.00 29.10 ? 57   LYS A CB    1 
ATOM   339  C CG    . LYS A 1 57  ? 1.372   10.917  -17.036 1.00 32.95 ? 57   LYS A CG    1 
ATOM   340  C CD    . LYS A 1 57  ? 0.046   10.273  -16.634 1.00 36.00 ? 57   LYS A CD    1 
ATOM   341  C CE    . LYS A 1 57  ? -0.984  10.272  -17.770 1.00 38.80 ? 57   LYS A CE    1 
ATOM   342  N NZ    . LYS A 1 57  ? -1.212  11.593  -18.400 1.00 40.81 ? 57   LYS A NZ    1 
ATOM   343  N N     . TYR A 1 58  ? 4.509   12.695  -14.165 1.00 26.51 ? 58   TYR A N     1 
ATOM   344  C CA    . TYR A 1 58  ? 4.999   12.840  -12.802 1.00 24.61 ? 58   TYR A CA    1 
ATOM   345  C C     . TYR A 1 58  ? 3.819   12.855  -11.852 1.00 21.68 ? 58   TYR A C     1 
ATOM   346  O O     . TYR A 1 58  ? 2.858   13.602  -12.055 1.00 22.00 ? 58   TYR A O     1 
ATOM   347  C CB    . TYR A 1 58  ? 5.838   14.106  -12.637 1.00 26.46 ? 58   TYR A CB    1 
ATOM   348  C CG    . TYR A 1 58  ? 7.183   14.010  -13.319 1.00 30.45 ? 58   TYR A CG    1 
ATOM   349  C CD1   . TYR A 1 58  ? 8.233   13.297  -12.743 1.00 31.71 ? 58   TYR A CD1   1 
ATOM   350  C CD2   . TYR A 1 58  ? 7.387   14.604  -14.556 1.00 35.06 ? 58   TYR A CD2   1 
ATOM   351  C CE1   . TYR A 1 58  ? 9.471   13.204  -13.386 1.00 35.80 ? 58   TYR A CE1   1 
ATOM   352  C CE2   . TYR A 1 58  ? 8.611   14.516  -15.205 1.00 38.83 ? 58   TYR A CE2   1 
ATOM   353  C CZ    . TYR A 1 58  ? 9.645   13.806  -14.611 1.00 37.99 ? 58   TYR A CZ    1 
ATOM   354  O OH    . TYR A 1 58  ? 10.857  13.724  -15.258 1.00 41.74 ? 58   TYR A OH    1 
ATOM   355  N N     . VAL A 1 59  ? 3.915   12.023  -10.830 1.00 18.48 ? 59   VAL A N     1 
ATOM   356  C CA    . VAL A 1 59  ? 2.824   11.788  -9.899  1.00 17.06 ? 59   VAL A CA    1 
ATOM   357  C C     . VAL A 1 59  ? 3.379   12.099  -8.531  1.00 15.31 ? 59   VAL A C     1 
ATOM   358  O O     . VAL A 1 59  ? 4.352   11.472  -8.118  1.00 15.32 ? 59   VAL A O     1 
ATOM   359  C CB    . VAL A 1 59  ? 2.368   10.301  -9.911  1.00 15.66 ? 59   VAL A CB    1 
ATOM   360  C CG1   . VAL A 1 59  ? 1.381   10.033  -8.780  1.00 15.37 ? 59   VAL A CG1   1 
ATOM   361  C CG2   . VAL A 1 59  ? 1.764   9.942   -11.272 1.00 18.70 ? 59   VAL A CG2   1 
ATOM   362  N N     . LYS A 1 60  ? 2.768   13.056  -7.839  1.00 14.54 ? 60   LYS A N     1 
ATOM   363  C CA    . LYS A 1 60  ? 3.106   13.293  -6.437  1.00 13.71 ? 60   LYS A CA    1 
ATOM   364  C C     . LYS A 1 60  ? 2.280   12.360  -5.561  1.00 12.18 ? 60   LYS A C     1 
ATOM   365  O O     . LYS A 1 60  ? 1.069   12.345  -5.647  1.00 11.38 ? 60   LYS A O     1 
ATOM   366  C CB    . LYS A 1 60  ? 2.859   14.774  -6.051  1.00 14.63 ? 60   LYS A CB    1 
ATOM   367  C CG    . LYS A 1 60  ? 3.317   15.116  -4.611  1.00 14.74 ? 60   LYS A CG    1 
ATOM   368  C CD    . LYS A 1 60  ? 3.265   16.643  -4.345  1.00 17.35 ? 60   LYS A CD    1 
ATOM   369  C CE    . LYS A 1 60  ? 3.247   16.957  -2.859  1.00 18.64 ? 60   LYS A CE    1 
ATOM   370  N NZ    . LYS A 1 60  ? 3.350   18.435  -2.617  1.00 20.75 ? 60   LYS A NZ    1 
ATOM   371  N N     . LEU A 1 61  ? 2.944   11.597  -4.702  1.00 11.31 ? 61   LEU A N     1 
ATOM   372  C CA    . LEU A 1 61  ? 2.263   10.726  -3.763  1.00 11.32 ? 61   LEU A CA    1 
ATOM   373  C C     . LEU A 1 61  ? 2.247   11.399  -2.413  1.00 11.70 ? 61   LEU A C     1 
ATOM   374  O O     . LEU A 1 61  ? 3.282   11.899  -1.955  1.00 13.46 ? 61   LEU A O     1 
ATOM   375  C CB    . LEU A 1 61  ? 2.961   9.366   -3.659  1.00 10.43 ? 61   LEU A CB    1 
ATOM   376  C CG    . LEU A 1 61  ? 3.081   8.624   -5.000  1.00 11.04 ? 61   LEU A CG    1 
ATOM   377  C CD1   . LEU A 1 61  ? 3.817   7.317   -4.821  1.00 10.84 ? 61   LEU A CD1   1 
ATOM   378  C CD2   . LEU A 1 61  ? 1.690   8.367   -5.618  1.00 10.34 ? 61   LEU A CD2   1 
ATOM   379  N N     . GLN A 1 62  ? 1.073   11.453  -1.799  1.00 10.80 ? 62   GLN A N     1 
ATOM   380  C CA    . GLN A 1 62  ? 0.945   11.980  -0.421  1.00 11.63 ? 62   GLN A CA    1 
ATOM   381  C C     . GLN A 1 62  ? 0.553   10.779  0.422   1.00 9.33  ? 62   GLN A C     1 
ATOM   382  O O     . GLN A 1 62  ? -0.540  10.240  0.263   1.00 9.19  ? 62   GLN A O     1 
ATOM   383  C CB    . GLN A 1 62  ? -0.087  13.116  -0.334  1.00 12.35 ? 62   GLN A CB    1 
ATOM   384  C CG    . GLN A 1 62  ? 0.477   14.437  -0.857  1.00 18.55 ? 62   GLN A CG    1 
ATOM   385  C CD    . GLN A 1 62  ? -0.311  15.683  -0.460  1.00 24.14 ? 62   GLN A CD    1 
ATOM   386  O OE1   . GLN A 1 62  ? -1.524  15.618  -0.191  1.00 26.78 ? 62   GLN A OE1   1 
ATOM   387  N NE2   . GLN A 1 62  ? 0.376   16.832  -0.444  1.00 25.01 ? 62   GLN A NE2   1 
ATOM   388  N N     . ILE A 1 63  ? 1.467   10.328  1.288   1.00 9.06  ? 63   ILE A N     1 
ATOM   389  C CA    . ILE A 1 63  ? 1.375   8.990   1.886   1.00 8.51  ? 63   ILE A CA    1 
ATOM   390  C C     . ILE A 1 63  ? 1.084   9.112   3.371   1.00 9.63  ? 63   ILE A C     1 
ATOM   391  O O     . ILE A 1 63  ? 1.887   9.684   4.118   1.00 10.17 ? 63   ILE A O     1 
ATOM   392  C CB    . ILE A 1 63  ? 2.685   8.176   1.657   1.00 7.95  ? 63   ILE A CB    1 
ATOM   393  C CG1   . ILE A 1 63  ? 2.967   8.084   0.150   1.00 8.74  ? 63   ILE A CG1   1 
ATOM   394  C CG2   . ILE A 1 63  ? 2.522   6.709   2.189   1.00 7.23  ? 63   ILE A CG2   1 
ATOM   395  C CD1   . ILE A 1 63  ? 4.398   7.758   -0.174  1.00 10.24 ? 63   ILE A CD1   1 
ATOM   396  N N     . TRP A 1 64  ? -0.091  8.613   3.743   1.00 9.74  ? 64   TRP A N     1 
ATOM   397  C CA    . TRP A 1 64  ? -0.577  8.596   5.112   1.00 10.84 ? 64   TRP A CA    1 
ATOM   398  C C     . TRP A 1 64  ? -0.270  7.230   5.684   1.00 9.50  ? 64   TRP A C     1 
ATOM   399  O O     . TRP A 1 64  ? -0.904  6.235   5.317   1.00 8.58  ? 64   TRP A O     1 
ATOM   400  C CB    . TRP A 1 64  ? -2.075  8.864   5.136   1.00 11.24 ? 64   TRP A CB    1 
ATOM   401  C CG    . TRP A 1 64  ? -2.460  10.216  4.606   1.00 14.48 ? 64   TRP A CG    1 
ATOM   402  C CD1   . TRP A 1 64  ? -1.973  10.839  3.478   1.00 14.18 ? 64   TRP A CD1   1 
ATOM   403  C CD2   . TRP A 1 64  ? -3.439  11.099  5.154   1.00 16.02 ? 64   TRP A CD2   1 
ATOM   404  N NE1   . TRP A 1 64  ? -2.566  12.065  3.319   1.00 16.71 ? 64   TRP A NE1   1 
ATOM   405  C CE2   . TRP A 1 64  ? -3.470  12.254  4.337   1.00 18.50 ? 64   TRP A CE2   1 
ATOM   406  C CE3   . TRP A 1 64  ? -4.300  11.040  6.274   1.00 18.65 ? 64   TRP A CE3   1 
ATOM   407  C CZ2   . TRP A 1 64  ? -4.340  13.317  4.580   1.00 20.71 ? 64   TRP A CZ2   1 
ATOM   408  C CZ3   . TRP A 1 64  ? -5.144  12.095  6.520   1.00 21.89 ? 64   TRP A CZ3   1 
ATOM   409  C CH2   . TRP A 1 64  ? -5.155  13.231  5.685   1.00 22.85 ? 64   TRP A CH2   1 
ATOM   410  N N     . ASP A 1 65  ? 0.715   7.176   6.578   1.00 9.15  ? 65   ASP A N     1 
ATOM   411  C CA    . ASP A 1 65  ? 1.200   5.897   7.090   1.00 8.73  ? 65   ASP A CA    1 
ATOM   412  C C     . ASP A 1 65  ? 0.583   5.699   8.460   1.00 8.80  ? 65   ASP A C     1 
ATOM   413  O O     . ASP A 1 65  ? 0.786   6.522   9.352   1.00 8.95  ? 65   ASP A O     1 
ATOM   414  C CB    . ASP A 1 65  ? 2.721   5.943   7.187   1.00 9.64  ? 65   ASP A CB    1 
ATOM   415  C CG    . ASP A 1 65  ? 3.346   4.577   7.298   1.00 12.58 ? 65   ASP A CG    1 
ATOM   416  O OD1   . ASP A 1 65  ? 2.921   3.773   8.184   1.00 11.85 ? 65   ASP A OD1   1 
ATOM   417  O OD2   . ASP A 1 65  ? 4.273   4.224   6.516   1.00 13.07 ? 65   ASP A OD2   1 
ATOM   418  N N     . THR A 1 66  ? -0.164  4.609   8.645   1.00 7.67  ? 66   THR A N     1 
ATOM   419  C CA    . THR A 1 66  ? -0.918  4.430   9.890   1.00 8.78  ? 66   THR A CA    1 
ATOM   420  C C     . THR A 1 66  ? -0.143  3.816   11.057  1.00 9.17  ? 66   THR A C     1 
ATOM   421  O O     . THR A 1 66  ? -0.745  3.414   12.057  1.00 9.52  ? 66   THR A O     1 
ATOM   422  C CB    . THR A 1 66  ? -2.154  3.562   9.623   1.00 8.19  ? 66   THR A CB    1 
ATOM   423  O OG1   . THR A 1 66  ? -1.739  2.286   9.117   1.00 7.88  ? 66   THR A OG1   1 
ATOM   424  C CG2   . THR A 1 66  ? -3.022  4.164   8.522   1.00 8.10  ? 66   THR A CG2   1 
ATOM   425  N N     . ALA A 1 67  ? 1.172   3.743   10.921  1.00 10.17 ? 67   ALA A N     1 
ATOM   426  C CA    . ALA A 1 67  ? 2.049   3.182   11.948  1.00 10.26 ? 67   ALA A CA    1 
ATOM   427  C C     . ALA A 1 67  ? 1.751   3.791   13.312  1.00 11.61 ? 67   ALA A C     1 
ATOM   428  O O     . ALA A 1 67  ? 1.709   5.027   13.457  1.00 12.88 ? 67   ALA A O     1 
ATOM   429  C CB    . ALA A 1 67  ? 3.506   3.426   11.580  1.00 10.59 ? 67   ALA A CB    1 
ATOM   430  N N     . GLY A 1 68  ? 1.556   2.924   14.304  1.00 11.84 ? 68   GLY A N     1 
ATOM   431  C CA    . GLY A 1 68  ? 1.217   3.332   15.661  1.00 13.24 ? 68   GLY A CA    1 
ATOM   432  C C     . GLY A 1 68  ? -0.212  3.808   15.892  1.00 13.95 ? 68   GLY A C     1 
ATOM   433  O O     . GLY A 1 68  ? -0.588  4.111   17.019  1.00 15.71 ? 68   GLY A O     1 
ATOM   434  N N     . GLN A 1 69  ? -1.019  3.857   14.830  1.00 13.22 ? 69   GLN A N     1 
ATOM   435  C CA    . GLN A 1 69  ? -2.390  4.353   14.933  1.00 14.11 ? 69   GLN A CA    1 
ATOM   436  C C     . GLN A 1 69  ? -3.385  3.274   14.463  1.00 13.03 ? 69   GLN A C     1 
ATOM   437  O O     . GLN A 1 69  ? -4.480  3.590   14.024  1.00 13.18 ? 69   GLN A O     1 
ATOM   438  C CB    . GLN A 1 69  ? -2.588  5.599   14.065  1.00 14.34 ? 69   GLN A CB    1 
ATOM   439  C CG    . GLN A 1 69  ? -1.718  6.828   14.349  1.00 18.97 ? 69   GLN A CG    1 
ATOM   440  C CD    . GLN A 1 69  ? -2.069  7.957   13.373  1.00 25.02 ? 69   GLN A CD    1 
ATOM   441  O OE1   . GLN A 1 69  ? -3.111  8.602   13.513  1.00 29.46 ? 69   GLN A OE1   1 
ATOM   442  N NE2   . GLN A 1 69  ? -1.233  8.150   12.355  1.00 26.77 ? 69   GLN A NE2   1 
ATOM   443  N N     . GLU A 1 70  ? -2.996  2.011   14.545  1.00 12.54 ? 70   GLU A N     1 
ATOM   444  C CA    . GLU A 1 70  ? -3.807  0.937   13.951  1.00 11.59 ? 70   GLU A CA    1 
ATOM   445  C C     . GLU A 1 70  ? -4.969  0.548   14.817  1.00 13.40 ? 70   GLU A C     1 
ATOM   446  O O     . GLU A 1 70  ? -5.968  0.006   14.313  1.00 13.62 ? 70   GLU A O     1 
ATOM   447  C CB    . GLU A 1 70  ? -2.976  -0.327  13.739  1.00 10.80 ? 70   GLU A CB    1 
ATOM   448  C CG    . GLU A 1 70  ? -1.696  -0.099  12.963  1.00 8.88  ? 70   GLU A CG    1 
ATOM   449  C CD    . GLU A 1 70  ? -0.514  0.270   13.844  1.00 8.91  ? 70   GLU A CD    1 
ATOM   450  O OE1   . GLU A 1 70  ? 0.597   0.164   13.311  1.00 8.14  ? 70   GLU A OE1   1 
ATOM   451  O OE2   . GLU A 1 70  ? -0.702  0.666   15.044  1.00 11.72 ? 70   GLU A OE2   1 
ATOM   452  N N     . ARG A 1 71  ? -4.822  0.766   16.124  1.00 15.23 ? 71   ARG A N     1 
ATOM   453  C CA    . ARG A 1 71  ? -5.790  0.279   17.082  1.00 17.82 ? 71   ARG A CA    1 
ATOM   454  C C     . ARG A 1 71  ? -6.562  1.475   17.526  1.00 18.96 ? 71   ARG A C     1 
ATOM   455  O O     . ARG A 1 71  ? -6.531  1.925   18.668  1.00 20.99 ? 71   ARG A O     1 
ATOM   456  C CB    . ARG A 1 71  ? -5.148  -0.533  18.191  1.00 18.50 ? 71   ARG A CB    1 
ATOM   457  C CG    . ARG A 1 71  ? -6.041  -1.602  18.696  1.00 23.85 ? 71   ARG A CG    1 
ATOM   458  C CD    . ARG A 1 71  ? -5.450  -3.019  18.621  1.00 28.44 ? 71   ARG A CD    1 
ATOM   459  N NE    . ARG A 1 71  ? -6.089  -3.806  17.563  1.00 33.43 ? 71   ARG A NE    1 
ATOM   460  C CZ    . ARG A 1 71  ? -7.219  -4.519  17.697  1.00 33.34 ? 71   ARG A CZ    1 
ATOM   461  N NH1   . ARG A 1 71  ? -7.869  -4.587  18.859  1.00 35.36 ? 71   ARG A NH1   1 
ATOM   462  N NH2   . ARG A 1 71  ? -7.695  -5.181  16.647  1.00 32.60 ? 71   ARG A NH2   1 
ATOM   463  N N     . PHE A 1 72  ? -6.959  2.092   16.426  1.00 19.22 ? 72   PHE A N     1 
ATOM   464  C CA    . PHE A 1 72  ? -8.222  2.601   16.024  1.00 15.80 ? 72   PHE A CA    1 
ATOM   465  C C     . PHE A 1 72  ? -8.099  4.019   15.564  1.00 14.41 ? 72   PHE A C     1 
ATOM   466  O O     . PHE A 1 72  ? -8.874  4.403   14.727  1.00 13.48 ? 72   PHE A O     1 
ATOM   467  C CB    . PHE A 1 72  ? -9.406  2.275   16.922  1.00 16.95 ? 72   PHE A CB    1 
ATOM   468  C CG    . PHE A 1 72  ? -9.495  0.812   17.311  1.00 15.07 ? 72   PHE A CG    1 
ATOM   469  C CD1   . PHE A 1 72  ? -9.548  -0.193  16.354  1.00 12.09 ? 72   PHE A CD1   1 
ATOM   470  C CD2   . PHE A 1 72  ? -9.524  0.464   18.649  1.00 14.05 ? 72   PHE A CD2   1 
ATOM   471  C CE1   . PHE A 1 72  ? -9.611  -1.539  16.735  1.00 13.67 ? 72   PHE A CE1   1 
ATOM   472  C CE2   . PHE A 1 72  ? -9.617  -0.885  19.043  1.00 13.30 ? 72   PHE A CE2   1 
ATOM   473  C CZ    . PHE A 1 72  ? -9.660  -1.868  18.110  1.00 12.68 ? 72   PHE A CZ    1 
ATOM   474  N N     . ARG A 1 73  ? -7.099  4.771   16.042  1.00 13.44 ? 73   ARG A N     1 
ATOM   475  C CA    . ARG A 1 73  ? -7.040  6.206   15.744  1.00 14.08 ? 73   ARG A CA    1 
ATOM   476  C C     . ARG A 1 73  ? -7.129  6.533   14.252  1.00 11.95 ? 73   ARG A C     1 
ATOM   477  O O     . ARG A 1 73  ? -7.832  7.481   13.856  1.00 11.47 ? 73   ARG A O     1 
ATOM   478  C CB    . ARG A 1 73  ? -5.767  6.840   16.344  1.00 15.50 ? 73   ARG A CB    1 
ATOM   479  C CG    . ARG A 1 73  ? -5.864  8.322   16.547  1.00 22.44 ? 73   ARG A CG    1 
ATOM   480  C CD    . ARG A 1 73  ? -4.550  9.080   16.353  1.00 29.96 ? 73   ARG A CD    1 
ATOM   481  N NE    . ARG A 1 73  ? -4.745  10.507  16.610  1.00 35.86 ? 73   ARG A NE    1 
ATOM   482  C CZ    . ARG A 1 73  ? -3.793  11.436  16.534  1.00 39.24 ? 73   ARG A CZ    1 
ATOM   483  N NH1   . ARG A 1 73  ? -2.547  11.109  16.200  1.00 39.95 ? 73   ARG A NH1   1 
ATOM   484  N NH2   . ARG A 1 73  ? -4.091  12.705  16.800  1.00 41.43 ? 73   ARG A NH2   1 
ATOM   485  N N     . SER A 1 74  ? -6.397  5.776   13.437  1.00 9.62  ? 74   SER A N     1 
ATOM   486  C CA    . SER A 1 74  ? -6.338  6.035   11.997  1.00 9.07  ? 74   SER A CA    1 
ATOM   487  C C     . SER A 1 74  ? -7.495  5.388   11.225  1.00 8.75  ? 74   SER A C     1 
ATOM   488  O O     . SER A 1 74  ? -7.663  5.680   10.039  1.00 7.72  ? 74   SER A O     1 
ATOM   489  C CB    . SER A 1 74  ? -5.009  5.571   11.372  1.00 8.06  ? 74   SER A CB    1 
ATOM   490  O OG    . SER A 1 74  ? -4.860  4.144   11.400  1.00 7.46  ? 74   SER A OG    1 
ATOM   491  N N     . VAL A 1 75  ? -8.290  4.541   11.888  1.00 8.30  ? 75   VAL A N     1 
ATOM   492  C CA    . VAL A 1 75  ? -9.237  3.695   11.134  1.00 8.32  ? 75   VAL A CA    1 
ATOM   493  C C     . VAL A 1 75  ? -10.568 4.426   11.089  1.00 9.30  ? 75   VAL A C     1 
ATOM   494  O O     . VAL A 1 75  ? -11.537 4.052   11.755  1.00 10.15 ? 75   VAL A O     1 
ATOM   495  C CB    . VAL A 1 75  ? -9.375  2.257   11.707  1.00 7.98  ? 75   VAL A CB    1 
ATOM   496  C CG1   . VAL A 1 75  ? -9.972  1.355   10.678  1.00 8.12  ? 75   VAL A CG1   1 
ATOM   497  C CG2   . VAL A 1 75  ? -8.013  1.696   12.092  1.00 7.31  ? 75   VAL A CG2   1 
ATOM   498  N N     . THR A 1 76  ? -10.587 5.518   10.335  1.00 9.49  ? 76   THR A N     1 
ATOM   499  C CA    . THR A 1 76  ? -11.727 6.412   10.338  1.00 10.74 ? 76   THR A CA    1 
ATOM   500  C C     . THR A 1 76  ? -11.994 6.907   8.930   1.00 10.69 ? 76   THR A C     1 
ATOM   501  O O     . THR A 1 76  ? -11.112 6.896   8.061   1.00 9.79  ? 76   THR A O     1 
ATOM   502  C CB    . THR A 1 76  ? -11.479 7.693   11.200  1.00 11.60 ? 76   THR A CB    1 
ATOM   503  O OG1   . THR A 1 76  ? -10.305 8.341   10.695  1.00 10.96 ? 76   THR A OG1   1 
ATOM   504  C CG2   . THR A 1 76  ? -11.179 7.353   12.688  1.00 11.92 ? 76   THR A CG2   1 
ATOM   505  N N     . ARG A 1 77  ? -13.216 7.382   8.745   1.00 11.86 ? 77   ARG A N     1 
ATOM   506  C CA    . ARG A 1 77  ? -13.610 8.063   7.520   1.00 12.23 ? 77   ARG A CA    1 
ATOM   507  C C     . ARG A 1 77  ? -12.719 9.287   7.226   1.00 12.14 ? 77   ARG A C     1 
ATOM   508  O O     . ARG A 1 77  ? -12.301 9.486   6.095   1.00 11.73 ? 77   ARG A O     1 
ATOM   509  C CB    . ARG A 1 77  ? -15.071 8.503   7.625   1.00 13.81 ? 77   ARG A CB    1 
ATOM   510  C CG    . ARG A 1 77  ? -15.631 9.210   6.402   1.00 14.50 ? 77   ARG A CG    1 
ATOM   511  C CD    . ARG A 1 77  ? -15.407 8.486   5.079   1.00 13.72 ? 77   ARG A CD    1 
ATOM   512  N NE    . ARG A 1 77  ? -16.032 9.237   3.985   1.00 14.97 ? 77   ARG A NE    1 
ATOM   513  C CZ    . ARG A 1 77  ? -15.699 9.140   2.697   1.00 15.90 ? 77   ARG A CZ    1 
ATOM   514  N NH1   . ARG A 1 77  ? -14.730 8.310   2.297   1.00 14.11 ? 77   ARG A NH1   1 
ATOM   515  N NH2   . ARG A 1 77  ? -16.360 9.886   1.811   1.00 17.11 ? 77   ARG A NH2   1 
ATOM   516  N N     . SER A 1 78  ? -12.437 10.106  8.233   1.00 12.69 ? 78   SER A N     1 
ATOM   517  C CA    . SER A 1 78  ? -11.619 11.314  7.988   1.00 12.87 ? 78   SER A CA    1 
ATOM   518  C C     . SER A 1 78  ? -10.203 10.989  7.535   1.00 11.59 ? 78   SER A C     1 
ATOM   519  O O     . SER A 1 78  ? -9.662  11.674  6.664   1.00 11.58 ? 78   SER A O     1 
ATOM   520  C CB    . SER A 1 78  ? -11.613 12.273  9.190   1.00 13.96 ? 78   SER A CB    1 
ATOM   521  O OG    . SER A 1 78  ? -10.855 11.742  10.259  1.00 13.95 ? 78   SER A OG    1 
ATOM   522  N N     . TYR A 1 79  ? -9.626  9.921   8.075   1.00 10.64 ? 79   TYR A N     1 
ATOM   523  C CA    . TYR A 1 79  ? -8.269  9.539   7.718   1.00 9.55  ? 79   TYR A CA    1 
ATOM   524  C C     . TYR A 1 79  ? -8.209  8.879   6.341   1.00 8.79  ? 79   TYR A C     1 
ATOM   525  O O     . TYR A 1 79  ? -7.295  9.168   5.561   1.00 8.42  ? 79   TYR A O     1 
ATOM   526  C CB    . TYR A 1 79  ? -7.699  8.602   8.769   1.00 8.96  ? 79   TYR A CB    1 
ATOM   527  C CG    . TYR A 1 79  ? -6.204  8.378   8.686   1.00 8.66  ? 79   TYR A CG    1 
ATOM   528  C CD1   . TYR A 1 79  ? -5.664  7.528   7.721   1.00 7.14  ? 79   TYR A CD1   1 
ATOM   529  C CD2   . TYR A 1 79  ? -5.337  8.990   9.609   1.00 9.18  ? 79   TYR A CD2   1 
ATOM   530  C CE1   . TYR A 1 79  ? -4.285  7.305   7.660   1.00 10.11 ? 79   TYR A CE1   1 
ATOM   531  C CE2   . TYR A 1 79  ? -3.965  8.778   9.553   1.00 10.77 ? 79   TYR A CE2   1 
ATOM   532  C CZ    . TYR A 1 79  ? -3.456  7.931   8.574   1.00 10.00 ? 79   TYR A CZ    1 
ATOM   533  O OH    . TYR A 1 79  ? -2.107  7.669   8.490   1.00 12.11 ? 79   TYR A OH    1 
ATOM   534  N N     . TYR A 1 80  ? -9.177  8.008   6.031   1.00 8.74  ? 80   TYR A N     1 
ATOM   535  C CA    . TYR A 1 80  ? -9.128  7.216   4.797   1.00 8.14  ? 80   TYR A CA    1 
ATOM   536  C C     . TYR A 1 80  ? -9.651  7.996   3.613   1.00 8.83  ? 80   TYR A C     1 
ATOM   537  O O     . TYR A 1 80  ? -9.315  7.673   2.460   1.00 8.49  ? 80   TYR A O     1 
ATOM   538  C CB    . TYR A 1 80  ? -9.946  5.919   4.930   1.00 8.00  ? 80   TYR A CB    1 
ATOM   539  C CG    . TYR A 1 80  ? -9.241  4.768   5.621   1.00 7.21  ? 80   TYR A CG    1 
ATOM   540  C CD1   . TYR A 1 80  ? -8.445  4.966   6.779   1.00 7.99  ? 80   TYR A CD1   1 
ATOM   541  C CD2   . TYR A 1 80  ? -9.340  3.473   5.117   1.00 6.62  ? 80   TYR A CD2   1 
ATOM   542  C CE1   . TYR A 1 80  ? -7.790  3.888   7.408   1.00 8.21  ? 80   TYR A CE1   1 
ATOM   543  C CE2   . TYR A 1 80  ? -8.705  2.418   5.747   1.00 5.93  ? 80   TYR A CE2   1 
ATOM   544  C CZ    . TYR A 1 80  ? -7.925  2.630   6.883   1.00 8.12  ? 80   TYR A CZ    1 
ATOM   545  O OH    . TYR A 1 80  ? -7.313  1.541   7.492   1.00 6.84  ? 80   TYR A OH    1 
ATOM   546  N N     . ARG A 1 81  ? -10.492 9.002   3.890   1.00 9.96  ? 81   ARG A N     1 
ATOM   547  C CA    . ARG A 1 81  ? -11.275 9.662   2.844   1.00 11.33 ? 81   ARG A CA    1 
ATOM   548  C C     . ARG A 1 81  ? -10.369 10.249  1.758   1.00 10.75 ? 81   ARG A C     1 
ATOM   549  O O     . ARG A 1 81  ? -9.351  10.850  2.064   1.00 10.54 ? 81   ARG A O     1 
ATOM   550  C CB    . ARG A 1 81  ? -12.152 10.758  3.451   1.00 12.82 ? 81   ARG A CB    1 
ATOM   551  C CG    . ARG A 1 81  ? -12.776 11.695  2.450   1.00 17.97 ? 81   ARG A CG    1 
ATOM   552  C CD    . ARG A 1 81  ? -13.708 12.752  3.058   1.00 23.55 ? 81   ARG A CD    1 
ATOM   553  N NE    . ARG A 1 81  ? -13.191 13.368  4.287   1.00 27.93 ? 81   ARG A NE    1 
ATOM   554  C CZ    . ARG A 1 81  ? -13.968 13.939  5.215   1.00 30.83 ? 81   ARG A CZ    1 
ATOM   555  N NH1   . ARG A 1 81  ? -15.294 13.954  5.068   1.00 31.96 ? 81   ARG A NH1   1 
ATOM   556  N NH2   . ARG A 1 81  ? -13.420 14.482  6.301   1.00 31.38 ? 81   ARG A NH2   1 
ATOM   557  N N     . GLY A 1 82  ? -10.715 10.024  0.501   1.00 11.00 ? 82   GLY A N     1 
ATOM   558  C CA    . GLY A 1 82  ? -9.954  10.618  -0.580  1.00 11.17 ? 82   GLY A CA    1 
ATOM   559  C C     . GLY A 1 82  ? -8.758  9.841   -1.067  1.00 10.43 ? 82   GLY A C     1 
ATOM   560  O O     . GLY A 1 82  ? -8.158  10.253  -2.063  1.00 10.62 ? 82   GLY A O     1 
ATOM   561  N N     . ALA A 1 83  ? -8.424  8.718   -0.414  1.00 9.66  ? 83   ALA A N     1 
ATOM   562  C CA    . ALA A 1 83  ? -7.260  7.923   -0.805  1.00 8.42  ? 83   ALA A CA    1 
ATOM   563  C C     . ALA A 1 83  ? -7.560  7.211   -2.118  1.00 8.41  ? 83   ALA A C     1 
ATOM   564  O O     . ALA A 1 83  ? -8.581  6.554   -2.243  1.00 9.79  ? 83   ALA A O     1 
ATOM   565  C CB    . ALA A 1 83  ? -6.906  6.902   0.268   1.00 7.08  ? 83   ALA A CB    1 
ATOM   566  N N     . ALA A 1 84  ? -6.689  7.374   -3.095  1.00 8.22  ? 84   ALA A N     1 
ATOM   567  C CA    . ALA A 1 84  ? -6.828  6.687   -4.381  1.00 8.49  ? 84   ALA A CA    1 
ATOM   568  C C     . ALA A 1 84  ? -6.190  5.322   -4.316  1.00 7.53  ? 84   ALA A C     1 
ATOM   569  O O     . ALA A 1 84  ? -6.577  4.411   -5.086  1.00 7.72  ? 84   ALA A O     1 
ATOM   570  C CB    . ALA A 1 84  ? -6.161  7.497   -5.497  1.00 9.16  ? 84   ALA A CB    1 
ATOM   571  N N     . GLY A 1 85  ? -5.204  5.163   -3.426  1.00 6.68  ? 85   GLY A N     1 
ATOM   572  C CA    . GLY A 1 85  ? -4.442  3.910   -3.369  1.00 5.84  ? 85   GLY A CA    1 
ATOM   573  C C     . GLY A 1 85  ? -4.108  3.508   -1.945  1.00 6.21  ? 85   GLY A C     1 
ATOM   574  O O     . GLY A 1 85  ? -4.054  4.370   -1.064  1.00 5.11  ? 85   GLY A O     1 
ATOM   575  N N     . ALA A 1 86  ? -3.875  2.212   -1.716  1.00 6.31  ? 86   ALA A N     1 
ATOM   576  C CA    . ALA A 1 86  ? -3.408  1.779   -0.391  1.00 6.35  ? 86   ALA A CA    1 
ATOM   577  C C     . ALA A 1 86  ? -2.458  0.607   -0.553  1.00 6.38  ? 86   ALA A C     1 
ATOM   578  O O     . ALA A 1 86  ? -2.702  -0.272  -1.379  1.00 8.04  ? 86   ALA A O     1 
ATOM   579  C CB    . ALA A 1 86  ? -4.581  1.415   0.536   1.00 6.45  ? 86   ALA A CB    1 
ATOM   580  N N     . LEU A 1 87  ? -1.375  0.627   0.223   1.00 6.14  ? 87   LEU A N     1 
ATOM   581  C CA    . LEU A 1 87  ? -0.503  -0.534  0.391   1.00 6.04  ? 87   LEU A CA    1 
ATOM   582  C C     . LEU A 1 87  ? -1.043  -1.239  1.594   1.00 5.85  ? 87   LEU A C     1 
ATOM   583  O O     . LEU A 1 87  ? -1.098  -0.652  2.688   1.00 6.35  ? 87   LEU A O     1 
ATOM   584  C CB    . LEU A 1 87  ? 0.930   -0.095  0.669   1.00 6.15  ? 87   LEU A CB    1 
ATOM   585  C CG    . LEU A 1 87  ? 1.807   0.266   -0.538  1.00 7.06  ? 87   LEU A CG    1 
ATOM   586  C CD1   . LEU A 1 87  ? 1.280   1.505   -1.321  1.00 6.79  ? 87   LEU A CD1   1 
ATOM   587  C CD2   . LEU A 1 87  ? 3.235   0.471   -0.044  1.00 7.91  ? 87   LEU A CD2   1 
ATOM   588  N N     . LEU A 1 88  ? -1.499  -2.477  1.409   1.00 5.05  ? 88   LEU A N     1 
ATOM   589  C CA    . LEU A 1 88  ? -1.984  -3.271  2.519   1.00 5.01  ? 88   LEU A CA    1 
ATOM   590  C C     . LEU A 1 88  ? -0.876  -4.232  2.907   1.00 4.88  ? 88   LEU A C     1 
ATOM   591  O O     . LEU A 1 88  ? -0.508  -5.091  2.107   1.00 4.86  ? 88   LEU A O     1 
ATOM   592  C CB    . LEU A 1 88  ? -3.253  -4.014  2.094   1.00 6.17  ? 88   LEU A CB    1 
ATOM   593  C CG    . LEU A 1 88  ? -3.866  -5.028  3.052   1.00 11.58 ? 88   LEU A CG    1 
ATOM   594  C CD1   . LEU A 1 88  ? -3.941  -4.487  4.490   1.00 14.39 ? 88   LEU A CD1   1 
ATOM   595  C CD2   . LEU A 1 88  ? -5.262  -5.446  2.545   1.00 15.33 ? 88   LEU A CD2   1 
ATOM   596  N N     . VAL A 1 89  ? -0.344  -4.047  4.113   1.00 4.13  ? 89   VAL A N     1 
ATOM   597  C CA    . VAL A 1 89  ? 0.884   -4.701  4.567   1.00 4.03  ? 89   VAL A CA    1 
ATOM   598  C C     . VAL A 1 89  ? 0.605   -5.829  5.549   1.00 4.02  ? 89   VAL A C     1 
ATOM   599  O O     . VAL A 1 89  ? -0.135  -5.675  6.528   1.00 4.94  ? 89   VAL A O     1 
ATOM   600  C CB    . VAL A 1 89  ? 1.862   -3.690  5.237   1.00 4.20  ? 89   VAL A CB    1 
ATOM   601  C CG1   . VAL A 1 89  ? 3.199   -4.386  5.612   1.00 4.08  ? 89   VAL A CG1   1 
ATOM   602  C CG2   . VAL A 1 89  ? 2.073   -2.450  4.332   1.00 3.95  ? 89   VAL A CG2   1 
ATOM   603  N N     . TYR A 1 90  ? 1.195   -6.984  5.273   1.00 4.14  ? 90   TYR A N     1 
ATOM   604  C CA    . TYR A 1 90  ? 1.304   -8.021  6.305   1.00 4.21  ? 90   TYR A CA    1 
ATOM   605  C C     . TYR A 1 90  ? 2.764   -8.436  6.417   1.00 3.87  ? 90   TYR A C     1 
ATOM   606  O O     . TYR A 1 90  ? 3.613   -7.970  5.636   1.00 4.64  ? 90   TYR A O     1 
ATOM   607  C CB    . TYR A 1 90  ? 0.386   -9.241  6.014   1.00 3.43  ? 90   TYR A CB    1 
ATOM   608  C CG    . TYR A 1 90  ? 0.806   -10.057 4.811   1.00 5.26  ? 90   TYR A CG    1 
ATOM   609  C CD1   . TYR A 1 90  ? 0.485   -9.628  3.522   1.00 4.82  ? 90   TYR A CD1   1 
ATOM   610  C CD2   . TYR A 1 90  ? 1.570   -11.230 4.949   1.00 3.60  ? 90   TYR A CD2   1 
ATOM   611  C CE1   . TYR A 1 90  ? 0.883   -10.363 2.404   1.00 4.93  ? 90   TYR A CE1   1 
ATOM   612  C CE2   . TYR A 1 90  ? 1.976   -11.975 3.810   1.00 3.95  ? 90   TYR A CE2   1 
ATOM   613  C CZ    . TYR A 1 90  ? 1.615   -11.529 2.558   1.00 4.65  ? 90   TYR A CZ    1 
ATOM   614  O OH    . TYR A 1 90  ? 2.021   -12.203 1.422   1.00 4.91  ? 90   TYR A OH    1 
ATOM   615  N N     . ASP A 1 91  ? 3.050   -9.321  7.377   1.00 4.01  ? 91   ASP A N     1 
ATOM   616  C CA    . ASP A 1 91  ? 4.407   -9.755  7.673   1.00 3.61  ? 91   ASP A CA    1 
ATOM   617  C C     . ASP A 1 91  ? 4.411   -11.247 7.337   1.00 3.40  ? 91   ASP A C     1 
ATOM   618  O O     . ASP A 1 91  ? 3.618   -12.011 7.893   1.00 2.96  ? 91   ASP A O     1 
ATOM   619  C CB    . ASP A 1 91  ? 4.653   -9.459  9.167   1.00 5.07  ? 91   ASP A CB    1 
ATOM   620  C CG    . ASP A 1 91  ? 5.940   -10.041 9.716   1.00 6.99  ? 91   ASP A CG    1 
ATOM   621  O OD1   . ASP A 1 91  ? 6.718   -10.746 9.002   1.00 5.96  ? 91   ASP A OD1   1 
ATOM   622  O OD2   . ASP A 1 91  ? 6.240   -9.840  10.926  1.00 5.20  ? 91   ASP A OD2   1 
ATOM   623  N N     . ILE A 1 92  ? 5.277   -11.645 6.405   1.00 3.31  ? 92   ILE A N     1 
ATOM   624  C CA    . ILE A 1 92  ? 5.335   -13.049 5.977   1.00 4.18  ? 92   ILE A CA    1 
ATOM   625  C C     . ILE A 1 92  ? 5.667   -13.999 7.135   1.00 4.93  ? 92   ILE A C     1 
ATOM   626  O O     . ILE A 1 92  ? 5.421   -15.216 7.038   1.00 4.70  ? 92   ILE A O     1 
ATOM   627  C CB    . ILE A 1 92  ? 6.329   -13.260 4.794   1.00 4.38  ? 92   ILE A CB    1 
ATOM   628  C CG1   . ILE A 1 92  ? 7.774   -13.048 5.244   1.00 5.83  ? 92   ILE A CG1   1 
ATOM   629  C CG2   . ILE A 1 92  ? 5.946   -12.390 3.579   1.00 3.21  ? 92   ILE A CG2   1 
ATOM   630  C CD1   . ILE A 1 92  ? 8.720   -13.994 4.588   1.00 11.30 ? 92   ILE A CD1   1 
ATOM   631  N N     . THR A 1 93  ? 6.208   -13.450 8.229   1.00 4.51  ? 93   THR A N     1 
ATOM   632  C CA    . THR A 1 93  ? 6.576   -14.298 9.355   1.00 5.75  ? 93   THR A CA    1 
ATOM   633  C C     . THR A 1 93  ? 5.509   -14.353 10.423  1.00 6.73  ? 93   THR A C     1 
ATOM   634  O O     . THR A 1 93  ? 5.734   -15.001 11.442  1.00 6.03  ? 93   THR A O     1 
ATOM   635  C CB    . THR A 1 93  ? 7.888   -13.855 10.043  1.00 6.58  ? 93   THR A CB    1 
ATOM   636  O OG1   . THR A 1 93  ? 7.662   -12.625 10.752  1.00 5.82  ? 93   THR A OG1   1 
ATOM   637  C CG2   . THR A 1 93  ? 8.981   -13.562 9.017   1.00 5.45  ? 93   THR A CG2   1 
ATOM   638  N N     . SER A 1 94  ? 4.390   -13.651 10.223  1.00 6.05  ? 94   SER A N     1 
ATOM   639  C CA    . SER A 1 94  ? 3.318   -13.679 11.226  1.00 7.41  ? 94   SER A CA    1 
ATOM   640  C C     . SER A 1 94  ? 1.959   -13.963 10.588  1.00 7.26  ? 94   SER A C     1 
ATOM   641  O O     . SER A 1 94  ? 1.341   -13.092 9.956   1.00 6.40  ? 94   SER A O     1 
ATOM   642  C CB    . SER A 1 94  ? 3.299   -12.379 12.038  1.00 8.09  ? 94   SER A CB    1 
ATOM   643  O OG    . SER A 1 94  ? 2.201   -12.376 12.952  1.00 7.58  ? 94   SER A OG    1 
ATOM   644  N N     . ARG A 1 95  ? 1.507   -15.201 10.735  1.00 7.86  ? 95   ARG A N     1 
ATOM   645  C CA    . ARG A 1 95  ? 0.289   -15.634 10.060  1.00 8.77  ? 95   ARG A CA    1 
ATOM   646  C C     . ARG A 1 95  ? -0.918  -14.753 10.441  1.00 8.29  ? 95   ARG A C     1 
ATOM   647  O O     . ARG A 1 95  ? -1.772  -14.450 9.605   1.00 8.18  ? 95   ARG A O     1 
ATOM   648  C CB    . ARG A 1 95  ? 0.016   -17.092 10.404  1.00 9.98  ? 95   ARG A CB    1 
ATOM   649  C CG    . ARG A 1 95  ? -1.142  -17.650 9.697   1.00 15.26 ? 95   ARG A CG    1 
ATOM   650  C CD    . ARG A 1 95  ? -0.787  -18.717 8.720   1.00 13.69 ? 95   ARG A CD    1 
ATOM   651  N NE    . ARG A 1 95  ? -1.858  -18.908 7.768   1.00 15.79 ? 95   ARG A NE    1 
ATOM   652  C CZ    . ARG A 1 95  ? -1.653  -18.934 6.451   1.00 14.60 ? 95   ARG A CZ    1 
ATOM   653  N NH1   . ARG A 1 95  ? -2.670  -19.094 5.632   1.00 17.14 ? 95   ARG A NH1   1 
ATOM   654  N NH2   . ARG A 1 95  ? -0.424  -18.819 5.974   1.00 14.27 ? 95   ARG A NH2   1 
ATOM   655  N N     . GLU A 1 96  ? -0.984  -14.331 11.694  1.00 8.24  ? 96   GLU A N     1 
ATOM   656  C CA    . GLU A 1 96  ? -2.110  -13.516 12.118  1.00 9.01  ? 96   GLU A CA    1 
ATOM   657  C C     . GLU A 1 96  ? -2.263  -12.220 11.318  1.00 8.23  ? 96   GLU A C     1 
ATOM   658  O O     . GLU A 1 96  ? -3.403  -11.764 11.039  1.00 7.57  ? 96   GLU A O     1 
ATOM   659  C CB    . GLU A 1 96  ? -2.009  -13.251 13.627  1.00 10.99 ? 96   GLU A CB    1 
ATOM   660  C CG    . GLU A 1 96  ? -2.190  -14.508 14.478  1.00 14.95 ? 96   GLU A CG    1 
ATOM   661  C CD    . GLU A 1 96  ? -0.871  -15.183 14.879  1.00 21.70 ? 96   GLU A CD    1 
ATOM   662  O OE1   . GLU A 1 96  ? 0.187   -15.003 14.191  1.00 22.32 ? 96   GLU A OE1   1 
ATOM   663  O OE2   . GLU A 1 96  ? -0.894  -15.927 15.897  1.00 27.00 ? 96   GLU A OE2   1 
ATOM   664  N N     . THR A 1 97  ? -1.135  -11.641 10.918  1.00 6.76  ? 97   THR A N     1 
ATOM   665  C CA    . THR A 1 97  ? -1.184  -10.372 10.168  1.00 5.80  ? 97   THR A CA    1 
ATOM   666  C C     . THR A 1 97  ? -1.720  -10.592 8.765   1.00 5.61  ? 97   THR A C     1 
ATOM   667  O O     . THR A 1 97  ? -2.328  -9.686  8.194   1.00 5.94  ? 97   THR A O     1 
ATOM   668  C CB    . THR A 1 97  ? 0.176   -9.676  10.097  1.00 5.28  ? 97   THR A CB    1 
ATOM   669  O OG1   . THR A 1 97  ? 1.075   -10.440 9.269   1.00 4.00  ? 97   THR A OG1   1 
ATOM   670  C CG2   . THR A 1 97  ? 0.849   -9.563  11.488  1.00 5.14  ? 97   THR A CG2   1 
ATOM   671  N N     . TYR A 1 98  ? -1.498  -11.799 8.227   1.00 5.96  ? 98   TYR A N     1 
ATOM   672  C CA    . TYR A 1 98  ? -2.045  -12.229 6.930   1.00 5.94  ? 98   TYR A CA    1 
ATOM   673  C C     . TYR A 1 98  ? -3.542  -12.556 7.057   1.00 6.90  ? 98   TYR A C     1 
ATOM   674  O O     . TYR A 1 98  ? -4.344  -12.180 6.188   1.00 7.38  ? 98   TYR A O     1 
ATOM   675  C CB    . TYR A 1 98  ? -1.262  -13.456 6.429   1.00 5.01  ? 98   TYR A CB    1 
ATOM   676  C CG    . TYR A 1 98  ? -1.788  -14.074 5.145   1.00 6.22  ? 98   TYR A CG    1 
ATOM   677  C CD1   . TYR A 1 98  ? -1.558  -13.461 3.931   1.00 4.80  ? 98   TYR A CD1   1 
ATOM   678  C CD2   . TYR A 1 98  ? -2.510  -15.267 5.167   1.00 8.23  ? 98   TYR A CD2   1 
ATOM   679  C CE1   . TYR A 1 98  ? -2.048  -14.017 2.744   1.00 7.18  ? 98   TYR A CE1   1 
ATOM   680  C CE2   . TYR A 1 98  ? -2.996  -15.831 3.998   1.00 9.24  ? 98   TYR A CE2   1 
ATOM   681  C CZ    . TYR A 1 98  ? -2.751  -15.197 2.783   1.00 10.02 ? 98   TYR A CZ    1 
ATOM   682  O OH    . TYR A 1 98  ? -3.222  -15.752 1.601   1.00 10.72 ? 98   TYR A OH    1 
ATOM   683  N N     . ASN A 1 99  ? -3.936  -13.221 8.144   1.00 6.87  ? 99   ASN A N     1 
ATOM   684  C CA    . ASN A 1 99  ? -5.355  -13.499 8.389   1.00 8.67  ? 99   ASN A CA    1 
ATOM   685  C C     . ASN A 1 99  ? -6.193  -12.224 8.548   1.00 8.86  ? 99   ASN A C     1 
ATOM   686  O O     . ASN A 1 99  ? -7.408  -12.214 8.282   1.00 9.80  ? 99   ASN A O     1 
ATOM   687  C CB    . ASN A 1 99  ? -5.539  -14.390 9.624   1.00 9.30  ? 99   ASN A CB    1 
ATOM   688  C CG    . ASN A 1 99  ? -4.976  -15.795 9.424   1.00 12.35 ? 99   ASN A CG    1 
ATOM   689  O OD1   . ASN A 1 99  ? -4.751  -16.227 8.301   1.00 14.83 ? 99   ASN A OD1   1 
ATOM   690  N ND2   . ASN A 1 99  ? -4.734  -16.492 10.517  1.00 15.12 ? 99   ASN A ND2   1 
ATOM   691  N N     . ALA A 1 100 ? -5.545  -11.150 8.977   1.00 8.00  ? 100  ALA A N     1 
ATOM   692  C CA    . ALA A 1 100 ? -6.241  -9.874  9.195   1.00 7.89  ? 100  ALA A CA    1 
ATOM   693  C C     . ALA A 1 100 ? -6.509  -9.104  7.908   1.00 8.23  ? 100  ALA A C     1 
ATOM   694  O O     . ALA A 1 100 ? -7.221  -8.103  7.927   1.00 8.12  ? 100  ALA A O     1 
ATOM   695  C CB    . ALA A 1 100 ? -5.450  -8.994  10.152  1.00 7.44  ? 100  ALA A CB    1 
ATOM   696  N N     . LEU A 1 101 ? -5.905  -9.518  6.799   1.00 7.27  ? 101  LEU A N     1 
ATOM   697  C CA    . LEU A 1 101 ? -6.086  -8.775  5.550   1.00 7.24  ? 101  LEU A CA    1 
ATOM   698  C C     . LEU A 1 101 ? -7.545  -8.519  5.167   1.00 7.54  ? 101  LEU A C     1 
ATOM   699  O O     . LEU A 1 101 ? -7.855  -7.438  4.697   1.00 8.27  ? 101  LEU A O     1 
ATOM   700  C CB    . LEU A 1 101 ? -5.361  -9.465  4.391   1.00 6.72  ? 101  LEU A CB    1 
ATOM   701  C CG    . LEU A 1 101 ? -3.822  -9.500  4.510   1.00 5.17  ? 101  LEU A CG    1 
ATOM   702  C CD1   . LEU A 1 101 ? -3.205  -10.345 3.399   1.00 9.83  ? 101  LEU A CD1   1 
ATOM   703  C CD2   . LEU A 1 101 ? -3.242  -8.114  4.456   1.00 6.95  ? 101  LEU A CD2   1 
ATOM   704  N N     . THR A 1 102 ? -8.419  -9.520  5.297   1.00 9.30  ? 102  THR A N     1 
ATOM   705  C CA    . THR A 1 102 ? -9.831  -9.314  4.922   1.00 10.91 ? 102  THR A CA    1 
ATOM   706  C C     . THR A 1 102 ? -10.443 -8.167  5.719   1.00 10.88 ? 102  THR A C     1 
ATOM   707  O O     . THR A 1 102 ? -11.192 -7.348  5.184   1.00 10.02 ? 102  THR A O     1 
ATOM   708  C CB    . THR A 1 102 ? -10.667 -10.599 5.068   1.00 12.79 ? 102  THR A CB    1 
ATOM   709  O OG1   A THR A 1 102 ? -10.240 -11.363 6.199   0.50 13.78 ? 102  THR A OG1   1 
ATOM   710  O OG1   B THR A 1 102 ? -10.153 -11.591 4.163   0.50 13.87 ? 102  THR A OG1   1 
ATOM   711  C CG2   A THR A 1 102 ? -10.445 -11.520 3.866   0.50 13.59 ? 102  THR A CG2   1 
ATOM   712  C CG2   B THR A 1 102 ? -12.102 -10.415 4.627   0.50 12.83 ? 102  THR A CG2   1 
ATOM   713  N N     . ASN A 1 103 ? -10.098 -8.092  7.005   1.00 10.51 ? 103  ASN A N     1 
ATOM   714  C CA    . ASN A 1 103 ? -10.586 -6.984  7.827   1.00 10.95 ? 103  ASN A CA    1 
ATOM   715  C C     . ASN A 1 103 ? -10.115 -5.644  7.274   1.00 9.41  ? 103  ASN A C     1 
ATOM   716  O O     . ASN A 1 103 ? -10.912 -4.715  7.151   1.00 10.73 ? 103  ASN A O     1 
ATOM   717  C CB    . ASN A 1 103 ? -10.112 -7.151  9.271   1.00 11.89 ? 103  ASN A CB    1 
ATOM   718  C CG    . ASN A 1 103 ? -10.607 -8.434  9.905   1.00 16.15 ? 103  ASN A CG    1 
ATOM   719  O OD1   . ASN A 1 103 ? -11.687 -8.944  9.581   1.00 18.82 ? 103  ASN A OD1   1 
ATOM   720  N ND2   . ASN A 1 103 ? -9.810  -8.970  10.814  1.00 20.82 ? 103  ASN A ND2   1 
ATOM   721  N N     . TRP A 1 104 ? -8.828  -5.553  6.938   1.00 7.86  ? 104  TRP A N     1 
ATOM   722  C CA    . TRP A 1 104 ? -8.231  -4.313  6.417   1.00 7.40  ? 104  TRP A CA    1 
ATOM   723  C C     . TRP A 1 104 ? -8.795  -3.963  5.047   1.00 7.74  ? 104  TRP A C     1 
ATOM   724  O O     . TRP A 1 104 ? -8.968  -2.770  4.731   1.00 7.62  ? 104  TRP A O     1 
ATOM   725  C CB    . TRP A 1 104 ? -6.712  -4.428  6.321   1.00 6.61  ? 104  TRP A CB    1 
ATOM   726  C CG    . TRP A 1 104 ? -6.026  -4.406  7.673   1.00 6.47  ? 104  TRP A CG    1 
ATOM   727  C CD1   . TRP A 1 104 ? -5.321  -5.420  8.266   1.00 5.90  ? 104  TRP A CD1   1 
ATOM   728  C CD2   . TRP A 1 104 ? -6.057  -3.330  8.619   1.00 4.77  ? 104  TRP A CD2   1 
ATOM   729  N NE1   . TRP A 1 104 ? -4.889  -5.030  9.518   1.00 5.76  ? 104  TRP A NE1   1 
ATOM   730  C CE2   . TRP A 1 104 ? -5.311  -3.741  9.754   1.00 5.71  ? 104  TRP A CE2   1 
ATOM   731  C CE3   . TRP A 1 104 ? -6.622  -2.050  8.617   1.00 4.57  ? 104  TRP A CE3   1 
ATOM   732  C CZ2   . TRP A 1 104 ? -5.155  -2.912  10.894  1.00 6.61  ? 104  TRP A CZ2   1 
ATOM   733  C CZ3   . TRP A 1 104 ? -6.432  -1.212  9.738   1.00 5.94  ? 104  TRP A CZ3   1 
ATOM   734  C CH2   . TRP A 1 104 ? -5.716  -1.652  10.852  1.00 7.00  ? 104  TRP A CH2   1 
ATOM   735  N N     . LEU A 1 105 ? -9.022  -4.981  4.210   1.00 7.86  ? 105  LEU A N     1 
ATOM   736  C CA    . LEU A 1 105 ? -9.611  -4.744  2.880   1.00 8.65  ? 105  LEU A CA    1 
ATOM   737  C C     . LEU A 1 105 ? -10.984 -4.115  3.031   1.00 8.65  ? 105  LEU A C     1 
ATOM   738  O O     . LEU A 1 105 ? -11.317 -3.154  2.335   1.00 10.69 ? 105  LEU A O     1 
ATOM   739  C CB    . LEU A 1 105 ? -9.772  -6.049  2.104   1.00 9.50  ? 105  LEU A CB    1 
ATOM   740  C CG    . LEU A 1 105 ? -8.557  -6.688  1.444   1.00 12.93 ? 105  LEU A CG    1 
ATOM   741  C CD1   . LEU A 1 105 ? -8.989  -8.036  0.859   1.00 13.54 ? 105  LEU A CD1   1 
ATOM   742  C CD2   . LEU A 1 105 ? -7.998  -5.779  0.327   1.00 15.68 ? 105  LEU A CD2   1 
ATOM   743  N N     . THR A 1 106 ? -11.791 -4.678  3.921   1.00 8.20  ? 106  THR A N     1 
ATOM   744  C CA    . THR A 1 106 ? -13.121 -4.161  4.222   1.00 9.64  ? 106  THR A CA    1 
ATOM   745  C C     . THR A 1 106 ? -13.043 -2.732  4.751   1.00 9.36  ? 106  THR A C     1 
ATOM   746  O O     . THR A 1 106 ? -13.802 -1.869  4.320   1.00 9.14  ? 106  THR A O     1 
ATOM   747  C CB    . THR A 1 106 ? -13.829 -5.085  5.213   1.00 10.42 ? 106  THR A CB    1 
ATOM   748  O OG1   . THR A 1 106 ? -14.026 -6.365  4.592   1.00 11.67 ? 106  THR A OG1   1 
ATOM   749  C CG2   . THR A 1 106 ? -15.248 -4.613  5.480   1.00 12.41 ? 106  THR A CG2   1 
ATOM   750  N N     . ASP A 1 107 ? -12.119 -2.479  5.685   1.00 8.92  ? 107  ASP A N     1 
ATOM   751  C CA    . ASP A 1 107 ? -11.910 -1.099  6.168   1.00 8.63  ? 107  ASP A CA    1 
ATOM   752  C C     . ASP A 1 107 ? -11.636 -0.099  5.034   1.00 8.47  ? 107  ASP A C     1 
ATOM   753  O O     . ASP A 1 107 ? -12.249 0.975   4.957   1.00 10.01 ? 107  ASP A O     1 
ATOM   754  C CB    . ASP A 1 107 ? -10.726 -1.019  7.134   1.00 7.53  ? 107  ASP A CB    1 
ATOM   755  C CG    . ASP A 1 107 ? -10.949 -1.803  8.423   1.00 9.54  ? 107  ASP A CG    1 
ATOM   756  O OD1   . ASP A 1 107 ? -12.104 -2.167  8.724   1.00 11.19 ? 107  ASP A OD1   1 
ATOM   757  O OD2   . ASP A 1 107 ? -9.986  -2.092  9.170   1.00 9.74  ? 107  ASP A OD2   1 
ATOM   758  N N     . ALA A 1 108 ? -10.679 -0.451  4.187   1.00 7.61  ? 108  ALA A N     1 
ATOM   759  C CA    . ALA A 1 108 ? -10.240 0.406   3.105   1.00 6.81  ? 108  ALA A CA    1 
ATOM   760  C C     . ALA A 1 108 ? -11.399 0.679   2.150   1.00 7.86  ? 108  ALA A C     1 
ATOM   761  O O     . ALA A 1 108 ? -11.651 1.839   1.773   1.00 7.92  ? 108  ALA A O     1 
ATOM   762  C CB    . ALA A 1 108 ? -9.063  -0.242  2.388   1.00 5.66  ? 108  ALA A CB    1 
ATOM   763  N N     . ARG A 1 109 ? -12.155 -0.369  1.803   1.00 7.95  ? 109  ARG A N     1 
ATOM   764  C CA    . ARG A 1 109 ? -13.309 -0.164  0.917   1.00 9.16  ? 109  ARG A CA    1 
ATOM   765  C C     . ARG A 1 109 ? -14.480 0.586   1.534   1.00 10.51 ? 109  ARG A C     1 
ATOM   766  O O     . ARG A 1 109 ? -15.189 1.319   0.845   1.00 11.24 ? 109  ARG A O     1 
ATOM   767  C CB    . ARG A 1 109 ? -13.757 -1.478  0.278   1.00 10.84 ? 109  ARG A CB    1 
ATOM   768  C CG    . ARG A 1 109 ? -12.672 -1.985  -0.655  1.00 11.06 ? 109  ARG A CG    1 
ATOM   769  C CD    . ARG A 1 109 ? -12.846 -3.418  -1.061  1.00 16.85 ? 109  ARG A CD    1 
ATOM   770  N NE    . ARG A 1 109 ? -11.918 -3.800  -2.120  1.00 15.58 ? 109  ARG A NE    1 
ATOM   771  C CZ    . ARG A 1 109 ? -11.643 -5.058  -2.424  1.00 19.23 ? 109  ARG A CZ    1 
ATOM   772  N NH1   . ARG A 1 109 ? -12.231 -6.041  -1.744  1.00 19.77 ? 109  ARG A NH1   1 
ATOM   773  N NH2   . ARG A 1 109 ? -10.791 -5.341  -3.397  1.00 17.03 ? 109  ARG A NH2   1 
ATOM   774  N N     . MET A 1 110 ? -14.666 0.435   2.838   1.00 10.28 ? 110  MET A N     1 
ATOM   775  C CA    . MET A 1 110 ? -15.758 1.117   3.519   1.00 12.65 ? 110  MET A CA    1 
ATOM   776  C C     . MET A 1 110 ? -15.454 2.581   3.798   1.00 11.98 ? 110  MET A C     1 
ATOM   777  O O     . MET A 1 110 ? -16.348 3.432   3.724   1.00 13.41 ? 110  MET A O     1 
ATOM   778  C CB    . MET A 1 110 ? -16.103 0.404   4.824   1.00 12.94 ? 110  MET A CB    1 
ATOM   779  C CG    . MET A 1 110 ? -16.778 -0.950  4.641   1.00 17.16 ? 110  MET A CG    1 
ATOM   780  S SD    . MET A 1 110 ? -18.536 -0.907  4.261   1.00 27.68 ? 110  MET A SD    1 
ATOM   781  C CE    . MET A 1 110 ? -19.300 -0.540  5.920   1.00 23.42 ? 110  MET A CE    1 
ATOM   782  N N     . LEU A 1 111 ? -14.196 2.871   4.106   1.00 10.34 ? 111  LEU A N     1 
ATOM   783  C CA    . LEU A 1 111 ? -13.837 4.180   4.658   1.00 11.04 ? 111  LEU A CA    1 
ATOM   784  C C     . LEU A 1 111 ? -13.212 5.129   3.636   1.00 10.60 ? 111  LEU A C     1 
ATOM   785  O O     . LEU A 1 111 ? -13.316 6.333   3.784   1.00 12.25 ? 111  LEU A O     1 
ATOM   786  C CB    . LEU A 1 111 ? -12.889 4.004   5.841   1.00 9.53  ? 111  LEU A CB    1 
ATOM   787  C CG    . LEU A 1 111 ? -13.537 3.372   7.081   1.00 10.07 ? 111  LEU A CG    1 
ATOM   788  C CD1   . LEU A 1 111 ? -12.438 3.131   8.114   1.00 9.26  ? 111  LEU A CD1   1 
ATOM   789  C CD2   . LEU A 1 111 ? -14.753 4.173   7.659   1.00 11.58 ? 111  LEU A CD2   1 
ATOM   790  N N     . ALA A 1 112 ? -12.568 4.575   2.609   1.00 10.91 ? 112  ALA A N     1 
ATOM   791  C CA    . ALA A 1 112 ? -12.096 5.399   1.491   1.00 11.27 ? 112  ALA A CA    1 
ATOM   792  C C     . ALA A 1 112 ? -13.158 5.314   0.385   1.00 12.81 ? 112  ALA A C     1 
ATOM   793  O O     . ALA A 1 112 ? -14.040 6.153   0.312   1.00 13.42 ? 112  ALA A O     1 
ATOM   794  C CB    . ALA A 1 112 ? -10.736 4.924   1.001   1.00 9.34  ? 112  ALA A CB    1 
ATOM   795  N N     . SER A 1 113 ? -13.099 4.262   -0.435  1.00 12.63 ? 113  SER A N     1 
ATOM   796  C CA    . SER A 1 113 ? -14.174 3.947   -1.387  1.00 14.43 ? 113  SER A CA    1 
ATOM   797  C C     . SER A 1 113 ? -14.019 2.527   -1.906  1.00 14.00 ? 113  SER A C     1 
ATOM   798  O O     . SER A 1 113 ? -12.950 1.914   -1.764  1.00 12.69 ? 113  SER A O     1 
ATOM   799  C CB    . SER A 1 113 ? -14.185 4.922   -2.581  1.00 15.47 ? 113  SER A CB    1 
ATOM   800  O OG    . SER A 1 113 ? -12.991 4.763   -3.337  1.00 17.82 ? 113  SER A OG    1 
ATOM   801  N N     . GLN A 1 114 ? -15.088 2.023   -2.522  1.00 15.71 ? 114  GLN A N     1 
ATOM   802  C CA    . GLN A 1 114 ? -15.100 0.669   -3.068  1.00 16.90 ? 114  GLN A CA    1 
ATOM   803  C C     . GLN A 1 114 ? -14.087 0.502   -4.178  1.00 16.04 ? 114  GLN A C     1 
ATOM   804  O O     . GLN A 1 114 ? -13.605 -0.608  -4.399  1.00 17.24 ? 114  GLN A O     1 
ATOM   805  C CB    . GLN A 1 114 ? -16.491 0.292   -3.591  1.00 18.61 ? 114  GLN A CB    1 
ATOM   806  C CG    . GLN A 1 114 ? -17.489 -0.152  -2.501  1.00 24.86 ? 114  GLN A CG    1 
ATOM   807  C CD    . GLN A 1 114 ? -17.021 -1.356  -1.661  1.00 29.75 ? 114  GLN A CD    1 
ATOM   808  O OE1   . GLN A 1 114 ? -16.573 -2.377  -2.203  1.00 31.21 ? 114  GLN A OE1   1 
ATOM   809  N NE2   . GLN A 1 114 ? -17.130 -1.233  -0.333  1.00 31.83 ? 114  GLN A NE2   1 
ATOM   810  N N     . ASN A 1 115 ? -13.758 1.591   -4.866  1.00 15.77 ? 115  ASN A N     1 
ATOM   811  C CA    . ASN A 1 115 ? -12.782 1.497   -5.946  1.00 15.51 ? 115  ASN A CA    1 
ATOM   812  C C     . ASN A 1 115 ? -11.349 1.884   -5.593  1.00 13.55 ? 115  ASN A C     1 
ATOM   813  O O     . ASN A 1 115 ? -10.510 2.089   -6.491  1.00 13.40 ? 115  ASN A O     1 
ATOM   814  C CB    . ASN A 1 115 ? -13.262 2.242   -7.206  1.00 17.86 ? 115  ASN A CB    1 
ATOM   815  C CG    A ASN A 1 115 ? -14.727 2.014   -7.491  0.50 19.09 ? 115  ASN A CG    1 
ATOM   816  C CG    B ASN A 1 115 ? -13.597 3.695   -6.955  0.50 19.01 ? 115  ASN A CG    1 
ATOM   817  O OD1   A ASN A 1 115 ? -15.172 0.873   -7.630  0.50 21.94 ? 115  ASN A OD1   1 
ATOM   818  O OD1   B ASN A 1 115 ? -13.070 4.315   -6.039  0.50 20.29 ? 115  ASN A OD1   1 
ATOM   819  N ND2   A ASN A 1 115 ? -15.489 3.098   -7.575  0.50 22.49 ? 115  ASN A ND2   1 
ATOM   820  N ND2   B ASN A 1 115 ? -14.482 4.252   -7.785  0.50 22.09 ? 115  ASN A ND2   1 
ATOM   821  N N     . ILE A 1 116 ? -11.034 1.964   -4.308  1.00 11.29 ? 116  ILE A N     1 
ATOM   822  C CA    . ILE A 1 116 ? -9.640  2.207   -3.939  1.00 9.93  ? 116  ILE A CA    1 
ATOM   823  C C     . ILE A 1 116 ? -8.720  1.134   -4.556  1.00 10.15 ? 116  ILE A C     1 
ATOM   824  O O     . ILE A 1 116 ? -9.040  -0.067  -4.538  1.00 11.29 ? 116  ILE A O     1 
ATOM   825  C CB    . ILE A 1 116 ? -9.452  2.340   -2.405  1.00 8.45  ? 116  ILE A CB    1 
ATOM   826  C CG1   . ILE A 1 116 ? -8.027  2.853   -2.071  1.00 8.31  ? 116  ILE A CG1   1 
ATOM   827  C CG2   . ILE A 1 116 ? -9.759  1.034   -1.686  1.00 7.40  ? 116  ILE A CG2   1 
ATOM   828  C CD1   . ILE A 1 116 ? -7.813  3.230   -0.567  1.00 12.36 ? 116  ILE A CD1   1 
ATOM   829  N N     . VAL A 1 117 ? -7.585  1.573   -5.103  1.00 9.28  ? 117  VAL A N     1 
ATOM   830  C CA    . VAL A 1 117 ? -6.600  0.656   -5.689  1.00 8.79  ? 117  VAL A CA    1 
ATOM   831  C C     . VAL A 1 117 ? -5.685  0.131   -4.613  1.00 8.21  ? 117  VAL A C     1 
ATOM   832  O O     . VAL A 1 117 ? -4.994  0.903   -3.938  1.00 7.92  ? 117  VAL A O     1 
ATOM   833  C CB    . VAL A 1 117 ? -5.787  1.327   -6.807  1.00 9.73  ? 117  VAL A CB    1 
ATOM   834  C CG1   . VAL A 1 117 ? -4.635  0.415   -7.258  1.00 8.32  ? 117  VAL A CG1   1 
ATOM   835  C CG2   . VAL A 1 117 ? -6.680  1.598   -7.972  1.00 9.42  ? 117  VAL A CG2   1 
ATOM   836  N N     . ILE A 1 118 ? -5.664  -1.189  -4.453  1.00 8.17  ? 118  ILE A N     1 
ATOM   837  C CA    . ILE A 1 118 ? -4.915  -1.807  -3.357  1.00 8.13  ? 118  ILE A CA    1 
ATOM   838  C C     . ILE A 1 118 ? -3.790  -2.690  -3.875  1.00 7.63  ? 118  ILE A C     1 
ATOM   839  O O     . ILE A 1 118 ? -3.984  -3.448  -4.823  1.00 8.27  ? 118  ILE A O     1 
ATOM   840  C CB    . ILE A 1 118 ? -5.865  -2.626  -2.464  1.00 8.84  ? 118  ILE A CB    1 
ATOM   841  C CG1   . ILE A 1 118 ? -6.882  -1.678  -1.794  1.00 10.09 ? 118  ILE A CG1   1 
ATOM   842  C CG2   . ILE A 1 118 ? -5.060  -3.480  -1.449  1.00 10.05 ? 118  ILE A CG2   1 
ATOM   843  C CD1   . ILE A 1 118 ? -7.872  -2.329  -0.897  1.00 14.01 ? 118  ILE A CD1   1 
ATOM   844  N N     . ILE A 1 119 ? -2.619  -2.567  -3.260  1.00 5.97  ? 119  ILE A N     1 
ATOM   845  C CA    . ILE A 1 119 ? -1.549  -3.525  -3.508  1.00 6.38  ? 119  ILE A CA    1 
ATOM   846  C C     . ILE A 1 119 ? -1.223  -4.216  -2.207  1.00 6.31  ? 119  ILE A C     1 
ATOM   847  O O     . ILE A 1 119 ? -0.964  -3.559  -1.193  1.00 7.10  ? 119  ILE A O     1 
ATOM   848  C CB    . ILE A 1 119 ? -0.288  -2.889  -4.206  1.00 6.86  ? 119  ILE A CB    1 
ATOM   849  C CG1   . ILE A 1 119 ? 0.776   -3.971  -4.433  1.00 4.97  ? 119  ILE A CG1   1 
ATOM   850  C CG2   . ILE A 1 119 ? 0.294   -1.659  -3.450  1.00 6.48  ? 119  ILE A CG2   1 
ATOM   851  C CD1   . ILE A 1 119 ? 1.761   -3.672  -5.584  1.00 8.23  ? 119  ILE A CD1   1 
ATOM   852  N N     . LEU A 1 120 ? -1.278  -5.548  -2.227  1.00 6.63  ? 120  LEU A N     1 
ATOM   853  C CA    . LEU A 1 120 ? -0.928  -6.348  -1.059  1.00 6.86  ? 120  LEU A CA    1 
ATOM   854  C C     . LEU A 1 120 ? 0.593   -6.468  -0.951  1.00 6.21  ? 120  LEU A C     1 
ATOM   855  O O     . LEU A 1 120 ? 1.254   -6.844  -1.924  1.00 6.26  ? 120  LEU A O     1 
ATOM   856  C CB    . LEU A 1 120 ? -1.580  -7.745  -1.226  1.00 6.80  ? 120  LEU A CB    1 
ATOM   857  C CG    . LEU A 1 120 ? -1.295  -8.749  -0.121  1.00 10.02 ? 120  LEU A CG    1 
ATOM   858  C CD1   . LEU A 1 120 ? -1.903  -8.281  1.191   1.00 12.53 ? 120  LEU A CD1   1 
ATOM   859  C CD2   . LEU A 1 120 ? -1.758  -10.172 -0.506  1.00 13.59 ? 120  LEU A CD2   1 
ATOM   860  N N     . CYS A 1 121 ? 1.154   -6.126  0.209   1.00 5.73  ? 121  CYS A N     1 
ATOM   861  C CA    . CYS A 1 121 ? 2.606   -6.207  0.375   1.00 5.48  ? 121  CYS A CA    1 
ATOM   862  C C     . CYS A 1 121 ? 2.938   -7.204  1.468   1.00 5.07  ? 121  CYS A C     1 
ATOM   863  O O     . CYS A 1 121 ? 2.606   -6.981  2.614   1.00 5.52  ? 121  CYS A O     1 
ATOM   864  C CB    . CYS A 1 121 ? 3.218   -4.852  0.730   1.00 5.97  ? 121  CYS A CB    1 
ATOM   865  S SG    . CYS A 1 121 ? 2.834   -3.548  -0.450  1.00 8.33  ? 121  CYS A SG    1 
ATOM   866  N N     . GLY A 1 122 ? 3.558   -8.322  1.105   1.00 5.37  ? 122  GLY A N     1 
ATOM   867  C CA    . GLY A 1 122 ? 4.014   -9.265  2.111   1.00 4.61  ? 122  GLY A CA    1 
ATOM   868  C C     . GLY A 1 122 ? 5.419   -8.900  2.494   1.00 4.46  ? 122  GLY A C     1 
ATOM   869  O O     . GLY A 1 122 ? 6.365   -9.188  1.764   1.00 4.97  ? 122  GLY A O     1 
ATOM   870  N N     . ASN A 1 123 ? 5.544   -8.235  3.637   1.00 3.81  ? 123  ASN A N     1 
ATOM   871  C CA    . ASN A 1 123 ? 6.817   -7.622  4.026   1.00 3.96  ? 123  ASN A CA    1 
ATOM   872  C C     . ASN A 1 123 ? 7.686   -8.578  4.840   1.00 4.20  ? 123  ASN A C     1 
ATOM   873  O O     . ASN A 1 123 ? 7.185   -9.578  5.370   1.00 4.57  ? 123  ASN A O     1 
ATOM   874  C CB    . ASN A 1 123 ? 6.536   -6.324  4.800   1.00 3.99  ? 123  ASN A CB    1 
ATOM   875  C CG    . ASN A 1 123 ? 7.773   -5.481  5.005   1.00 4.70  ? 123  ASN A CG    1 
ATOM   876  O OD1   . ASN A 1 123 ? 8.583   -5.284  4.082   1.00 4.69  ? 123  ASN A OD1   1 
ATOM   877  N ND2   . ASN A 1 123 ? 7.953   -5.005  6.242   1.00 5.80  ? 123  ASN A ND2   1 
ATOM   878  N N     . LYS A 1 124 ? 8.966   -8.213  4.976   1.00 4.55  ? 124  LYS A N     1 
ATOM   879  C CA    . LYS A 1 124 ? 10.007  -8.980  5.694   1.00 4.46  ? 124  LYS A CA    1 
ATOM   880  C C     . LYS A 1 124 ? 10.403  -10.247 4.914   1.00 4.62  ? 124  LYS A C     1 
ATOM   881  O O     . LYS A 1 124 ? 10.731  -11.282 5.504   1.00 5.88  ? 124  LYS A O     1 
ATOM   882  C CB    . LYS A 1 124 ? 9.641   -9.301  7.162   1.00 5.23  ? 124  LYS A CB    1 
ATOM   883  C CG    . LYS A 1 124 ? 8.901   -8.171  7.914   1.00 4.52  ? 124  LYS A CG    1 
ATOM   884  C CD    . LYS A 1 124 ? 8.985   -8.366  9.407   1.00 4.05  ? 124  LYS A CD    1 
ATOM   885  C CE    . LYS A 1 124 ? 8.113   -7.310  10.114  1.00 4.51  ? 124  LYS A CE    1 
ATOM   886  N NZ    . LYS A 1 124 ? 8.046   -7.550  11.573  1.00 6.98  ? 124  LYS A NZ    1 
ATOM   887  N N     . LYS A 1 125 ? 10.423  -10.167 3.580   1.00 5.17  ? 125  LYS A N     1 
ATOM   888  C CA    . LYS A 1 125 ? 10.739  -11.381 2.790   1.00 5.69  ? 125  LYS A CA    1 
ATOM   889  C C     . LYS A 1 125 ? 12.174  -11.863 3.031   1.00 6.99  ? 125  LYS A C     1 
ATOM   890  O O     . LYS A 1 125 ? 12.529  -13.000 2.711   1.00 7.87  ? 125  LYS A O     1 
ATOM   891  C CB    . LYS A 1 125 ? 10.481  -11.135 1.306   1.00 7.32  ? 125  LYS A CB    1 
ATOM   892  C CG    . LYS A 1 125 ? 11.433  -10.126 0.688   1.00 8.20  ? 125  LYS A CG    1 
ATOM   893  C CD    . LYS A 1 125 ? 11.127  -9.880  -0.789  1.00 14.09 ? 125  LYS A CD    1 
ATOM   894  C CE    . LYS A 1 125 ? 10.678  -11.158 -1.495  1.00 14.22 ? 125  LYS A CE    1 
ATOM   895  N NZ    . LYS A 1 125 ? 11.766  -11.853 -2.200  1.00 18.21 ? 125  LYS A NZ    1 
ATOM   896  N N     . ASP A 1 126 ? 13.015  -10.990 3.577   1.00 6.81  ? 126  ASP A N     1 
ATOM   897  C CA    . ASP A 1 126 ? 14.381  -11.383 3.942   1.00 7.87  ? 126  ASP A CA    1 
ATOM   898  C C     . ASP A 1 126 ? 14.408  -12.423 5.082   1.00 7.51  ? 126  ASP A C     1 
ATOM   899  O O     . ASP A 1 126 ? 15.384  -13.178 5.231   1.00 7.94  ? 126  ASP A O     1 
ATOM   900  C CB    . ASP A 1 126 ? 15.181  -10.145 4.376   1.00 8.53  ? 126  ASP A CB    1 
ATOM   901  C CG    . ASP A 1 126 ? 14.477  -9.361  5.452   1.00 7.61  ? 126  ASP A CG    1 
ATOM   902  O OD1   . ASP A 1 126 ? 14.828  -9.523  6.658   1.00 8.86  ? 126  ASP A OD1   1 
ATOM   903  O OD2   . ASP A 1 126 ? 13.563  -8.540  5.195   1.00 6.49  ? 126  ASP A OD2   1 
ATOM   904  N N     . LEU A 1 127 ? 13.356  -12.456 5.888   1.00 7.28  ? 127  LEU A N     1 
ATOM   905  C CA    . LEU A 1 127 ? 13.268  -13.409 6.983   1.00 8.04  ? 127  LEU A CA    1 
ATOM   906  C C     . LEU A 1 127 ? 12.751  -14.793 6.504   1.00 8.30  ? 127  LEU A C     1 
ATOM   907  O O     . LEU A 1 127 ? 11.802  -15.362 7.068   1.00 8.37  ? 127  LEU A O     1 
ATOM   908  C CB    . LEU A 1 127 ? 12.430  -12.846 8.144   1.00 7.27  ? 127  LEU A CB    1 
ATOM   909  C CG    . LEU A 1 127 ? 12.888  -11.537 8.801   1.00 5.96  ? 127  LEU A CG    1 
ATOM   910  C CD1   . LEU A 1 127 ? 11.883  -11.128 9.857   1.00 7.78  ? 127  LEU A CD1   1 
ATOM   911  C CD2   . LEU A 1 127 ? 14.313  -11.726 9.406   1.00 8.25  ? 127  LEU A CD2   1 
ATOM   912  N N     . ASP A 1 128 ? 13.395  -15.306 5.460   1.00 9.25  ? 128  ASP A N     1 
ATOM   913  C CA    . ASP A 1 128 ? 13.008  -16.564 4.807   1.00 8.94  ? 128  ASP A CA    1 
ATOM   914  C C     . ASP A 1 128 ? 12.865  -17.733 5.774   1.00 9.31  ? 128  ASP A C     1 
ATOM   915  O O     . ASP A 1 128 ? 11.874  -18.479 5.683   1.00 8.47  ? 128  ASP A O     1 
ATOM   916  C CB    . ASP A 1 128 ? 13.940  -16.901 3.632   1.00 9.44  ? 128  ASP A CB    1 
ATOM   917  C CG    . ASP A 1 128 ? 15.409  -17.104 4.045   1.00 11.46 ? 128  ASP A CG    1 
ATOM   918  O OD1   . ASP A 1 128 ? 15.828  -16.801 5.195   1.00 8.66  ? 128  ASP A OD1   1 
ATOM   919  O OD2   . ASP A 1 128 ? 16.220  -17.581 3.241   1.00 12.35 ? 128  ASP A OD2   1 
ATOM   920  N N     . ALA A 1 129 ? 13.791  -17.855 6.728   1.00 8.41  ? 129  ALA A N     1 
ATOM   921  C CA    . ALA A 1 129 ? 13.745  -18.925 7.741   1.00 9.69  ? 129  ALA A CA    1 
ATOM   922  C C     . ALA A 1 129 ? 12.540  -18.897 8.703   1.00 9.31  ? 129  ALA A C     1 
ATOM   923  O O     . ALA A 1 129 ? 12.246  -19.922 9.360   1.00 10.58 ? 129  ALA A O     1 
ATOM   924  C CB    . ALA A 1 129 ? 15.050  -18.971 8.550   1.00 10.83 ? 129  ALA A CB    1 
ATOM   925  N N     . ASP A 1 130 ? 11.878  -17.743 8.804   1.00 7.87  ? 130  ASP A N     1 
ATOM   926  C CA    . ASP A 1 130 ? 10.821  -17.513 9.789   1.00 8.49  ? 130  ASP A CA    1 
ATOM   927  C C     . ASP A 1 130 ? 9.463   -17.410 9.105   1.00 6.77  ? 130  ASP A C     1 
ATOM   928  O O     . ASP A 1 130 ? 8.452   -17.039 9.726   1.00 5.84  ? 130  ASP A O     1 
ATOM   929  C CB    . ASP A 1 130 ? 11.082  -16.208 10.550  1.00 9.05  ? 130  ASP A CB    1 
ATOM   930  C CG    . ASP A 1 130 ? 12.418  -16.209 11.268  1.00 14.48 ? 130  ASP A CG    1 
ATOM   931  O OD1   . ASP A 1 130 ? 13.014  -15.123 11.365  1.00 17.62 ? 130  ASP A OD1   1 
ATOM   932  O OD2   . ASP A 1 130 ? 12.960  -17.241 11.704  1.00 17.60 ? 130  ASP A OD2   1 
ATOM   933  N N     . ARG A 1 131 ? 9.444   -17.762 7.823   1.00 6.25  ? 131  ARG A N     1 
ATOM   934  C CA    . ARG A 1 131 ? 8.255   -17.575 6.994   1.00 4.69  ? 131  ARG A CA    1 
ATOM   935  C C     . ARG A 1 131 ? 7.077   -18.445 7.482   1.00 6.13  ? 131  ARG A C     1 
ATOM   936  O O     . ARG A 1 131 ? 7.219   -19.663 7.681   1.00 6.23  ? 131  ARG A O     1 
ATOM   937  C CB    . ARG A 1 131 ? 8.612   -17.908 5.553   1.00 5.72  ? 131  ARG A CB    1 
ATOM   938  C CG    . ARG A 1 131 ? 7.485   -17.756 4.552   1.00 5.41  ? 131  ARG A CG    1 
ATOM   939  C CD    . ARG A 1 131 ? 7.892   -18.161 3.116   1.00 7.08  ? 131  ARG A CD    1 
ATOM   940  N NE    . ARG A 1 131 ? 8.672   -17.127 2.422   1.00 7.59  ? 131  ARG A NE    1 
ATOM   941  C CZ    . ARG A 1 131 ? 8.147   -16.125 1.726   1.00 7.47  ? 131  ARG A CZ    1 
ATOM   942  N NH1   . ARG A 1 131 ? 6.836   -15.986 1.638   1.00 5.62  ? 131  ARG A NH1   1 
ATOM   943  N NH2   . ARG A 1 131 ? 8.931   -15.264 1.082   1.00 6.34  ? 131  ARG A NH2   1 
ATOM   944  N N     . GLU A 1 132 ? 5.921   -17.808 7.640   1.00 5.83  ? 132  GLU A N     1 
ATOM   945  C CA    . GLU A 1 132 ? 4.665   -18.503 8.013   1.00 7.33  ? 132  GLU A CA    1 
ATOM   946  C C     . GLU A 1 132 ? 3.586   -18.461 6.917   1.00 7.30  ? 132  GLU A C     1 
ATOM   947  O O     . GLU A 1 132 ? 2.606   -19.210 7.015   1.00 8.69  ? 132  GLU A O     1 
ATOM   948  C CB    . GLU A 1 132 ? 4.078   -17.927 9.314   1.00 8.00  ? 132  GLU A CB    1 
ATOM   949  C CG    . GLU A 1 132 ? 4.932   -18.222 10.532  1.00 9.88  ? 132  GLU A CG    1 
ATOM   950  C CD    . GLU A 1 132 ? 4.331   -17.729 11.832  1.00 13.85 ? 132  GLU A CD    1 
ATOM   951  O OE1   . GLU A 1 132 ? 3.173   -17.254 11.852  1.00 12.19 ? 132  GLU A OE1   1 
ATOM   952  O OE2   . GLU A 1 132 ? 5.046   -17.816 12.853  1.00 15.39 ? 132  GLU A OE2   1 
ATOM   953  N N     . VAL A 1 133 ? 3.778   -17.614 5.893   1.00 5.82  ? 133  VAL A N     1 
ATOM   954  C CA    . VAL A 1 133 ? 2.849   -17.456 4.765   1.00 5.16  ? 133  VAL A CA    1 
ATOM   955  C C     . VAL A 1 133 ? 3.632   -17.638 3.472   1.00 5.30  ? 133  VAL A C     1 
ATOM   956  O O     . VAL A 1 133 ? 4.628   -16.968 3.267   1.00 5.17  ? 133  VAL A O     1 
ATOM   957  C CB    . VAL A 1 133 ? 2.267   -16.036 4.712   1.00 6.00  ? 133  VAL A CB    1 
ATOM   958  C CG1   . VAL A 1 133 ? 1.210   -15.931 3.552   1.00 5.09  ? 133  VAL A CG1   1 
ATOM   959  C CG2   . VAL A 1 133 ? 1.705   -15.652 6.084   1.00 4.73  ? 133  VAL A CG2   1 
ATOM   960  N N     . THR A 1 134 ? 3.195   -18.545 2.606   1.00 5.15  ? 134  THR A N     1 
ATOM   961  C CA    . THR A 1 134 ? 3.930   -18.758 1.371   1.00 5.88  ? 134  THR A CA    1 
ATOM   962  C C     . THR A 1 134 ? 3.615   -17.666 0.369   1.00 5.67  ? 134  THR A C     1 
ATOM   963  O O     . THR A 1 134 ? 2.538   -17.063 0.386   1.00 6.31  ? 134  THR A O     1 
ATOM   964  C CB    . THR A 1 134 ? 3.604   -20.104 0.695   1.00 6.73  ? 134  THR A CB    1 
ATOM   965  O OG1   . THR A 1 134 ? 2.181   -20.216 0.513   1.00 9.00  ? 134  THR A OG1   1 
ATOM   966  C CG2   . THR A 1 134 ? 4.045   -21.285 1.583   1.00 6.84  ? 134  THR A CG2   1 
ATOM   967  N N     . PHE A 1 135 ? 4.556   -17.454 -0.540  1.00 5.53  ? 135  PHE A N     1 
ATOM   968  C CA    . PHE A 1 135 ? 4.304   -16.575 -1.674  1.00 6.54  ? 135  PHE A CA    1 
ATOM   969  C C     . PHE A 1 135 ? 3.108   -17.081 -2.486  1.00 6.55  ? 135  PHE A C     1 
ATOM   970  O O     . PHE A 1 135 ? 2.253   -16.295 -2.918  1.00 6.46  ? 135  PHE A O     1 
ATOM   971  C CB    . PHE A 1 135 ? 5.553   -16.508 -2.571  1.00 6.91  ? 135  PHE A CB    1 
ATOM   972  C CG    . PHE A 1 135 ? 5.308   -15.786 -3.880  1.00 9.25  ? 135  PHE A CG    1 
ATOM   973  C CD1   . PHE A 1 135 ? 5.451   -14.404 -3.949  1.00 12.14 ? 135  PHE A CD1   1 
ATOM   974  C CD2   . PHE A 1 135 ? 4.884   -16.478 -5.004  1.00 13.17 ? 135  PHE A CD2   1 
ATOM   975  C CE1   . PHE A 1 135 ? 5.201   -13.717 -5.171  1.00 12.84 ? 135  PHE A CE1   1 
ATOM   976  C CE2   . PHE A 1 135 ? 4.623   -15.815 -6.217  1.00 13.37 ? 135  PHE A CE2   1 
ATOM   977  C CZ    . PHE A 1 135 ? 4.785   -14.430 -6.287  1.00 12.50 ? 135  PHE A CZ    1 
ATOM   978  N N     . LEU A 1 136 ? 3.031   -18.395 -2.709  1.00 7.11  ? 136  LEU A N     1 
ATOM   979  C CA    . LEU A 1 136 ? 2.019   -18.924 -3.604  1.00 7.41  ? 136  LEU A CA    1 
ATOM   980  C C     . LEU A 1 136 ? 0.609   -18.796 -3.018  1.00 7.81  ? 136  LEU A C     1 
ATOM   981  O O     . LEU A 1 136 ? -0.355  -18.470 -3.747  1.00 9.51  ? 136  LEU A O     1 
ATOM   982  C CB    . LEU A 1 136 ? 2.332   -20.365 -3.983  1.00 8.98  ? 136  LEU A CB    1 
ATOM   983  C CG    . LEU A 1 136 ? 3.468   -20.540 -5.006  1.00 10.11 ? 136  LEU A CG    1 
ATOM   984  C CD1   . LEU A 1 136 ? 3.859   -22.024 -5.156  1.00 11.95 ? 136  LEU A CD1   1 
ATOM   985  C CD2   . LEU A 1 136 ? 3.056   -19.969 -6.389  1.00 12.59 ? 136  LEU A CD2   1 
ATOM   986  N N     . GLU A 1 137 ? 0.464   -19.035 -1.718  1.00 7.21  ? 137  GLU A N     1 
ATOM   987  C CA    . GLU A 1 137 ? -0.859  -18.871 -1.132  1.00 7.74  ? 137  GLU A CA    1 
ATOM   988  C C     . GLU A 1 137 ? -1.319  -17.420 -1.204  1.00 6.99  ? 137  GLU A C     1 
ATOM   989  O O     . GLU A 1 137 ? -2.478  -17.159 -1.522  1.00 7.89  ? 137  GLU A O     1 
ATOM   990  C CB    A GLU A 1 137 ? -0.912  -19.419 0.308   0.50 7.70  ? 137  GLU A CB    1 
ATOM   991  C CB    B GLU A 1 137 ? -0.938  -19.328 0.322   0.50 7.53  ? 137  GLU A CB    1 
ATOM   992  C CG    A GLU A 1 137 ? -0.113  -18.652 1.356   0.50 6.81  ? 137  GLU A CG    1 
ATOM   993  C CG    B GLU A 1 137 ? -2.361  -19.132 0.837   0.50 7.06  ? 137  GLU A CG    1 
ATOM   994  C CD    A GLU A 1 137 ? -0.177  -19.309 2.735   0.50 7.97  ? 137  GLU A CD    1 
ATOM   995  C CD    B GLU A 1 137 ? -2.518  -19.233 2.328   0.50 7.01  ? 137  GLU A CD    1 
ATOM   996  O OE1   A GLU A 1 137 ? -1.294  -19.376 3.279   0.50 6.94  ? 137  GLU A OE1   1 
ATOM   997  O OE1   B GLU A 1 137 ? -3.638  -18.917 2.804   0.50 7.11  ? 137  GLU A OE1   1 
ATOM   998  O OE2   A GLU A 1 137 ? 0.866   -19.787 3.263   0.50 5.91  ? 137  GLU A OE2   1 
ATOM   999  O OE2   B GLU A 1 137 ? -1.556  -19.668 2.998   0.50 6.64  ? 137  GLU A OE2   1 
ATOM   1000 N N     . ALA A 1 138 ? -0.404  -16.491 -0.935  1.00 5.99  ? 138  ALA A N     1 
ATOM   1001 C CA    . ALA A 1 138 ? -0.773  -15.075 -0.887  1.00 5.98  ? 138  ALA A CA    1 
ATOM   1002 C C     . ALA A 1 138 ? -1.073  -14.595 -2.312  1.00 7.28  ? 138  ALA A C     1 
ATOM   1003 O O     . ALA A 1 138 ? -2.012  -13.788 -2.530  1.00 7.92  ? 138  ALA A O     1 
ATOM   1004 C CB    . ALA A 1 138 ? 0.362   -14.232 -0.253  1.00 4.28  ? 138  ALA A CB    1 
ATOM   1005 N N     . SER A 1 139 ? -0.310  -15.105 -3.277  1.00 7.46  ? 139  SER A N     1 
ATOM   1006 C CA    . SER A 1 139 ? -0.533  -14.720 -4.670  1.00 9.67  ? 139  SER A CA    1 
ATOM   1007 C C     . SER A 1 139 ? -1.920  -15.163 -5.102  1.00 11.31 ? 139  SER A C     1 
ATOM   1008 O O     . SER A 1 139 ? -2.620  -14.426 -5.815  1.00 12.17 ? 139  SER A O     1 
ATOM   1009 C CB    . SER A 1 139 ? 0.546   -15.335 -5.583  1.00 9.77  ? 139  SER A CB    1 
ATOM   1010 O OG    . SER A 1 139 ? 0.299   -15.005 -6.958  1.00 14.39 ? 139  SER A OG    1 
ATOM   1011 N N     . ARG A 1 140 ? -2.324  -16.357 -4.680  1.00 12.48 ? 140  ARG A N     1 
ATOM   1012 C CA    . ARG A 1 140 ? -3.665  -16.846 -5.018  1.00 14.81 ? 140  ARG A CA    1 
ATOM   1013 C C     . ARG A 1 140 ? -4.765  -15.985 -4.375  1.00 14.54 ? 140  ARG A C     1 
ATOM   1014 O O     . ARG A 1 140 ? -5.762  -15.665 -5.040  1.00 15.91 ? 140  ARG A O     1 
ATOM   1015 C CB    . ARG A 1 140 ? -3.833  -18.328 -4.671  1.00 16.19 ? 140  ARG A CB    1 
ATOM   1016 C CG    . ARG A 1 140 ? -5.184  -18.905 -5.029  1.00 20.73 ? 140  ARG A CG    1 
ATOM   1017 C CD    . ARG A 1 140 ? -5.384  -20.321 -4.538  1.00 27.03 ? 140  ARG A CD    1 
ATOM   1018 N NE    . ARG A 1 140 ? -4.561  -21.269 -5.289  1.00 32.19 ? 140  ARG A NE    1 
ATOM   1019 C CZ    . ARG A 1 140 ? -3.393  -21.771 -4.872  1.00 34.28 ? 140  ARG A CZ    1 
ATOM   1020 N NH1   . ARG A 1 140 ? -2.879  -21.445 -3.682  1.00 33.22 ? 140  ARG A NH1   1 
ATOM   1021 N NH2   . ARG A 1 140 ? -2.739  -22.625 -5.654  1.00 37.45 ? 140  ARG A NH2   1 
ATOM   1022 N N     . PHE A 1 141 ? -4.578  -15.618 -3.108  1.00 12.63 ? 141  PHE A N     1 
ATOM   1023 C CA    . PHE A 1 141 ? -5.487  -14.719 -2.385  1.00 13.61 ? 141  PHE A CA    1 
ATOM   1024 C C     . PHE A 1 141 ? -5.635  -13.383 -3.116  1.00 14.45 ? 141  PHE A C     1 
ATOM   1025 O O     . PHE A 1 141 ? -6.755  -12.887 -3.312  1.00 14.69 ? 141  PHE A O     1 
ATOM   1026 C CB    . PHE A 1 141 ? -4.957  -14.453 -0.981  1.00 12.19 ? 141  PHE A CB    1 
ATOM   1027 C CG    . PHE A 1 141 ? -5.799  -13.482 -0.174  1.00 14.51 ? 141  PHE A CG    1 
ATOM   1028 C CD1   . PHE A 1 141 ? -7.005  -13.896 0.409   1.00 17.97 ? 141  PHE A CD1   1 
ATOM   1029 C CD2   . PHE A 1 141 ? -5.383  -12.170 0.013   1.00 15.20 ? 141  PHE A CD2   1 
ATOM   1030 C CE1   . PHE A 1 141 ? -7.776  -13.006 1.175   1.00 18.14 ? 141  PHE A CE1   1 
ATOM   1031 C CE2   . PHE A 1 141 ? -6.146  -11.275 0.787   1.00 16.37 ? 141  PHE A CE2   1 
ATOM   1032 C CZ    . PHE A 1 141 ? -7.351  -11.702 1.353   1.00 17.31 ? 141  PHE A CZ    1 
ATOM   1033 N N     . ALA A 1 142 ? -4.500  -12.825 -3.539  1.00 13.46 ? 142  ALA A N     1 
ATOM   1034 C CA    . ALA A 1 142 ? -4.492  -11.544 -4.239  1.00 14.64 ? 142  ALA A CA    1 
ATOM   1035 C C     . ALA A 1 142 ? -5.327  -11.616 -5.500  1.00 17.14 ? 142  ALA A C     1 
ATOM   1036 O O     . ALA A 1 142 ? -6.166  -10.728 -5.752  1.00 18.63 ? 142  ALA A O     1 
ATOM   1037 C CB    . ALA A 1 142 ? -3.071  -11.117 -4.555  1.00 13.46 ? 142  ALA A CB    1 
ATOM   1038 N N     . GLN A 1 143 ? -5.119  -12.689 -6.265  1.00 18.63 ? 143  GLN A N     1 
ATOM   1039 C CA    . GLN A 1 143 ? -5.832  -12.923 -7.514  1.00 22.38 ? 143  GLN A CA    1 
ATOM   1040 C C     . GLN A 1 143 ? -7.336  -13.038 -7.295  1.00 23.43 ? 143  GLN A C     1 
ATOM   1041 O O     . GLN A 1 143 ? -8.126  -12.573 -8.117  1.00 24.06 ? 143  GLN A O     1 
ATOM   1042 C CB    . GLN A 1 143 ? -5.302  -14.173 -8.201  1.00 23.30 ? 143  GLN A CB    1 
ATOM   1043 C CG    . GLN A 1 143 ? -3.813  -14.110 -8.477  1.00 27.09 ? 143  GLN A CG    1 
ATOM   1044 C CD    . GLN A 1 143 ? -3.387  -14.990 -9.620  1.00 32.29 ? 143  GLN A CD    1 
ATOM   1045 O OE1   . GLN A 1 143 ? -2.611  -15.934 -9.429  1.00 34.12 ? 143  GLN A OE1   1 
ATOM   1046 N NE2   . GLN A 1 143 ? -3.878  -14.679 -10.824 1.00 35.66 ? 143  GLN A NE2   1 
ATOM   1047 N N     . GLU A 1 144 ? -7.717  -13.628 -6.167  1.00 23.66 ? 144  GLU A N     1 
ATOM   1048 C CA    . GLU A 1 144 ? -9.123  -13.788 -5.776  1.00 25.36 ? 144  GLU A CA    1 
ATOM   1049 C C     . GLU A 1 144 ? -9.789  -12.484 -5.302  1.00 24.71 ? 144  GLU A C     1 
ATOM   1050 O O     . GLU A 1 144 ? -11.004 -12.323 -5.439  1.00 25.90 ? 144  GLU A O     1 
ATOM   1051 C CB    . GLU A 1 144 ? -9.233  -14.836 -4.663  1.00 25.35 ? 144  GLU A CB    1 
ATOM   1052 C CG    . GLU A 1 144 ? -9.145  -16.282 -5.124  1.00 29.85 ? 144  GLU A CG    1 
ATOM   1053 C CD    . GLU A 1 144 ? -8.805  -17.237 -3.987  1.00 33.17 ? 144  GLU A CD    1 
ATOM   1054 O OE1   . GLU A 1 144 ? -8.598  -16.785 -2.831  1.00 35.07 ? 144  GLU A OE1   1 
ATOM   1055 O OE2   . GLU A 1 144 ? -8.725  -18.449 -4.249  1.00 35.11 ? 144  GLU A OE2   1 
ATOM   1056 N N     . ASN A 1 145 ? -9.009  -11.574 -4.730  1.00 22.93 ? 145  ASN A N     1 
ATOM   1057 C CA    . ASN A 1 145 ? -9.560  -10.345 -4.175  1.00 22.69 ? 145  ASN A CA    1 
ATOM   1058 C C     . ASN A 1 145 ? -9.278  -9.063  -4.972  1.00 23.00 ? 145  ASN A C     1 
ATOM   1059 O O     . ASN A 1 145 ? -9.368  -7.956  -4.419  1.00 21.93 ? 145  ASN A O     1 
ATOM   1060 C CB    . ASN A 1 145 ? -9.120  -10.192 -2.728  1.00 21.93 ? 145  ASN A CB    1 
ATOM   1061 C CG    . ASN A 1 145 ? -9.738  -11.240 -1.849  1.00 23.51 ? 145  ASN A CG    1 
ATOM   1062 O OD1   . ASN A 1 145 ? -9.148  -12.302 -1.610  1.00 24.49 ? 145  ASN A OD1   1 
ATOM   1063 N ND2   . ASN A 1 145 ? -10.954 -10.978 -1.404  1.00 22.15 ? 145  ASN A ND2   1 
ATOM   1064 N N     . GLU A 1 146 ? -8.997  -9.225  -6.268  1.00 23.46 ? 146  GLU A N     1 
ATOM   1065 C CA    . GLU A 1 146 ? -8.700  -8.097  -7.165  1.00 23.91 ? 146  GLU A CA    1 
ATOM   1066 C C     . GLU A 1 146 ? -7.561  -7.227  -6.665  1.00 21.56 ? 146  GLU A C     1 
ATOM   1067 O O     . GLU A 1 146 ? -7.659  -5.987  -6.587  1.00 21.39 ? 146  GLU A O     1 
ATOM   1068 C CB    . GLU A 1 146 ? -9.964  -7.273  -7.431  1.00 26.01 ? 146  GLU A CB    1 
ATOM   1069 C CG    . GLU A 1 146 ? -11.057 -8.088  -8.101  1.00 29.66 ? 146  GLU A CG    1 
ATOM   1070 C CD    . GLU A 1 146 ? -11.566 -7.419  -9.361  1.00 35.82 ? 146  GLU A CD    1 
ATOM   1071 O OE1   . GLU A 1 146 ? -11.432 -6.171  -9.474  1.00 38.31 ? 146  GLU A OE1   1 
ATOM   1072 O OE2   . GLU A 1 146 ? -12.088 -8.136  -10.250 1.00 38.68 ? 146  GLU A OE2   1 
ATOM   1073 N N     . LEU A 1 147 ? -6.459  -7.886  -6.309  1.00 18.08 ? 147  LEU A N     1 
ATOM   1074 C CA    . LEU A 1 147 ? -5.375  -7.188  -5.658  1.00 14.72 ? 147  LEU A CA    1 
ATOM   1075 C C     . LEU A 1 147 ? -4.092  -7.415  -6.419  1.00 11.99 ? 147  LEU A C     1 
ATOM   1076 O O     . LEU A 1 147 ? -3.806  -8.532  -6.836  1.00 10.96 ? 147  LEU A O     1 
ATOM   1077 C CB    . LEU A 1 147 ? -5.204  -7.688  -4.233  1.00 14.43 ? 147  LEU A CB    1 
ATOM   1078 C CG    . LEU A 1 147 ? -6.409  -7.628  -3.293  1.00 17.36 ? 147  LEU A CG    1 
ATOM   1079 C CD1   . LEU A 1 147 ? -5.946  -8.078  -1.953  1.00 16.52 ? 147  LEU A CD1   1 
ATOM   1080 C CD2   . LEU A 1 147 ? -6.971  -6.189  -3.234  1.00 20.99 ? 147  LEU A CD2   1 
ATOM   1081 N N     . MET A 1 148 ? -3.314  -6.348  -6.579  1.00 9.49  ? 148  MET A N     1 
ATOM   1082 C CA    . MET A 1 148 ? -1.922  -6.510  -6.932  1.00 8.24  ? 148  MET A CA    1 
ATOM   1083 C C     . MET A 1 148 ? -1.208  -7.095  -5.731  1.00 7.09  ? 148  MET A C     1 
ATOM   1084 O O     . MET A 1 148 ? -1.720  -7.035  -4.612  1.00 6.38  ? 148  MET A O     1 
ATOM   1085 C CB    . MET A 1 148 ? -1.304  -5.183  -7.354  1.00 7.82  ? 148  MET A CB    1 
ATOM   1086 C CG    . MET A 1 148 ? -1.914  -4.697  -8.662  1.00 10.48 ? 148  MET A CG    1 
ATOM   1087 S SD    . MET A 1 148 ? -1.369  -3.022  -9.034  1.00 13.13 ? 148  MET A SD    1 
ATOM   1088 C CE    . MET A 1 148 ? -2.287  -2.087  -7.763  1.00 11.60 ? 148  MET A CE    1 
ATOM   1089 N N     . PHE A 1 149 ? -0.035  -7.687  -5.972  1.00 7.32  ? 149  PHE A N     1 
ATOM   1090 C CA    . PHE A 1 149 ? 0.693   -8.372  -4.898  1.00 6.85  ? 149  PHE A CA    1 
ATOM   1091 C C     . PHE A 1 149 ? 2.186   -8.373  -5.162  1.00 6.60  ? 149  PHE A C     1 
ATOM   1092 O O     . PHE A 1 149 ? 2.628   -8.696  -6.290  1.00 7.35  ? 149  PHE A O     1 
ATOM   1093 C CB    . PHE A 1 149 ? 0.228   -9.826  -4.762  1.00 7.54  ? 149  PHE A CB    1 
ATOM   1094 C CG    . PHE A 1 149 ? 1.054   -10.639 -3.783  1.00 7.38  ? 149  PHE A CG    1 
ATOM   1095 C CD1   . PHE A 1 149 ? 1.232   -10.199 -2.482  1.00 5.89  ? 149  PHE A CD1   1 
ATOM   1096 C CD2   . PHE A 1 149 ? 1.643   -11.841 -4.176  1.00 9.86  ? 149  PHE A CD2   1 
ATOM   1097 C CE1   . PHE A 1 149 ? 1.983   -10.934 -1.589  1.00 6.59  ? 149  PHE A CE1   1 
ATOM   1098 C CE2   . PHE A 1 149 ? 2.410   -12.587 -3.267  1.00 8.60  ? 149  PHE A CE2   1 
ATOM   1099 C CZ    . PHE A 1 149 ? 2.566   -12.127 -1.982  1.00 7.67  ? 149  PHE A CZ    1 
ATOM   1100 N N     . LEU A 1 150 ? 2.949   -8.001  -4.138  1.00 6.00  ? 150  LEU A N     1 
ATOM   1101 C CA    . LEU A 1 150 ? 4.422   -8.137  -4.140  1.00 6.99  ? 150  LEU A CA    1 
ATOM   1102 C C     . LEU A 1 150 ? 4.859   -8.498  -2.748  1.00 5.60  ? 150  LEU A C     1 
ATOM   1103 O O     . LEU A 1 150 ? 4.231   -8.077  -1.785  1.00 5.71  ? 150  LEU A O     1 
ATOM   1104 C CB    . LEU A 1 150 ? 5.124   -6.796  -4.475  1.00 6.86  ? 150  LEU A CB    1 
ATOM   1105 C CG    . LEU A 1 150 ? 5.051   -6.275  -5.904  1.00 8.61  ? 150  LEU A CG    1 
ATOM   1106 C CD1   . LEU A 1 150 ? 5.580   -4.868  -5.877  1.00 8.88  ? 150  LEU A CD1   1 
ATOM   1107 C CD2   . LEU A 1 150 ? 5.895   -7.118  -6.819  1.00 10.86 ? 150  LEU A CD2   1 
ATOM   1108 N N     . GLU A 1 151 ? 5.931   -9.287  -2.636  1.00 5.22  ? 151  GLU A N     1 
ATOM   1109 C CA    . GLU A 1 151 ? 6.591   -9.424  -1.334  1.00 5.00  ? 151  GLU A CA    1 
ATOM   1110 C C     . GLU A 1 151 ? 7.674   -8.379  -1.311  1.00 5.24  ? 151  GLU A C     1 
ATOM   1111 O O     . GLU A 1 151 ? 8.266   -8.062  -2.351  1.00 4.97  ? 151  GLU A O     1 
ATOM   1112 C CB    . GLU A 1 151 ? 7.153   -10.847 -1.113  1.00 5.07  ? 151  GLU A CB    1 
ATOM   1113 C CG    . GLU A 1 151 ? 6.041   -11.870 -0.857  1.00 5.36  ? 151  GLU A CG    1 
ATOM   1114 C CD    . GLU A 1 151 ? 6.564   -13.257 -0.595  1.00 7.38  ? 151  GLU A CD    1 
ATOM   1115 O OE1   . GLU A 1 151 ? 7.753   -13.516 -0.899  1.00 10.48 ? 151  GLU A OE1   1 
ATOM   1116 O OE2   . GLU A 1 151 ? 5.807   -14.095 -0.081  1.00 5.26  ? 151  GLU A OE2   1 
ATOM   1117 N N     . THR A 1 152 ? 7.878   -7.786  -0.141  1.00 4.19  ? 152  THR A N     1 
ATOM   1118 C CA    . THR A 1 152 ? 8.816   -6.666  -0.023  1.00 4.91  ? 152  THR A CA    1 
ATOM   1119 C C     . THR A 1 152 ? 9.758   -6.903  1.132   1.00 4.94  ? 152  THR A C     1 
ATOM   1120 O O     . THR A 1 152 ? 9.482   -7.729  2.000   1.00 4.63  ? 152  THR A O     1 
ATOM   1121 C CB    . THR A 1 152 ? 8.073   -5.341  0.303   1.00 4.35  ? 152  THR A CB    1 
ATOM   1122 O OG1   . THR A 1 152 ? 7.315   -5.502  1.515   1.00 5.29  ? 152  THR A OG1   1 
ATOM   1123 C CG2   . THR A 1 152 ? 7.004   -4.975  -0.748  1.00 6.93  ? 152  THR A CG2   1 
ATOM   1124 N N     . SER A 1 153 ? 10.842  -6.141  1.164   1.00 5.20  ? 153  SER A N     1 
ATOM   1125 C CA    . SER A 1 153 ? 11.649  -6.040  2.370   1.00 5.31  ? 153  SER A CA    1 
ATOM   1126 C C     . SER A 1 153 ? 11.989  -4.586  2.585   1.00 5.94  ? 153  SER A C     1 
ATOM   1127 O O     . SER A 1 153 ? 12.756  -4.015  1.836   1.00 6.71  ? 153  SER A O     1 
ATOM   1128 C CB    . SER A 1 153 ? 12.962  -6.801  2.237   1.00 5.91  ? 153  SER A CB    1 
ATOM   1129 O OG    . SER A 1 153 ? 13.762  -6.559  3.380   1.00 6.85  ? 153  SER A OG    1 
ATOM   1130 N N     . ALA A 1 154 ? 11.430  -3.998  3.635   1.00 6.74  ? 154  ALA A N     1 
ATOM   1131 C CA    . ALA A 1 154 ? 11.802  -2.648  4.045   1.00 6.63  ? 154  ALA A CA    1 
ATOM   1132 C C     . ALA A 1 154 ? 13.271  -2.616  4.453   1.00 7.67  ? 154  ALA A C     1 
ATOM   1133 O O     . ALA A 1 154 ? 13.946  -1.611  4.307   1.00 7.80  ? 154  ALA A O     1 
ATOM   1134 C CB    . ALA A 1 154 ? 10.884  -2.206  5.197   1.00 7.25  ? 154  ALA A CB    1 
ATOM   1135 N N     . LEU A 1 155 ? 13.779  -3.762  4.925   1.00 7.74  ? 155  LEU A N     1 
ATOM   1136 C CA    . LEU A 1 155 ? 15.175  -3.863  5.316   1.00 7.87  ? 155  LEU A CA    1 
ATOM   1137 C C     . LEU A 1 155 ? 16.140  -3.721  4.149   1.00 8.97  ? 155  LEU A C     1 
ATOM   1138 O O     . LEU A 1 155 ? 17.063  -2.880  4.190   1.00 8.86  ? 155  LEU A O     1 
ATOM   1139 C CB    . LEU A 1 155 ? 15.415  -5.195  6.059   1.00 8.71  ? 155  LEU A CB    1 
ATOM   1140 C CG    . LEU A 1 155 ? 16.879  -5.403  6.477   1.00 9.25  ? 155  LEU A CG    1 
ATOM   1141 C CD1   . LEU A 1 155 ? 17.276  -4.482  7.616   1.00 10.68 ? 155  LEU A CD1   1 
ATOM   1142 C CD2   . LEU A 1 155 ? 17.100  -6.837  6.863   1.00 10.04 ? 155  LEU A CD2   1 
ATOM   1143 N N     . THR A 1 156 ? 15.961  -4.535  3.110   1.00 7.61  ? 156  THR A N     1 
ATOM   1144 C CA    . THR A 1 156 ? 16.870  -4.487  1.960   1.00 8.79  ? 156  THR A CA    1 
ATOM   1145 C C     . THR A 1 156 ? 16.470  -3.496  0.882   1.00 8.32  ? 156  THR A C     1 
ATOM   1146 O O     . THR A 1 156 ? 17.288  -3.180  0.017   1.00 9.90  ? 156  THR A O     1 
ATOM   1147 C CB    . THR A 1 156 ? 16.964  -5.857  1.273   1.00 8.73  ? 156  THR A CB    1 
ATOM   1148 O OG1   . THR A 1 156 ? 15.698  -6.155  0.687   1.00 6.83  ? 156  THR A OG1   1 
ATOM   1149 C CG2   . THR A 1 156 ? 17.178  -6.981  2.284   1.00 8.60  ? 156  THR A CG2   1 
ATOM   1150 N N     . GLY A 1 157 ? 15.218  -3.059  0.900   1.00 8.11  ? 157  GLY A N     1 
ATOM   1151 C CA    . GLY A 1 157 ? 14.669  -2.239  -0.163  1.00 8.69  ? 157  GLY A CA    1 
ATOM   1152 C C     . GLY A 1 157 ? 13.929  -3.026  -1.254  1.00 9.22  ? 157  GLY A C     1 
ATOM   1153 O O     . GLY A 1 157 ? 13.304  -2.432  -2.147  1.00 9.40  ? 157  GLY A O     1 
ATOM   1154 N N     . GLU A 1 158 ? 14.028  -4.354  -1.238  1.00 8.71  ? 158  GLU A N     1 
ATOM   1155 C CA    . GLU A 1 158 ? 13.447  -5.136  -2.330  1.00 8.69  ? 158  GLU A CA    1 
ATOM   1156 C C     . GLU A 1 158 ? 11.958  -4.867  -2.553  1.00 8.08  ? 158  GLU A C     1 
ATOM   1157 O O     . GLU A 1 158 ? 11.149  -5.025  -1.636  1.00 6.97  ? 158  GLU A O     1 
ATOM   1158 C CB    . GLU A 1 158 ? 13.643  -6.641  -2.124  1.00 9.08  ? 158  GLU A CB    1 
ATOM   1159 C CG    . GLU A 1 158 ? 13.064  -7.451  -3.278  1.00 9.56  ? 158  GLU A CG    1 
ATOM   1160 C CD    . GLU A 1 158 ? 13.445  -8.924  -3.280  1.00 13.55 ? 158  GLU A CD    1 
ATOM   1161 O OE1   . GLU A 1 158 ? 13.165  -9.588  -4.315  1.00 17.71 ? 158  GLU A OE1   1 
ATOM   1162 O OE2   . GLU A 1 158 ? 13.989  -9.432  -2.273  1.00 13.18 ? 158  GLU A OE2   1 
ATOM   1163 N N     . ASN A 1 159 ? 11.601  -4.511  -3.795  1.00 9.00  ? 159  ASN A N     1 
ATOM   1164 C CA    . ASN A 1 159 ? 10.199  -4.250  -4.207  1.00 7.77  ? 159  ASN A CA    1 
ATOM   1165 C C     . ASN A 1 159 ? 9.491   -3.086  -3.504  1.00 7.41  ? 159  ASN A C     1 
ATOM   1166 O O     . ASN A 1 159 ? 8.268   -2.905  -3.663  1.00 6.67  ? 159  ASN A O     1 
ATOM   1167 C CB    . ASN A 1 159 ? 9.300   -5.501  -4.124  1.00 7.58  ? 159  ASN A CB    1 
ATOM   1168 C CG    . ASN A 1 159 ? 9.601   -6.537  -5.190  1.00 10.00 ? 159  ASN A CG    1 
ATOM   1169 O OD1   . ASN A 1 159 ? 9.411   -7.743  -4.965  1.00 11.15 ? 159  ASN A OD1   1 
ATOM   1170 N ND2   . ASN A 1 159 ? 10.062  -6.091  -6.344  1.00 9.10  ? 159  ASN A ND2   1 
ATOM   1171 N N     . VAL A 1 160 ? 10.227  -2.277  -2.737  1.00 7.43  ? 160  VAL A N     1 
ATOM   1172 C CA    . VAL A 1 160 ? 9.583   -1.180  -2.008  1.00 7.42  ? 160  VAL A CA    1 
ATOM   1173 C C     . VAL A 1 160 ? 9.129   -0.078  -2.962  1.00 7.85  ? 160  VAL A C     1 
ATOM   1174 O O     . VAL A 1 160 ? 7.935   0.298   -2.984  1.00 7.01  ? 160  VAL A O     1 
ATOM   1175 C CB    . VAL A 1 160 ? 10.486  -0.617  -0.863  1.00 7.33  ? 160  VAL A CB    1 
ATOM   1176 C CG1   . VAL A 1 160 ? 9.781   0.573   -0.129  1.00 7.99  ? 160  VAL A CG1   1 
ATOM   1177 C CG2   . VAL A 1 160 ? 10.766  -1.732  0.119   1.00 8.67  ? 160  VAL A CG2   1 
ATOM   1178 N N     . GLU A 1 161 ? 10.065  0.426   -3.747  1.00 8.80  ? 161  GLU A N     1 
ATOM   1179 C CA    . GLU A 1 161 ? 9.720   1.427   -4.750  1.00 10.50 ? 161  GLU A CA    1 
ATOM   1180 C C     . GLU A 1 161 ? 8.651   0.823   -5.668  1.00 9.61  ? 161  GLU A C     1 
ATOM   1181 O O     . GLU A 1 161 ? 7.629   1.464   -5.948  1.00 9.12  ? 161  GLU A O     1 
ATOM   1182 C CB    . GLU A 1 161 ? 10.960  1.861   -5.539  1.00 11.89 ? 161  GLU A CB    1 
ATOM   1183 C CG    . GLU A 1 161 ? 10.720  2.954   -6.583  1.00 16.68 ? 161  GLU A CG    1 
ATOM   1184 C CD    . GLU A 1 161 ? 11.062  4.362   -6.088  1.00 23.91 ? 161  GLU A CD    1 
ATOM   1185 O OE1   . GLU A 1 161 ? 11.630  4.512   -4.986  1.00 25.31 ? 161  GLU A OE1   1 
ATOM   1186 O OE2   . GLU A 1 161 ? 10.749  5.340   -6.797  1.00 25.88 ? 161  GLU A OE2   1 
ATOM   1187 N N     . GLU A 1 162 ? 8.863   -0.429  -6.077  1.00 10.08 ? 162  GLU A N     1 
ATOM   1188 C CA    . GLU A 1 162 ? 7.950   -1.096  -7.003  1.00 10.58 ? 162  GLU A CA    1 
ATOM   1189 C C     . GLU A 1 162 ? 6.506   -1.121  -6.507  1.00 8.58  ? 162  GLU A C     1 
ATOM   1190 O O     . GLU A 1 162 ? 5.565   -0.931  -7.296  1.00 9.00  ? 162  GLU A O     1 
ATOM   1191 C CB    . GLU A 1 162 ? 8.447   -2.520  -7.328  1.00 12.08 ? 162  GLU A CB    1 
ATOM   1192 C CG    . GLU A 1 162 ? 7.734   -3.210  -8.494  1.00 17.77 ? 162  GLU A CG    1 
ATOM   1193 C CD    . GLU A 1 162 ? 7.925   -2.548  -9.862  1.00 24.64 ? 162  GLU A CD    1 
ATOM   1194 O OE1   . GLU A 1 162 ? 8.927   -1.830  -10.093 1.00 28.73 ? 162  GLU A OE1   1 
ATOM   1195 O OE2   . GLU A 1 162 ? 7.062   -2.760  -10.736 1.00 27.23 ? 162  GLU A OE2   1 
ATOM   1196 N N     . ALA A 1 163 ? 6.325   -1.374  -5.221  1.00 6.46  ? 163  ALA A N     1 
ATOM   1197 C CA    . ALA A 1 163 ? 4.994   -1.368  -4.599  1.00 5.64  ? 163  ALA A CA    1 
ATOM   1198 C C     . ALA A 1 163 ? 4.264   -0.032  -4.807  1.00 6.61  ? 163  ALA A C     1 
ATOM   1199 O O     . ALA A 1 163 ? 3.090   -0.012  -5.186  1.00 7.96  ? 163  ALA A O     1 
ATOM   1200 C CB    . ALA A 1 163 ? 5.112   -1.682  -3.105  1.00 4.47  ? 163  ALA A CB    1 
ATOM   1201 N N     . PHE A 1 164 ? 4.950   1.081   -4.555  1.00 6.65  ? 164  PHE A N     1 
ATOM   1202 C CA    . PHE A 1 164 ? 4.313   2.389   -4.729  1.00 6.56  ? 164  PHE A CA    1 
ATOM   1203 C C     . PHE A 1 164 ? 4.047   2.657   -6.212  1.00 7.81  ? 164  PHE A C     1 
ATOM   1204 O O     . PHE A 1 164 ? 2.992   3.162   -6.597  1.00 8.40  ? 164  PHE A O     1 
ATOM   1205 C CB    . PHE A 1 164 ? 5.157   3.492   -4.084  1.00 7.37  ? 164  PHE A CB    1 
ATOM   1206 C CG    . PHE A 1 164 ? 5.117   3.480   -2.546  1.00 6.54  ? 164  PHE A CG    1 
ATOM   1207 C CD1   . PHE A 1 164 ? 4.139   4.197   -1.847  1.00 7.14  ? 164  PHE A CD1   1 
ATOM   1208 C CD2   . PHE A 1 164 ? 6.067   2.749   -1.821  1.00 7.69  ? 164  PHE A CD2   1 
ATOM   1209 C CE1   . PHE A 1 164 ? 4.111   4.207   -0.425  1.00 7.36  ? 164  PHE A CE1   1 
ATOM   1210 C CE2   . PHE A 1 164 ? 6.050   2.727   -0.404  1.00 8.72  ? 164  PHE A CE2   1 
ATOM   1211 C CZ    . PHE A 1 164 ? 5.068   3.461   0.302   1.00 7.34  ? 164  PHE A CZ    1 
ATOM   1212 N N     . VAL A 1 165 ? 5.020   2.318   -7.047  1.00 8.48  ? 165  VAL A N     1 
ATOM   1213 C CA    . VAL A 1 165 ? 4.926   2.573   -8.476  1.00 9.40  ? 165  VAL A CA    1 
ATOM   1214 C C     . VAL A 1 165 ? 3.799   1.758   -9.129  1.00 9.18  ? 165  VAL A C     1 
ATOM   1215 O O     . VAL A 1 165 ? 3.020   2.312   -9.918  1.00 9.22  ? 165  VAL A O     1 
ATOM   1216 C CB    . VAL A 1 165 ? 6.302   2.345   -9.146  1.00 10.32 ? 165  VAL A CB    1 
ATOM   1217 C CG1   . VAL A 1 165 ? 6.209   2.449   -10.667 1.00 12.80 ? 165  VAL A CG1   1 
ATOM   1218 C CG2   . VAL A 1 165 ? 7.314   3.380   -8.602  1.00 10.74 ? 165  VAL A CG2   1 
ATOM   1219 N N     . GLN A 1 166 ? 3.689   0.463   -8.800  1.00 8.72  ? 166  GLN A N     1 
ATOM   1220 C CA    . GLN A 1 166 ? 2.597   -0.365  -9.370  1.00 9.33  ? 166  GLN A CA    1 
ATOM   1221 C C     . GLN A 1 166 ? 1.217   0.134   -8.937  1.00 8.93  ? 166  GLN A C     1 
ATOM   1222 O O     . GLN A 1 166 ? 0.255   0.134   -9.720  1.00 8.55  ? 166  GLN A O     1 
ATOM   1223 C CB    . GLN A 1 166 ? 2.732   -1.834  -8.980  1.00 9.64  ? 166  GLN A CB    1 
ATOM   1224 C CG    . GLN A 1 166 ? 3.912   -2.515  -9.620  1.00 12.62 ? 166  GLN A CG    1 
ATOM   1225 C CD    . GLN A 1 166 ? 3.876   -4.041  -9.469  1.00 16.63 ? 166  GLN A CD    1 
ATOM   1226 O OE1   . GLN A 1 166 ? 2.892   -4.609  -9.003  1.00 17.87 ? 166  GLN A OE1   1 
ATOM   1227 N NE2   . GLN A 1 166 ? 4.962   -4.696  -9.877  1.00 20.30 ? 166  GLN A NE2   1 
ATOM   1228 N N     . CYS A 1 167 ? 1.125   0.566   -7.686  1.00 7.76  ? 167  CYS A N     1 
ATOM   1229 C CA    . CYS A 1 167 ? -0.118  1.158   -7.190  1.00 7.65  ? 167  CYS A CA    1 
ATOM   1230 C C     . CYS A 1 167 ? -0.457  2.421   -8.007  1.00 7.64  ? 167  CYS A C     1 
ATOM   1231 O O     . CYS A 1 167 ? -1.559  2.539   -8.555  1.00 7.56  ? 167  CYS A O     1 
ATOM   1232 C CB    . CYS A 1 167 ? -0.005  1.411   -5.673  1.00 7.22  ? 167  CYS A CB    1 
ATOM   1233 S SG    . CYS A 1 167 ? -1.577  1.909   -4.927  1.00 11.12 ? 167  CYS A SG    1 
ATOM   1234 N N     . ALA A 1 168 ? 0.503   3.337   -8.155  1.00 7.31  ? 168  ALA A N     1 
ATOM   1235 C CA    . ALA A 1 168 ? 0.296   4.536   -8.967  1.00 8.40  ? 168  ALA A CA    1 
ATOM   1236 C C     . ALA A 1 168 ? -0.046  4.219   -10.440 1.00 9.45  ? 168  ALA A C     1 
ATOM   1237 O O     . ALA A 1 168 ? -0.898  4.875   -11.046 1.00 10.33 ? 168  ALA A O     1 
ATOM   1238 C CB    . ALA A 1 168 ? 1.525   5.442   -8.900  1.00 8.77  ? 168  ALA A CB    1 
ATOM   1239 N N     . ARG A 1 169 ? 0.622   3.214   -11.007 1.00 9.49  ? 169  ARG A N     1 
ATOM   1240 C CA    . ARG A 1 169 ? 0.377   2.848   -12.410 1.00 10.71 ? 169  ARG A CA    1 
ATOM   1241 C C     . ARG A 1 169 ? -1.049  2.337   -12.606 1.00 10.83 ? 169  ARG A C     1 
ATOM   1242 O O     . ARG A 1 169 ? -1.719  2.710   -13.584 1.00 12.05 ? 169  ARG A O     1 
ATOM   1243 C CB    . ARG A 1 169 ? 1.402   1.801   -12.854 1.00 10.69 ? 169  ARG A CB    1 
ATOM   1244 C CG    . ARG A 1 169 ? 1.364   1.454   -14.317 1.00 15.21 ? 169  ARG A CG    1 
ATOM   1245 C CD    . ARG A 1 169 ? 2.466   0.467   -14.714 1.00 21.44 ? 169  ARG A CD    1 
ATOM   1246 N NE    . ARG A 1 169 ? 3.782   1.111   -14.792 1.00 26.93 ? 169  ARG A NE    1 
ATOM   1247 C CZ    . ARG A 1 169 ? 4.853   0.767   -14.073 1.00 29.69 ? 169  ARG A CZ    1 
ATOM   1248 N NH1   . ARG A 1 169 ? 4.808   -0.233  -13.193 1.00 30.35 ? 169  ARG A NH1   1 
ATOM   1249 N NH2   . ARG A 1 169 ? 5.985   1.437   -14.240 1.00 31.70 ? 169  ARG A NH2   1 
ATOM   1250 N N     . LYS A 1 170 ? -1.510  1.491   -11.677 1.00 9.80  ? 170  LYS A N     1 
ATOM   1251 C CA    . LYS A 1 170 ? -2.887  0.986   -11.759 1.00 10.38 ? 170  LYS A CA    1 
ATOM   1252 C C     . LYS A 1 170 ? -3.921  2.114   -11.623 1.00 10.58 ? 170  LYS A C     1 
ATOM   1253 O O     . LYS A 1 170 ? -4.927  2.127   -12.341 1.00 11.64 ? 170  LYS A O     1 
ATOM   1254 C CB    . LYS A 1 170 ? -3.111  -0.125  -10.714 1.00 9.68  ? 170  LYS A CB    1 
ATOM   1255 C CG    . LYS A 1 170 ? -4.511  -0.700  -10.679 1.00 12.22 ? 170  LYS A CG    1 
ATOM   1256 C CD    . LYS A 1 170 ? -4.878  -1.431  -11.977 1.00 18.20 ? 170  LYS A CD    1 
ATOM   1257 C CE    . LYS A 1 170 ? -4.199  -2.792  -12.038 1.00 22.79 ? 170  LYS A CE    1 
ATOM   1258 N NZ    . LYS A 1 170 ? -4.080  -3.294  -13.431 1.00 26.43 ? 170  LYS A NZ    1 
ATOM   1259 N N     . ILE A 1 171 ? -3.686  3.053   -10.695 1.00 9.96  ? 171  ILE A N     1 
ATOM   1260 C CA    . ILE A 1 171 ? -4.584  4.216   -10.592 1.00 10.58 ? 171  ILE A CA    1 
ATOM   1261 C C     . ILE A 1 171 ? -4.654  4.979   -11.927 1.00 12.08 ? 171  ILE A C     1 
ATOM   1262 O O     . ILE A 1 171 ? -5.739  5.315   -12.406 1.00 13.09 ? 171  ILE A O     1 
ATOM   1263 C CB    . ILE A 1 171 ? -4.153  5.147   -9.430  1.00 9.86  ? 171  ILE A CB    1 
ATOM   1264 C CG1   . ILE A 1 171 ? -4.302  4.437   -8.070  1.00 8.62  ? 171  ILE A CG1   1 
ATOM   1265 C CG2   . ILE A 1 171 ? -4.928  6.494   -9.453  1.00 10.75 ? 171  ILE A CG2   1 
ATOM   1266 C CD1   . ILE A 1 171 ? -3.496  5.147   -6.931  1.00 8.46  ? 171  ILE A CD1   1 
ATOM   1267 N N     . LEU A 1 172 ? -3.497  5.234   -12.532 1.00 12.37 ? 172  LEU A N     1 
ATOM   1268 C CA    . LEU A 1 172 ? -3.466  5.923   -13.830 1.00 13.95 ? 172  LEU A CA    1 
ATOM   1269 C C     . LEU A 1 172 ? -4.198  5.121   -14.918 1.00 14.99 ? 172  LEU A C     1 
ATOM   1270 O O     . LEU A 1 172 ? -4.887  5.684   -15.769 1.00 16.42 ? 172  LEU A O     1 
ATOM   1271 C CB    . LEU A 1 172 ? -2.016  6.192   -14.251 1.00 14.16 ? 172  LEU A CB    1 
ATOM   1272 C CG    . LEU A 1 172 ? -1.343  7.359   -13.510 1.00 13.89 ? 172  LEU A CG    1 
ATOM   1273 C CD1   . LEU A 1 172 ? 0.168   7.337   -13.777 1.00 15.74 ? 172  LEU A CD1   1 
ATOM   1274 C CD2   . LEU A 1 172 ? -1.954  8.713   -13.892 1.00 15.13 ? 172  LEU A CD2   1 
ATOM   1275 N N     . ASN A 1 173 ? -4.052  3.798   -14.861 1.00 14.40 ? 173  ASN A N     1 
ATOM   1276 C CA    . ASN A 1 173 ? -4.765  2.920   -15.780 1.00 15.43 ? 173  ASN A CA    1 
ATOM   1277 C C     . ASN A 1 173 ? -6.283  3.017   -15.610 1.00 15.94 ? 173  ASN A C     1 
ATOM   1278 O O     . ASN A 1 173 ? -7.023  3.038   -16.589 1.00 17.49 ? 173  ASN A O     1 
ATOM   1279 C CB    . ASN A 1 173 ? -4.287  1.473   -15.593 1.00 15.75 ? 173  ASN A CB    1 
ATOM   1280 C CG    . ASN A 1 173 ? -3.013  1.172   -16.367 1.00 19.62 ? 173  ASN A CG    1 
ATOM   1281 O OD1   . ASN A 1 173 ? -2.652  1.886   -17.309 1.00 26.96 ? 173  ASN A OD1   1 
ATOM   1282 N ND2   . ASN A 1 173 ? -2.327  0.113   -15.972 1.00 22.26 ? 173  ASN A ND2   1 
ATOM   1283 N N     . LYS A 1 174 ? -6.740  3.064   -14.360 1.00 14.79 ? 174  LYS A N     1 
ATOM   1284 C CA    . LYS A 1 174 ? -8.169  3.218   -14.088 1.00 15.34 ? 174  LYS A CA    1 
ATOM   1285 C C     . LYS A 1 174 ? -8.707  4.602   -14.411 1.00 16.43 ? 174  LYS A C     1 
ATOM   1286 O O     . LYS A 1 174 ? -9.858  4.736   -14.809 1.00 17.67 ? 174  LYS A O     1 
ATOM   1287 C CB    . LYS A 1 174 ? -8.492  2.808   -12.651 1.00 13.97 ? 174  LYS A CB    1 
ATOM   1288 C CG    . LYS A 1 174 ? -8.069  1.378   -12.400 1.00 16.43 ? 174  LYS A CG    1 
ATOM   1289 C CD    . LYS A 1 174 ? -8.543  0.900   -11.058 1.00 21.60 ? 174  LYS A CD    1 
ATOM   1290 C CE    . LYS A 1 174 ? -8.494  -0.615  -10.987 1.00 25.58 ? 174  LYS A CE    1 
ATOM   1291 N NZ    . LYS A 1 174 ? -9.441  -1.284  -11.923 1.00 29.59 ? 174  LYS A NZ    1 
ATOM   1292 N N     . ILE A 1 175 ? -7.882  5.636   -14.298 1.00 16.19 ? 175  ILE A N     1 
ATOM   1293 C CA    . ILE A 1 175 ? -8.312  6.947   -14.784 1.00 17.50 ? 175  ILE A CA    1 
ATOM   1294 C C     . ILE A 1 175 ? -8.509  6.868   -16.300 1.00 19.30 ? 175  ILE A C     1 
ATOM   1295 O O     . ILE A 1 175 ? -9.513  7.325   -16.845 1.00 20.77 ? 175  ILE A O     1 
ATOM   1296 C CB    . ILE A 1 175 ? -7.311  8.059   -14.402 1.00 17.07 ? 175  ILE A CB    1 
ATOM   1297 C CG1   . ILE A 1 175 ? -7.277  8.233   -12.870 1.00 15.59 ? 175  ILE A CG1   1 
ATOM   1298 C CG2   . ILE A 1 175 ? -7.674  9.393   -15.128 1.00 18.76 ? 175  ILE A CG2   1 
ATOM   1299 C CD1   . ILE A 1 175 ? -6.056  9.004   -12.343 1.00 14.96 ? 175  ILE A CD1   1 
ATOM   1300 N N     . GLU A 1 176 ? -7.539  6.258   -16.967 1.00 19.29 ? 176  GLU A N     1 
ATOM   1301 C CA    . GLU A 1 176 ? -7.598  6.108   -18.428 1.00 21.11 ? 176  GLU A CA    1 
ATOM   1302 C C     . GLU A 1 176 ? -8.819  5.303   -18.878 1.00 22.14 ? 176  GLU A C     1 
ATOM   1303 O O     . GLU A 1 176 ? -9.435  5.615   -19.890 1.00 24.03 ? 176  GLU A O     1 
ATOM   1304 C CB    . GLU A 1 176 ? -6.308  5.478   -18.977 1.00 20.94 ? 176  GLU A CB    1 
ATOM   1305 C CG    . GLU A 1 176 ? -6.343  5.339   -20.507 1.00 23.02 ? 176  GLU A CG    1 
ATOM   1306 C CD    . GLU A 1 176 ? -5.025  4.939   -21.140 1.00 23.21 ? 176  GLU A CD    1 
ATOM   1307 O OE1   . GLU A 1 176 ? -4.065  4.652   -20.384 1.00 21.66 ? 176  GLU A OE1   1 
ATOM   1308 O OE2   . GLU A 1 176 ? -4.983  4.915   -22.388 1.00 25.07 ? 176  GLU A OE2   1 
ATOM   1309 N N     . SER A 1 177 ? -9.157  4.256   -18.127 1.00 21.04 ? 177  SER A N     1 
ATOM   1310 C CA    . SER A 1 177 ? -10.282 3.393   -18.498 1.00 22.10 ? 177  SER A CA    1 
ATOM   1311 C C     . SER A 1 177 ? -11.633 4.029   -18.134 1.00 24.47 ? 177  SER A C     1 
ATOM   1312 O O     . SER A 1 177 ? -12.684 3.526   -18.510 1.00 25.81 ? 177  SER A O     1 
ATOM   1313 C CB    . SER A 1 177 ? -10.128 2.001   -17.881 1.00 20.89 ? 177  SER A CB    1 
ATOM   1314 O OG    A SER A 1 177 ? -10.406 2.011   -16.503 0.50 19.37 ? 177  SER A OG    1 
ATOM   1315 O OG    B SER A 1 177 ? -8.805  1.531   -17.985 0.50 20.01 ? 177  SER A OG    1 
ATOM   1316 N N     . GLY A 1 178 ? -11.601 5.166   -17.445 1.00 25.70 ? 178  GLY A N     1 
ATOM   1317 C CA    . GLY A 1 178 ? -12.818 5.838   -17.030 1.00 29.84 ? 178  GLY A CA    1 
ATOM   1318 C C     . GLY A 1 178 ? -13.485 5.135   -15.851 1.00 31.15 ? 178  GLY A C     1 
ATOM   1319 O O     . GLY A 1 178 ? -14.667 5.361   -15.593 1.00 32.83 ? 178  GLY A O     1 
ATOM   1320 N N     . GLU A 1 179 ? -12.746 4.279   -15.155 1.00 31.59 ? 179  GLU A N     1 
ATOM   1321 C CA    . GLU A 1 179 ? -13.244 3.625   -13.948 1.00 33.14 ? 179  GLU A CA    1 
ATOM   1322 C C     . GLU A 1 179 ? -13.084 4.523   -12.727 1.00 33.09 ? 179  GLU A C     1 
ATOM   1323 O O     . GLU A 1 179 ? -13.848 4.412   -11.763 1.00 33.52 ? 179  GLU A O     1 
ATOM   1324 C CB    . GLU A 1 179 ? -12.513 2.312   -13.697 1.00 32.22 ? 179  GLU A CB    1 
ATOM   1325 C CG    . GLU A 1 179 ? -12.946 1.147   -14.574 1.00 36.83 ? 179  GLU A CG    1 
ATOM   1326 C CD    . GLU A 1 179 ? -12.019 -0.042  -14.404 1.00 39.89 ? 179  GLU A CD    1 
ATOM   1327 O OE1   . GLU A 1 179 ? -12.210 -0.830  -13.440 1.00 41.90 ? 179  GLU A OE1   1 
ATOM   1328 O OE2   . GLU A 1 179 ? -11.072 -0.176  -15.211 1.00 41.78 ? 179  GLU A OE2   1 
ATOM   1329 N N     . LEU A 1 180 ? -12.070 5.386   -12.752 1.00 33.84 ? 180  LEU A N     1 
ATOM   1330 C CA    . LEU A 1 180 ? -11.813 6.309   -11.648 1.00 33.78 ? 180  LEU A CA    1 
ATOM   1331 C C     . LEU A 1 180 ? -11.935 7.721   -12.118 1.00 36.29 ? 180  LEU A C     1 
ATOM   1332 O O     . LEU A 1 180 ? -11.476 8.073   -13.205 1.00 36.81 ? 180  LEU A O     1 
ATOM   1333 C CB    . LEU A 1 180 ? -10.419 6.141   -11.059 1.00 31.61 ? 180  LEU A CB    1 
ATOM   1334 C CG    . LEU A 1 180 ? -10.097 4.909   -10.236 1.00 29.94 ? 180  LEU A CG    1 
ATOM   1335 C CD1   . LEU A 1 180 ? -8.704  5.080   -9.647  1.00 29.09 ? 180  LEU A CD1   1 
ATOM   1336 C CD2   . LEU A 1 180 ? -11.137 4.673   -9.152  1.00 30.06 ? 180  LEU A CD2   1 
ATOM   1337 N N     . ASP A 1 181 ? -12.570 8.531   -11.285 1.00 38.15 ? 181  ASP A N     1 
ATOM   1338 C CA    . ASP A 1 181 ? -12.642 9.951   -11.532 1.00 40.98 ? 181  ASP A CA    1 
ATOM   1339 C C     . ASP A 1 181 ? -11.537 10.605  -10.694 1.00 40.84 ? 181  ASP A C     1 
ATOM   1340 O O     . ASP A 1 181 ? -11.547 10.497  -9.465  1.00 39.52 ? 181  ASP A O     1 
ATOM   1341 C CB    . ASP A 1 181 ? -14.035 10.482  -11.175 1.00 42.35 ? 181  ASP A CB    1 
ATOM   1342 C CG    . ASP A 1 181 ? -14.386 11.737  -11.938 1.00 45.75 ? 181  ASP A CG    1 
ATOM   1343 O OD1   . ASP A 1 181 ? -13.628 12.726  -11.822 1.00 47.86 ? 181  ASP A OD1   1 
ATOM   1344 O OD2   . ASP A 1 181 ? -15.390 11.830  -12.682 1.00 49.70 ? 181  ASP A OD2   1 
ATOM   1345 N N     . PRO A 1 182 ? -10.587 11.271  -11.361 1.00 42.42 ? 182  PRO A N     1 
ATOM   1346 C CA    . PRO A 1 182 ? -9.404  11.825  -10.686 1.00 42.63 ? 182  PRO A CA    1 
ATOM   1347 C C     . PRO A 1 182 ? -9.699  13.095  -9.876  1.00 44.33 ? 182  PRO A C     1 
ATOM   1348 O O     . PRO A 1 182 ? -8.837  13.506  -9.097  1.00 43.55 ? 182  PRO A O     1 
ATOM   1349 C CB    . PRO A 1 182 ? -8.467  12.147  -11.851 1.00 43.20 ? 182  PRO A CB    1 
ATOM   1350 C CG    . PRO A 1 182 ? -9.392  12.484  -12.979 1.00 44.67 ? 182  PRO A CG    1 
ATOM   1351 C CD    . PRO A 1 182 ? -10.581 11.572  -12.808 1.00 44.20 ? 182  PRO A CD    1 
ATOM   1352 N N     . GLU A 1 183 ? -10.873 13.704  -10.069 1.00 47.04 ? 183  GLU A N     1 
ATOM   1353 C CA    . GLU A 1 183 ? -11.317 14.822  -9.231  1.00 49.23 ? 183  GLU A CA    1 
ATOM   1354 C C     . GLU A 1 183 ? -12.284 14.348  -8.131  1.00 49.79 ? 183  GLU A C     1 
ATOM   1355 O O     . GLU A 1 183 ? -12.631 15.106  -7.221  1.00 50.63 ? 183  GLU A O     1 
ATOM   1356 C CB    . GLU A 1 183 ? -11.941 15.944  -10.077 1.00 51.11 ? 183  GLU A CB    1 
ATOM   1357 C CG    . GLU A 1 183 ? -10.999 16.623  -11.079 1.00 53.03 ? 183  GLU A CG    1 
ATOM   1358 C CD    . GLU A 1 183 ? -9.558  16.757  -10.587 1.00 53.17 ? 183  GLU A CD    1 
ATOM   1359 O OE1   . GLU A 1 183 ? -9.295  17.595  -9.693  1.00 52.86 ? 183  GLU A OE1   1 
ATOM   1360 O OE2   . GLU A 1 183 ? -8.678  16.027  -11.103 1.00 53.12 ? 183  GLU A OE2   1 
ATOM   1361 N N     . ARG A 1 184 ? -12.712 13.092  -8.226  1.00 50.40 ? 184  ARG A N     1 
ATOM   1362 C CA    . ARG A 1 184 ? -13.471 12.424  -7.171  1.00 50.93 ? 184  ARG A CA    1 
ATOM   1363 C C     . ARG A 1 184 ? -12.483 11.903  -6.118  1.00 50.01 ? 184  ARG A C     1 
ATOM   1364 O O     . ARG A 1 184 ? -11.272 12.160  -6.209  1.00 49.86 ? 184  ARG A O     1 
ATOM   1365 C CB    . ARG A 1 184 ? -14.272 11.273  -7.787  1.00 51.29 ? 184  ARG A CB    1 
ATOM   1366 C CG    . ARG A 1 184 ? -15.181 10.485  -6.853  1.00 50.89 ? 184  ARG A CG    1 
ATOM   1367 C CD    . ARG A 1 184 ? -15.546 9.106   -7.392  1.00 50.28 ? 184  ARG A CD    1 
ATOM   1368 N NE    . ARG A 1 184 ? -16.322 9.171   -8.632  1.00 51.42 ? 184  ARG A NE    1 
ATOM   1369 C CZ    . ARG A 1 184 ? -17.280 8.308   -8.971  1.00 52.48 ? 184  ARG A CZ    1 
ATOM   1370 N NH1   . ARG A 1 184 ? -17.594 7.295   -8.166  1.00 51.81 ? 184  ARG A NH1   1 
ATOM   1371 N NH2   . ARG A 1 184 ? -17.933 8.461   -10.118 1.00 53.33 ? 184  ARG A NH2   1 
ATOM   1372 N N     . MET A 1 185 ? -12.999 11.189  -5.118  1.00 50.10 ? 185  MET A N     1 
ATOM   1373 C CA    . MET A 1 185 ? -12.174 10.509  -4.124  1.00 49.02 ? 185  MET A CA    1 
ATOM   1374 C C     . MET A 1 185 ? -10.970 9.839   -4.802  1.00 48.67 ? 185  MET A C     1 
ATOM   1375 O O     . MET A 1 185 ? -9.819  10.232  -4.595  1.00 48.09 ? 185  MET A O     1 
ATOM   1376 C CB    . MET A 1 185 ? -13.032 9.497   -3.358  1.00 48.77 ? 185  MET A CB    1 
ATOM   1377 C CG    . MET A 1 185 ? -12.318 8.726   -2.253  1.00 47.05 ? 185  MET A CG    1 
ATOM   1378 S SD    . MET A 1 185 ? -13.141 8.790   -0.624  1.00 45.73 ? 185  MET A SD    1 
ATOM   1379 C CE    . MET A 1 185 ? -14.927 8.929   -1.130  1.00 47.03 ? 185  MET A CE    1 
ATOM   1380 N N     . GLY A 1 186 ? -11.243 8.859   -5.653  1.00 49.41 ? 186  GLY A N     1 
ATOM   1381 C CA    . GLY A 1 186 ? -10.186 8.131   -6.327  1.00 49.45 ? 186  GLY A CA    1 
ATOM   1382 C C     . GLY A 1 186 ? -10.557 6.669   -6.416  1.00 49.56 ? 186  GLY A C     1 
ATOM   1383 O O     . GLY A 1 186 ? -10.822 6.022   -5.402  1.00 49.35 ? 186  GLY A O     1 
HETATM 1384 P PB    . GDP B 2 .   ? 4.830   -0.838  12.109  1.00 12.28 ? 1187 GDP A PB    1 
HETATM 1385 O O1B   . GDP B 2 .   ? 3.886   -1.425  11.105  1.00 9.79  ? 1187 GDP A O1B   1 
HETATM 1386 O O2B   . GDP B 2 .   ? 5.172   0.609   11.724  1.00 11.31 ? 1187 GDP A O2B   1 
HETATM 1387 O O3B   . GDP B 2 .   ? 4.270   -0.987  13.521  1.00 12.35 ? 1187 GDP A O3B   1 
HETATM 1388 O O3A   . GDP B 2 .   ? 6.181   -1.682  12.012  1.00 11.45 ? 1187 GDP A O3A   1 
HETATM 1389 P PA    . GDP B 2 .   ? 7.689   -1.098  11.946  1.00 13.81 ? 1187 GDP A PA    1 
HETATM 1390 O O1A   . GDP B 2 .   ? 8.057   -0.369  10.700  1.00 12.76 ? 1187 GDP A O1A   1 
HETATM 1391 O O2A   . GDP B 2 .   ? 7.879   -0.255  13.227  1.00 13.87 ? 1187 GDP A O2A   1 
HETATM 1392 O "O5'" . GDP B 2 .   ? 8.464   -2.493  12.002  1.00 11.54 ? 1187 GDP A "O5'" 1 
HETATM 1393 C "C5'" . GDP B 2 .   ? 8.164   -3.369  13.085  1.00 11.49 ? 1187 GDP A "C5'" 1 
HETATM 1394 C "C4'" . GDP B 2 .   ? 9.319   -4.345  13.322  1.00 11.59 ? 1187 GDP A "C4'" 1 
HETATM 1395 O "O4'" . GDP B 2 .   ? 9.676   -5.087  12.157  1.00 12.26 ? 1187 GDP A "O4'" 1 
HETATM 1396 C "C3'" . GDP B 2 .   ? 10.593  -3.627  13.711  1.00 11.84 ? 1187 GDP A "C3'" 1 
HETATM 1397 O "O3'" . GDP B 2 .   ? 11.289  -4.484  14.603  1.00 15.04 ? 1187 GDP A "O3'" 1 
HETATM 1398 C "C2'" . GDP B 2 .   ? 11.346  -3.492  12.393  1.00 11.46 ? 1187 GDP A "C2'" 1 
HETATM 1399 O "O2'" . GDP B 2 .   ? 12.720  -3.396  12.633  1.00 11.98 ? 1187 GDP A "O2'" 1 
HETATM 1400 C "C1'" . GDP B 2 .   ? 10.996  -4.805  11.713  1.00 11.33 ? 1187 GDP A "C1'" 1 
HETATM 1401 N N9    . GDP B 2 .   ? 10.949  -4.775  10.252  1.00 10.00 ? 1187 GDP A N9    1 
HETATM 1402 C C8    . GDP B 2 .   ? 10.190  -3.931  9.488   1.00 8.56  ? 1187 GDP A C8    1 
HETATM 1403 N N7    . GDP B 2 .   ? 10.399  -4.252  8.195   1.00 7.15  ? 1187 GDP A N7    1 
HETATM 1404 C C5    . GDP B 2 .   ? 11.283  -5.293  8.125   1.00 8.44  ? 1187 GDP A C5    1 
HETATM 1405 C C6    . GDP B 2 .   ? 11.841  -6.032  7.069   1.00 5.96  ? 1187 GDP A C6    1 
HETATM 1406 O O6    . GDP B 2 .   ? 11.484  -5.875  5.892   1.00 6.32  ? 1187 GDP A O6    1 
HETATM 1407 N N1    . GDP B 2 .   ? 12.717  -7.067  7.362   1.00 6.14  ? 1187 GDP A N1    1 
HETATM 1408 C C2    . GDP B 2 .   ? 13.049  -7.375  8.671   1.00 6.13  ? 1187 GDP A C2    1 
HETATM 1409 N N2    . GDP B 2 .   ? 14.024  -8.242  8.943   1.00 8.07  ? 1187 GDP A N2    1 
HETATM 1410 N N3    . GDP B 2 .   ? 12.501  -6.632  9.694   1.00 8.11  ? 1187 GDP A N3    1 
HETATM 1411 C C4    . GDP B 2 .   ? 11.627  -5.624  9.431   1.00 7.82  ? 1187 GDP A C4    1 
HETATM 1412 C C1    . GOL C 3 .   ? -8.238  -2.507  13.220  1.00 17.47 ? 1188 GOL A C1    1 
HETATM 1413 O O1    . GOL C 3 .   ? -7.273  -2.411  14.265  1.00 17.86 ? 1188 GOL A O1    1 
HETATM 1414 C C2    . GOL C 3 .   ? -8.303  -3.961  12.765  1.00 18.39 ? 1188 GOL A C2    1 
HETATM 1415 O O2    . GOL C 3 .   ? -9.202  -4.666  13.594  1.00 18.72 ? 1188 GOL A O2    1 
HETATM 1416 C C3    . GOL C 3 .   ? -8.801  -4.019  11.329  1.00 16.05 ? 1188 GOL A C3    1 
HETATM 1417 O O3    . GOL C 3 .   ? -10.136 -3.558  11.272  1.00 13.70 ? 1188 GOL A O3    1 
HETATM 1418 C C1    . GOL D 3 .   ? -7.088  -12.466 4.754   1.00 24.17 ? 1189 GOL A C1    1 
HETATM 1419 O O1    . GOL D 3 .   ? -8.027  -12.537 5.782   1.00 23.51 ? 1189 GOL A O1    1 
HETATM 1420 C C2    . GOL D 3 .   ? -6.425  -13.811 4.533   1.00 25.40 ? 1189 GOL A C2    1 
HETATM 1421 O O2    . GOL D 3 .   ? -5.427  -13.498 3.611   1.00 25.37 ? 1189 GOL A O2    1 
HETATM 1422 C C3    . GOL D 3 .   ? -7.416  -14.806 3.923   1.00 26.26 ? 1189 GOL A C3    1 
HETATM 1423 O O3    . GOL D 3 .   ? -6.791  -15.977 3.406   1.00 25.98 ? 1189 GOL A O3    1 
HETATM 1424 O O     . HOH E 4 .   ? 5.943   1.075   17.217  1.00 30.13 ? 2001 HOH A O     1 
HETATM 1425 O O     . HOH E 4 .   ? 17.419  -2.458  13.048  1.00 35.99 ? 2002 HOH A O     1 
HETATM 1426 O O     . HOH E 4 .   ? 11.503  18.826  -11.266 1.00 43.90 ? 2003 HOH A O     1 
HETATM 1427 O O     . HOH E 4 .   ? 2.180   13.813  -17.658 1.00 42.84 ? 2004 HOH A O     1 
HETATM 1428 O O     . HOH E 4 .   ? -5.423  14.253  -2.921  1.00 35.21 ? 2005 HOH A O     1 
HETATM 1429 O O     . HOH E 4 .   ? -5.592  14.860  1.287   1.00 42.67 ? 2006 HOH A O     1 
HETATM 1430 O O     . HOH E 4 .   ? -6.605  12.506  -5.850  1.00 37.91 ? 2007 HOH A O     1 
HETATM 1431 O O     . HOH E 4 .   ? -4.443  14.528  -9.398  1.00 28.18 ? 2008 HOH A O     1 
HETATM 1432 O O     . HOH E 4 .   ? -7.416  13.962  3.166   1.00 25.49 ? 2009 HOH A O     1 
HETATM 1433 O O     . HOH E 4 .   ? -6.078  10.639  -4.063  1.00 10.62 ? 2010 HOH A O     1 
HETATM 1434 O O     . HOH E 4 .   ? 2.891   -0.488  20.863  1.00 47.63 ? 2011 HOH A O     1 
HETATM 1435 O O     . HOH E 4 .   ? -5.954  -6.709  13.074  1.00 16.77 ? 2012 HOH A O     1 
HETATM 1436 O O     . HOH E 4 .   ? -2.578  -3.919  14.913  1.00 15.22 ? 2013 HOH A O     1 
HETATM 1437 O O     . HOH E 4 .   ? 7.503   -7.039  14.677  1.00 29.53 ? 2014 HOH A O     1 
HETATM 1438 O O     . HOH E 4 .   ? 6.391   6.320   11.946  1.00 38.82 ? 2015 HOH A O     1 
HETATM 1439 O O     . HOH E 4 .   ? 7.669   4.770   13.707  1.00 36.41 ? 2016 HOH A O     1 
HETATM 1440 O O     . HOH E 4 .   ? 11.845  7.272   -13.243 1.00 34.53 ? 2017 HOH A O     1 
HETATM 1441 O O     . HOH E 4 .   ? 7.865   6.508   8.199   1.00 28.28 ? 2018 HOH A O     1 
HETATM 1442 O O     . HOH E 4 .   ? 10.014  9.029   5.994   1.00 42.43 ? 2019 HOH A O     1 
HETATM 1443 O O     . HOH E 4 .   ? -4.769  10.883  -17.325 1.00 24.82 ? 2020 HOH A O     1 
HETATM 1444 O O     . HOH E 4 .   ? 18.222  0.656   1.525   1.00 23.05 ? 2021 HOH A O     1 
HETATM 1445 O O     . HOH E 4 .   ? 13.802  1.957   -1.851  1.00 26.04 ? 2022 HOH A O     1 
HETATM 1446 O O     . HOH E 4 .   ? 6.863   -13.329 -8.972  1.00 34.58 ? 2023 HOH A O     1 
HETATM 1447 O O     . HOH E 4 .   ? 12.763  10.386  -2.172  1.00 36.23 ? 2024 HOH A O     1 
HETATM 1448 O O     . HOH E 4 .   ? 14.032  7.951   -2.353  1.00 33.64 ? 2025 HOH A O     1 
HETATM 1449 O O     . HOH E 4 .   ? 2.141   -0.916  18.205  1.00 27.15 ? 2026 HOH A O     1 
HETATM 1450 O O     . HOH E 4 .   ? -8.855  9.142   18.212  1.00 33.60 ? 2027 HOH A O     1 
HETATM 1451 O O     . HOH E 4 .   ? -7.470  14.720  17.417  1.00 41.98 ? 2028 HOH A O     1 
HETATM 1452 O O     . HOH E 4 .   ? -14.091 11.939  -0.609  1.00 35.18 ? 2029 HOH A O     1 
HETATM 1453 O O     . HOH E 4 .   ? 16.388  6.300   10.641  1.00 55.22 ? 2030 HOH A O     1 
HETATM 1454 O O     . HOH E 4 .   ? 12.158  3.176   9.679   1.00 35.61 ? 2031 HOH A O     1 
HETATM 1455 O O     . HOH E 4 .   ? -11.688 13.887  0.058   1.00 36.02 ? 2032 HOH A O     1 
HETATM 1456 O O     . HOH E 4 .   ? 6.845   10.669  9.663   1.00 44.96 ? 2033 HOH A O     1 
HETATM 1457 O O     . HOH E 4 .   ? 8.881   12.196  5.307   1.00 41.71 ? 2034 HOH A O     1 
HETATM 1458 O O     . HOH E 4 .   ? 7.121   16.217  -2.491  1.00 35.04 ? 2035 HOH A O     1 
HETATM 1459 O O     . HOH E 4 .   ? 8.561   13.098  2.772   1.00 22.55 ? 2036 HOH A O     1 
HETATM 1460 O O     . HOH E 4 .   ? 6.919   14.908  3.398   1.00 41.46 ? 2037 HOH A O     1 
HETATM 1461 O O     . HOH E 4 .   ? 10.768  12.759  -0.899  1.00 28.22 ? 2038 HOH A O     1 
HETATM 1462 O O     . HOH E 4 .   ? 8.742   -14.802 13.817  1.00 29.46 ? 2039 HOH A O     1 
HETATM 1463 O O     . HOH E 4 .   ? 10.000  13.679  -4.614  1.00 28.75 ? 2040 HOH A O     1 
HETATM 1464 O O     . HOH E 4 .   ? 11.563  11.283  -5.982  1.00 31.43 ? 2041 HOH A O     1 
HETATM 1465 O O     . HOH E 4 .   ? 10.204  12.344  -10.187 1.00 38.34 ? 2042 HOH A O     1 
HETATM 1466 O O     . HOH E 4 .   ? -5.458  -18.930 13.348  1.00 29.12 ? 2043 HOH A O     1 
HETATM 1467 O O     . HOH E 4 .   ? 7.220   4.057   -13.500 1.00 35.81 ? 2044 HOH A O     1 
HETATM 1468 O O     . HOH E 4 .   ? 10.323  7.696   -10.509 1.00 19.05 ? 2045 HOH A O     1 
HETATM 1469 O O     . HOH E 4 .   ? 9.187   6.265   -16.193 1.00 39.54 ? 2046 HOH A O     1 
HETATM 1470 O O     . HOH E 4 .   ? 7.327   4.363   -16.027 1.00 23.90 ? 2047 HOH A O     1 
HETATM 1471 O O     . HOH E 4 .   ? 3.384   5.691   -21.358 1.00 27.66 ? 2048 HOH A O     1 
HETATM 1472 O O     . HOH E 4 .   ? -0.175  13.545  -18.642 1.00 33.77 ? 2049 HOH A O     1 
HETATM 1473 O O     . HOH E 4 .   ? -3.368  12.225  -18.906 1.00 22.29 ? 2050 HOH A O     1 
HETATM 1474 O O     . HOH E 4 .   ? -8.131  -2.261  -8.580  1.00 34.50 ? 2051 HOH A O     1 
HETATM 1475 O O     . HOH E 4 .   ? -14.903 7.645   -4.785  1.00 35.74 ? 2052 HOH A O     1 
HETATM 1476 O O     . HOH E 4 .   ? -5.791  -4.182  -9.565  1.00 33.98 ? 2053 HOH A O     1 
HETATM 1477 O O     . HOH E 4 .   ? -3.033  14.163  1.104   1.00 26.30 ? 2054 HOH A O     1 
HETATM 1478 O O     . HOH E 4 .   ? 12.167  -22.688 5.822   1.00 19.06 ? 2055 HOH A O     1 
HETATM 1479 O O     . HOH E 4 .   ? 8.611   -21.429 3.706   1.00 14.05 ? 2056 HOH A O     1 
HETATM 1480 O O     . HOH E 4 .   ? 12.535  -20.230 2.077   1.00 31.38 ? 2057 HOH A O     1 
HETATM 1481 O O     . HOH E 4 .   ? 11.540  -24.414 10.407  1.00 33.37 ? 2058 HOH A O     1 
HETATM 1482 O O     . HOH E 4 .   ? 9.400   -18.121 -1.189  1.00 14.16 ? 2059 HOH A O     1 
HETATM 1483 O O     . HOH E 4 .   ? -3.352  0.254   9.823   1.00 8.78  ? 2060 HOH A O     1 
HETATM 1484 O O     . HOH E 4 .   ? 1.088   7.060   12.053  1.00 28.40 ? 2061 HOH A O     1 
HETATM 1485 O O     . HOH E 4 .   ? 3.541   -14.615 -9.700  1.00 37.56 ? 2062 HOH A O     1 
HETATM 1486 O O     . HOH E 4 .   ? 3.246   -17.185 -9.540  1.00 39.43 ? 2063 HOH A O     1 
HETATM 1487 O O     . HOH E 4 .   ? -5.030  -7.170  -10.690 1.00 38.31 ? 2064 HOH A O     1 
HETATM 1488 O O     . HOH E 4 .   ? -0.572  -0.659  18.152  1.00 37.25 ? 2065 HOH A O     1 
HETATM 1489 O O     . HOH E 4 .   ? 6.352   -10.944 -7.482  1.00 22.89 ? 2066 HOH A O     1 
HETATM 1490 O O     . HOH E 4 .   ? -3.088  2.201   17.912  1.00 17.67 ? 2067 HOH A O     1 
HETATM 1491 O O     . HOH E 4 .   ? -10.456 -5.329  16.764  1.00 20.62 ? 2068 HOH A O     1 
HETATM 1492 O O     . HOH E 4 .   ? -8.248  4.479   19.286  1.00 26.81 ? 2069 HOH A O     1 
HETATM 1493 O O     . HOH E 4 .   ? -10.501 -4.847  19.884  1.00 25.46 ? 2070 HOH A O     1 
HETATM 1494 O O     . HOH E 4 .   ? 9.036   -16.229 -5.135  1.00 39.27 ? 2071 HOH A O     1 
HETATM 1495 O O     . HOH E 4 .   ? -11.214 6.723   16.297  1.00 33.74 ? 2072 HOH A O     1 
HETATM 1496 O O     . HOH E 4 .   ? 14.510  0.478   -5.704  1.00 29.44 ? 2073 HOH A O     1 
HETATM 1497 O O     . HOH E 4 .   ? -4.392  15.322  18.691  1.00 32.19 ? 2074 HOH A O     1 
HETATM 1498 O O     . HOH E 4 .   ? -4.517  4.433   17.850  1.00 17.66 ? 2075 HOH A O     1 
HETATM 1499 O O     . HOH E 4 .   ? -2.298  12.248  19.413  1.00 39.07 ? 2076 HOH A O     1 
HETATM 1500 O O     . HOH E 4 .   ? -9.664  8.728   15.704  1.00 24.07 ? 2077 HOH A O     1 
HETATM 1501 O O     . HOH E 4 .   ? 14.202  -7.303  -7.536  1.00 41.60 ? 2078 HOH A O     1 
HETATM 1502 O O     . HOH E 4 .   ? -11.563 4.069   14.375  1.00 9.29  ? 2079 HOH A O     1 
HETATM 1503 O O     . HOH E 4 .   ? -8.677  9.661   12.361  1.00 14.27 ? 2080 HOH A O     1 
HETATM 1504 O O     . HOH E 4 .   ? -18.694 11.613  2.383   1.00 28.25 ? 2081 HOH A O     1 
HETATM 1505 O O     . HOH E 4 .   ? -15.878 13.177  0.580   1.00 42.96 ? 2082 HOH A O     1 
HETATM 1506 O O     . HOH E 4 .   ? -1.304  7.788   -17.902 1.00 29.63 ? 2083 HOH A O     1 
HETATM 1507 O O     . HOH E 4 .   ? -17.342 9.880   -2.153  1.00 42.46 ? 2084 HOH A O     1 
HETATM 1508 O O     . HOH E 4 .   ? -8.137  12.379  10.342  1.00 32.27 ? 2085 HOH A O     1 
HETATM 1509 O O     . HOH E 4 .   ? -10.808 13.747  5.637   1.00 31.16 ? 2086 HOH A O     1 
HETATM 1510 O O     . HOH E 4 .   ? -0.207  9.592   9.667   1.00 28.51 ? 2087 HOH A O     1 
HETATM 1511 O O     . HOH E 4 .   ? -5.556  2.093   9.567   1.00 6.20  ? 2088 HOH A O     1 
HETATM 1512 O O     . HOH E 4 .   ? -8.323  8.736   -8.823  1.00 38.89 ? 2089 HOH A O     1 
HETATM 1513 O O     . HOH E 4 .   ? -9.558  14.283  1.309   1.00 33.87 ? 2090 HOH A O     1 
HETATM 1514 O O     . HOH E 4 .   ? -7.892  13.128  -1.915  1.00 35.29 ? 2091 HOH A O     1 
HETATM 1515 O O     . HOH E 4 .   ? -11.134 6.454   -2.417  1.00 42.22 ? 2092 HOH A O     1 
HETATM 1516 O O     . HOH E 4 .   ? -1.680  -6.929  8.412   1.00 6.54  ? 2093 HOH A O     1 
HETATM 1517 O O     . HOH E 4 .   ? 3.588   -14.306 1.477   1.00 4.41  ? 2094 HOH A O     1 
HETATM 1518 O O     . HOH E 4 .   ? 6.513   -13.246 13.613  1.00 29.73 ? 2095 HOH A O     1 
HETATM 1519 O O     . HOH E 4 .   ? 9.523   -11.609 12.659  1.00 30.14 ? 2096 HOH A O     1 
HETATM 1520 O O     . HOH E 4 .   ? 3.060   -12.101 15.307  1.00 23.71 ? 2097 HOH A O     1 
HETATM 1521 O O     . HOH E 4 .   ? -4.982  -18.919 7.060   1.00 39.67 ? 2098 HOH A O     1 
HETATM 1522 O O     . HOH E 4 .   ? 2.568   -14.985 15.031  1.00 35.24 ? 2099 HOH A O     1 
HETATM 1523 O O     . HOH E 4 .   ? -3.044  -15.753 17.405  1.00 39.12 ? 2100 HOH A O     1 
HETATM 1524 O O     . HOH E 4 .   ? -5.651  -11.909 12.685  1.00 22.67 ? 2101 HOH A O     1 
HETATM 1525 O O     . HOH E 4 .   ? -3.872  -19.321 10.450  1.00 31.95 ? 2102 HOH A O     1 
HETATM 1526 O O     . HOH E 4 .   ? -4.829  -15.066 13.300  1.00 25.49 ? 2103 HOH A O     1 
HETATM 1527 O O     . HOH E 4 .   ? -8.541  -15.681 10.670  1.00 34.75 ? 2104 HOH A O     1 
HETATM 1528 O O     . HOH E 4 .   ? -9.614  -10.620 8.106   1.00 25.62 ? 2105 HOH A O     1 
HETATM 1529 O O     . HOH E 4 .   ? -8.266  -7.594  12.397  1.00 27.22 ? 2106 HOH A O     1 
HETATM 1530 O O     . HOH E 4 .   ? -11.734 -11.638 9.432   1.00 31.85 ? 2107 HOH A O     1 
HETATM 1531 O O     . HOH E 4 .   ? -8.211  -11.833 11.839  1.00 26.67 ? 2108 HOH A O     1 
HETATM 1532 O O     . HOH E 4 .   ? -13.787 -7.456  8.854   1.00 19.84 ? 2109 HOH A O     1 
HETATM 1533 O O     . HOH E 4 .   ? -14.812 -5.884  1.290   1.00 37.10 ? 2110 HOH A O     1 
HETATM 1534 O O     . HOH E 4 .   ? -12.733 -8.178  2.653   1.00 30.38 ? 2111 HOH A O     1 
HETATM 1535 O O     . HOH E 4 .   ? -14.792 -8.205  6.557   1.00 31.55 ? 2112 HOH A O     1 
HETATM 1536 O O     . HOH E 4 .   ? -17.399 3.033   0.444   1.00 31.57 ? 2113 HOH A O     1 
HETATM 1537 O O     . HOH E 4 .   ? -9.927  -3.857  -5.282  1.00 34.62 ? 2114 HOH A O     1 
HETATM 1538 O O     . HOH E 4 .   ? -18.796 1.810   5.432   1.00 23.54 ? 2115 HOH A O     1 
HETATM 1539 O O     . HOH E 4 .   ? -19.246 3.009   2.962   1.00 38.12 ? 2116 HOH A O     1 
HETATM 1540 O O     . HOH E 4 .   ? -17.152 5.987   3.948   1.00 24.99 ? 2117 HOH A O     1 
HETATM 1541 O O     . HOH E 4 .   ? -17.029 5.899   1.224   1.00 31.54 ? 2118 HOH A O     1 
HETATM 1542 O O     . HOH E 4 .   ? -18.887 0.523   0.781   1.00 39.62 ? 2119 HOH A O     1 
HETATM 1543 O O     . HOH E 4 .   ? -17.521 3.524   -2.480  1.00 25.04 ? 2120 HOH A O     1 
HETATM 1544 O O     . HOH E 4 .   ? -13.793 6.492   -6.632  1.00 44.64 ? 2121 HOH A O     1 
HETATM 1545 O O     . HOH E 4 .   ? -10.404 0.148   -8.379  1.00 31.25 ? 2122 HOH A O     1 
HETATM 1546 O O     . HOH E 4 .   ? -11.046 -1.731  -3.919  1.00 14.23 ? 2123 HOH A O     1 
HETATM 1547 O O     . HOH E 4 .   ? -7.587  -2.818  -6.001  1.00 21.70 ? 2124 HOH A O     1 
HETATM 1548 O O     . HOH E 4 .   ? -5.482  -3.920  -7.090  1.00 27.03 ? 2125 HOH A O     1 
HETATM 1549 O O     . HOH E 4 .   ? -4.166  -6.937  -0.033  1.00 37.02 ? 2126 HOH A O     1 
HETATM 1550 O O     . HOH E 4 .   ? 10.184  -8.564  12.880  1.00 23.53 ? 2127 HOH A O     1 
HETATM 1551 O O     . HOH E 4 .   ? 13.395  -14.063 -4.416  1.00 34.26 ? 2128 HOH A O     1 
HETATM 1552 O O     . HOH E 4 .   ? 11.701  -15.190 1.659   1.00 18.59 ? 2129 HOH A O     1 
HETATM 1553 O O     . HOH E 4 .   ? 12.024  -15.342 -2.401  1.00 38.34 ? 2130 HOH A O     1 
HETATM 1554 O O     . HOH E 4 .   ? 12.296  -13.888 -0.672  1.00 35.06 ? 2131 HOH A O     1 
HETATM 1555 O O     . HOH E 4 .   ? 10.991  -20.374 4.147   1.00 18.28 ? 2132 HOH A O     1 
HETATM 1556 O O     . HOH E 4 .   ? 15.283  -20.457 4.627   1.00 29.99 ? 2133 HOH A O     1 
HETATM 1557 O O     . HOH E 4 .   ? 15.715  -17.392 0.607   1.00 13.87 ? 2134 HOH A O     1 
HETATM 1558 O O     . HOH E 4 .   ? 10.817  -22.295 8.552   1.00 14.03 ? 2135 HOH A O     1 
HETATM 1559 O O     . HOH E 4 .   ? 14.913  -14.017 12.527  1.00 23.86 ? 2136 HOH A O     1 
HETATM 1560 O O     . HOH E 4 .   ? 10.763  -19.136 13.863  1.00 41.95 ? 2137 HOH A O     1 
HETATM 1561 O O     . HOH E 4 .   ? 7.851   -17.066 12.368  1.00 13.94 ? 2138 HOH A O     1 
HETATM 1562 O O     . HOH E 4 .   ? 11.147  -13.435 12.930  1.00 32.15 ? 2139 HOH A O     1 
HETATM 1563 O O     . HOH E 4 .   ? 15.439  -17.395 12.620  1.00 23.94 ? 2140 HOH A O     1 
HETATM 1564 O O     . HOH E 4 .   ? 11.163  -18.200 1.302   1.00 24.48 ? 2141 HOH A O     1 
HETATM 1565 O O     . HOH E 4 .   ? 8.288   -22.232 7.656   1.00 5.51  ? 2142 HOH A O     1 
HETATM 1566 O O     . HOH E 4 .   ? 5.008   -15.265 14.630  1.00 29.13 ? 2143 HOH A O     1 
HETATM 1567 O O     . HOH E 4 .   ? 6.969   -19.032 -0.338  1.00 6.78  ? 2144 HOH A O     1 
HETATM 1568 O O     . HOH E 4 .   ? -0.483  -19.161 -6.533  1.00 26.99 ? 2145 HOH A O     1 
HETATM 1569 O O     . HOH E 4 .   ? -5.222  -17.489 1.774   1.00 16.77 ? 2146 HOH A O     1 
HETATM 1570 O O     . HOH E 4 .   ? -4.760  -18.579 -0.708  1.00 14.32 ? 2147 HOH A O     1 
HETATM 1571 O O     . HOH E 4 .   ? -5.870  -18.973 4.066   1.00 29.44 ? 2148 HOH A O     1 
HETATM 1572 O O     . HOH E 4 .   ? 1.049   -17.125 -8.475  1.00 35.10 ? 2149 HOH A O     1 
HETATM 1573 O O     . HOH E 4 .   ? 1.974   -13.153 -7.800  1.00 22.68 ? 2150 HOH A O     1 
HETATM 1574 O O     . HOH E 4 .   ? -1.246  -12.336 -7.682  1.00 33.93 ? 2151 HOH A O     1 
HETATM 1575 O O     . HOH E 4 .   ? -4.938  -21.105 -1.087  1.00 24.27 ? 2152 HOH A O     1 
HETATM 1576 O O     . HOH E 4 .   ? -2.140  -25.076 -8.258  1.00 35.12 ? 2153 HOH A O     1 
HETATM 1577 O O     . HOH E 4 .   ? -6.399  -16.913 -8.738  1.00 35.93 ? 2154 HOH A O     1 
HETATM 1578 O O     . HOH E 4 .   ? -2.310  -18.261 -8.109  1.00 39.65 ? 2155 HOH A O     1 
HETATM 1579 O O     . HOH E 4 .   ? -7.429  -9.951  -9.062  1.00 33.54 ? 2156 HOH A O     1 
HETATM 1580 O O     . HOH E 4 .   ? -7.139  -17.580 0.002   1.00 29.99 ? 2157 HOH A O     1 
HETATM 1581 O O     . HOH E 4 .   ? -12.342 -8.848  -2.465  1.00 32.88 ? 2158 HOH A O     1 
HETATM 1582 O O     . HOH E 4 .   ? -10.326 -14.555 -0.492  1.00 31.68 ? 2159 HOH A O     1 
HETATM 1583 O O     . HOH E 4 .   ? -11.705 -10.567 1.096   1.00 41.94 ? 2160 HOH A O     1 
HETATM 1584 O O     . HOH E 4 .   ? -7.078  -6.552  -9.639  1.00 43.88 ? 2161 HOH A O     1 
HETATM 1585 O O     . HOH E 4 .   ? -2.924  -10.397 -8.481  1.00 32.19 ? 2162 HOH A O     1 
HETATM 1586 O O     . HOH E 4 .   ? 0.486   -7.847  -8.853  1.00 21.96 ? 2163 HOH A O     1 
HETATM 1587 O O     . HOH E 4 .   ? 4.022   -10.952 -6.949  1.00 21.32 ? 2164 HOH A O     1 
HETATM 1588 O O     . HOH E 4 .   ? 8.571   -12.505 -4.000  1.00 20.32 ? 2165 HOH A O     1 
HETATM 1589 O O     . HOH E 4 .   ? 7.089   -10.407 -5.101  1.00 9.26  ? 2166 HOH A O     1 
HETATM 1590 O O     . HOH E 4 .   ? 9.180   -15.446 -2.381  1.00 20.41 ? 2167 HOH A O     1 
HETATM 1591 O O     . HOH E 4 .   ? 19.305  -1.897  5.865   1.00 13.70 ? 2168 HOH A O     1 
HETATM 1592 O O     . HOH E 4 .   ? 12.905  -0.178  -3.444  1.00 12.50 ? 2169 HOH A O     1 
HETATM 1593 O O     . HOH E 4 .   ? 15.030  -8.746  0.122   1.00 8.16  ? 2170 HOH A O     1 
HETATM 1594 O O     . HOH E 4 .   ? 14.790  -11.897 -2.997  1.00 31.25 ? 2171 HOH A O     1 
HETATM 1595 O O     . HOH E 4 .   ? 12.339  -8.743  -6.650  1.00 31.85 ? 2172 HOH A O     1 
HETATM 1596 O O     . HOH E 4 .   ? 9.662   -9.856  -6.836  1.00 30.97 ? 2173 HOH A O     1 
HETATM 1597 O O     . HOH E 4 .   ? 13.508  -3.670  -5.735  1.00 15.44 ? 2174 HOH A O     1 
HETATM 1598 O O     . HOH E 4 .   ? 8.942   -6.968  -8.725  1.00 31.07 ? 2175 HOH A O     1 
HETATM 1599 O O     . HOH E 4 .   ? 13.001  4.305   -2.897  1.00 20.67 ? 2176 HOH A O     1 
HETATM 1600 O O     . HOH E 4 .   ? 10.190  5.472   -9.324  1.00 29.86 ? 2177 HOH A O     1 
HETATM 1601 O O     . HOH E 4 .   ? 11.517  8.542   -7.907  1.00 36.94 ? 2178 HOH A O     1 
HETATM 1602 O O     . HOH E 4 .   ? 11.394  -1.851  -6.259  1.00 13.28 ? 2179 HOH A O     1 
HETATM 1603 O O     . HOH E 4 .   ? 2.907   -7.280  -8.710  1.00 27.27 ? 2180 HOH A O     1 
HETATM 1604 O O     . HOH E 4 .   ? 0.391   -1.547  -11.955 1.00 10.57 ? 2181 HOH A O     1 
HETATM 1605 O O     . HOH E 4 .   ? 0.445   -4.483  -11.658 1.00 29.92 ? 2182 HOH A O     1 
HETATM 1606 O O     . HOH E 4 .   ? -2.194  -5.518  -12.273 1.00 33.11 ? 2183 HOH A O     1 
HETATM 1607 O O     . HOH E 4 .   ? -4.111  8.316   -17.152 1.00 20.84 ? 2184 HOH A O     1 
HETATM 1608 O O     . HOH E 4 .   ? -1.069  -1.277  -14.204 1.00 24.44 ? 2185 HOH A O     1 
HETATM 1609 O O     . HOH E 4 .   ? -0.675  3.540   -16.239 1.00 43.35 ? 2186 HOH A O     1 
HETATM 1610 O O     . HOH E 4 .   ? 0.913   2.160   -17.765 1.00 31.40 ? 2187 HOH A O     1 
HETATM 1611 O O     . HOH E 4 .   ? -11.307 9.422   -16.653 1.00 25.38 ? 2188 HOH A O     1 
HETATM 1612 O O     . HOH E 4 .   ? -2.341  5.062   -17.890 1.00 34.27 ? 2189 HOH A O     1 
HETATM 1613 O O     . HOH E 4 .   ? -14.218 4.232   -20.744 1.00 15.70 ? 2190 HOH A O     1 
HETATM 1614 O O     . HOH E 4 .   ? -14.301 1.258   -18.029 1.00 28.65 ? 2191 HOH A O     1 
HETATM 1615 O O     . HOH E 4 .   ? -14.803 7.744   -15.114 1.00 49.44 ? 2192 HOH A O     1 
HETATM 1616 O O     . HOH E 4 .   ? -12.515 8.283   -8.464  1.00 46.49 ? 2193 HOH A O     1 
HETATM 1617 O O     . HOH E 4 .   ? -12.511 15.015  -13.658 1.00 40.57 ? 2194 HOH A O     1 
HETATM 1618 O O     . HOH E 4 .   ? -7.781  10.477  -7.756  1.00 36.32 ? 2195 HOH A O     1 
HETATM 1619 O O     . HOH E 4 .   ? -5.935  12.400  -8.849  1.00 40.11 ? 2196 HOH A O     1 
HETATM 1620 O O     . HOH E 4 .   ? -15.983 13.355  -8.984  1.00 50.85 ? 2197 HOH A O     1 
HETATM 1621 O O     . HOH E 4 .   ? -11.777 13.412  -3.091  1.00 42.72 ? 2198 HOH A O     1 
HETATM 1622 O O     . HOH E 4 .   ? -9.100  12.744  -4.301  1.00 36.77 ? 2199 HOH A O     1 
HETATM 1623 O O     . HOH E 4 .   ? -8.955  4.649   -6.376  1.00 19.73 ? 2200 HOH A O     1 
HETATM 1624 O O     . HOH E 4 .   ? 2.617   0.077   15.286  1.00 13.18 ? 2201 HOH A O     1 
HETATM 1625 O O     . HOH E 4 .   ? 5.864   1.957   13.952  1.00 24.74 ? 2202 HOH A O     1 
HETATM 1626 O O     . HOH E 4 .   ? 13.528  -0.815  13.053  1.00 29.35 ? 2203 HOH A O     1 
HETATM 1627 O O     . HOH E 4 .   ? 10.830  -6.182  16.737  1.00 30.03 ? 2204 HOH A O     1 
HETATM 1628 O O     . HOH E 4 .   ? 10.012  1.906   12.997  1.00 24.47 ? 2205 HOH A O     1 
HETATM 1629 O O     . HOH E 4 .   ? -11.972 -5.414  11.831  1.00 17.26 ? 2206 HOH A O     1 
HETATM 1630 O O     . HOH E 4 .   ? -5.392  -4.523  14.658  1.00 23.75 ? 2207 HOH A O     1 
HETATM 1631 O O     . HOH E 4 .   ? -6.315  -16.971 5.930   1.00 28.69 ? 2208 HOH A O     1 
# 
